data_5DHB
# 
_entry.id   5DHB 
# 
_audit_conform.dict_name       mmcif_pdbx.dic 
_audit_conform.dict_version    5.387 
_audit_conform.dict_location   http://mmcif.pdb.org/dictionaries/ascii/mmcif_pdbx.dic 
# 
loop_
_database_2.database_id 
_database_2.database_code 
_database_2.pdbx_database_accession 
_database_2.pdbx_DOI 
PDB   5DHB         pdb_00005dhb 10.2210/pdb5dhb/pdb 
WWPDB D_1000213004 ?            ?                   
# 
loop_
_pdbx_audit_revision_history.ordinal 
_pdbx_audit_revision_history.data_content_type 
_pdbx_audit_revision_history.major_revision 
_pdbx_audit_revision_history.minor_revision 
_pdbx_audit_revision_history.revision_date 
1 'Structure model' 1 0 2016-12-07 
2 'Structure model' 1 1 2017-01-18 
3 'Structure model' 1 2 2024-03-06 
# 
_pdbx_audit_revision_details.ordinal             1 
_pdbx_audit_revision_details.revision_ordinal    1 
_pdbx_audit_revision_details.data_content_type   'Structure model' 
_pdbx_audit_revision_details.provider            repository 
_pdbx_audit_revision_details.type                'Initial release' 
_pdbx_audit_revision_details.description         ? 
_pdbx_audit_revision_details.details             ? 
# 
loop_
_pdbx_audit_revision_group.ordinal 
_pdbx_audit_revision_group.revision_ordinal 
_pdbx_audit_revision_group.data_content_type 
_pdbx_audit_revision_group.group 
1 2 'Structure model' 'Database references' 
2 3 'Structure model' 'Data collection'     
3 3 'Structure model' 'Database references' 
# 
loop_
_pdbx_audit_revision_category.ordinal 
_pdbx_audit_revision_category.revision_ordinal 
_pdbx_audit_revision_category.data_content_type 
_pdbx_audit_revision_category.category 
1 3 'Structure model' chem_comp_atom 
2 3 'Structure model' chem_comp_bond 
3 3 'Structure model' database_2     
# 
loop_
_pdbx_audit_revision_item.ordinal 
_pdbx_audit_revision_item.revision_ordinal 
_pdbx_audit_revision_item.data_content_type 
_pdbx_audit_revision_item.item 
1 3 'Structure model' '_database_2.pdbx_DOI'                
2 3 'Structure model' '_database_2.pdbx_database_accession' 
# 
_pdbx_database_status.status_code                     REL 
_pdbx_database_status.status_code_sf                  REL 
_pdbx_database_status.status_code_mr                  ? 
_pdbx_database_status.entry_id                        5DHB 
_pdbx_database_status.recvd_initial_deposition_date   2015-08-30 
_pdbx_database_status.SG_entry                        N 
_pdbx_database_status.deposit_site                    RCSB 
_pdbx_database_status.process_site                    RCSB 
_pdbx_database_status.status_code_cs                  ? 
_pdbx_database_status.methods_development_category    ? 
_pdbx_database_status.pdb_format_compatible           Y 
_pdbx_database_status.status_code_nmr_data            ? 
# 
loop_
_pdbx_database_related.content_type 
_pdbx_database_related.db_id 
_pdbx_database_related.db_name 
_pdbx_database_related.details 
unspecified 5DHC PDB . 
unspecified 5HBW PDB . 
unspecified 5HBX PDB . 
unspecified 5HBY PDB . 
unspecified 5KRG PDB . 
unspecified 5L00 PDB . 
# 
loop_
_audit_author.name 
_audit_author.pdbx_ordinal 
'Zhang, W.'        1 
'Fahrenbach, A.C.' 2 
'Tam, C.P.'        3 
'Szostak, J.W.'    4 
# 
_citation.abstract                  ? 
_citation.abstract_id_CAS           ? 
_citation.book_id_ISBN              ? 
_citation.book_publisher            ? 
_citation.book_publisher_city       ? 
_citation.book_title                ? 
_citation.coordinate_linkage        ? 
_citation.country                   US 
_citation.database_id_Medline       ? 
_citation.details                   ? 
_citation.id                        primary 
_citation.journal_abbrev            'ACS Cent Sci' 
_citation.journal_id_ASTM           ? 
_citation.journal_id_CSD            ? 
_citation.journal_id_ISSN           2374-7943 
_citation.journal_full              ? 
_citation.journal_issue             ? 
_citation.journal_volume            2 
_citation.language                  ? 
_citation.page_first                916 
_citation.page_last                 926 
_citation.title                     'Unusual Base-Pairing Interactions in Monomer-Template Complexes.' 
_citation.year                      2016 
_citation.database_id_CSD           ? 
_citation.pdbx_database_id_DOI      10.1021/acscentsci.6b00278 
_citation.pdbx_database_id_PubMed   28058281 
_citation.unpublished_flag          ? 
# 
loop_
_citation_author.citation_id 
_citation_author.name 
_citation_author.ordinal 
_citation_author.identifier_ORCID 
primary 'Zhang, W.'     1 ? 
primary 'Tam, C.P.'     2 ? 
primary 'Wang, J.'      3 ? 
primary 'Szostak, J.W.' 4 ? 
# 
loop_
_entity.id 
_entity.type 
_entity.src_method 
_entity.pdbx_description 
_entity.formula_weight 
_entity.pdbx_number_of_molecules 
_entity.pdbx_ec 
_entity.pdbx_mutation 
_entity.pdbx_fragment 
_entity.details 
1 polymer     syn 
;RNA (5'-R(*(LCC)P*(TLN)P*(LCG)P*UP*AP*CP*A)-3')
;
2245.440 4  ? ? ? ? 
2 non-polymer syn "GUANOSINE-5'-MONOPHOSPHATE"                      363.221  4  ? ? ? ? 
3 water       nat water                                             18.015   81 ? ? ? ? 
# 
_entity_poly.entity_id                      1 
_entity_poly.type                           polyribonucleotide 
_entity_poly.nstd_linkage                   no 
_entity_poly.nstd_monomer                   yes 
_entity_poly.pdbx_seq_one_letter_code       '(LCC)(TLN)(LCG)UACA' 
_entity_poly.pdbx_seq_one_letter_code_can   NUGUACA 
_entity_poly.pdbx_strand_id                 A,B,C,D 
_entity_poly.pdbx_target_identifier         ? 
# 
loop_
_pdbx_entity_nonpoly.entity_id 
_pdbx_entity_nonpoly.name 
_pdbx_entity_nonpoly.comp_id 
2 "GUANOSINE-5'-MONOPHOSPHATE" 5GP 
3 water                        HOH 
# 
loop_
_entity_poly_seq.entity_id 
_entity_poly_seq.num 
_entity_poly_seq.mon_id 
_entity_poly_seq.hetero 
1 1 LCC n 
1 2 TLN n 
1 3 LCG n 
1 4 U   n 
1 5 A   n 
1 6 C   n 
1 7 A   n 
# 
_pdbx_entity_src_syn.entity_id              1 
_pdbx_entity_src_syn.pdbx_src_id            1 
_pdbx_entity_src_syn.pdbx_alt_source_flag   sample 
_pdbx_entity_src_syn.pdbx_beg_seq_num       1 
_pdbx_entity_src_syn.pdbx_end_seq_num       7 
_pdbx_entity_src_syn.organism_scientific    'synthetic construct' 
_pdbx_entity_src_syn.organism_common_name   ? 
_pdbx_entity_src_syn.ncbi_taxonomy_id       32630 
_pdbx_entity_src_syn.details                ? 
# 
loop_
_chem_comp.id 
_chem_comp.type 
_chem_comp.mon_nstd_flag 
_chem_comp.name 
_chem_comp.pdbx_synonyms 
_chem_comp.formula 
_chem_comp.formula_weight 
5GP non-polymer   . "GUANOSINE-5'-MONOPHOSPHATE" ? 'C10 H14 N5 O8 P' 363.221 
A   'RNA linking' y "ADENOSINE-5'-MONOPHOSPHATE" ? 'C10 H14 N5 O7 P' 347.221 
C   'RNA linking' y "CYTIDINE-5'-MONOPHOSPHATE" ? 'C9 H14 N3 O8 P'  323.197 
HOH non-polymer   . WATER ? 'H2 O'            18.015  
LCC 'RNA linking' . 
'[(1R,3R,4R,7S)-7-HYDROXY-3-(5-METHYLCYTOSIN-1-YL)-2,5-DIOXABICYCLO[2.2.1]HEPT-1-YL]METHYL DIHYDROGEN PHOSPHATE' ? 
'C11 H16 N3 O8 P' 349.234 
LCG 'RNA linking' n '[(1R,3R,4R,7S)-7-HYDROXY-3-(GUANIN-9-YL)-2,5-DIOXABICYCLO[2.2.1]HEPT-1-YL]METHYL DIHYDROGEN PHOSPHATE' ? 
'C11 H14 N5 O8 P' 375.231 
TLN 'RNA linking' n '[(1R,3R,4R,7S)-7-HYDROXY-3-(THYMIN-1-YL)-2,5-DIOXABICYCLO[2.2.1]HEPT-1-YL]METHYL DIHYDROGEN PHOSPHATE' ? 
'C11 H15 N2 O9 P' 350.219 
U   'RNA linking' y "URIDINE-5'-MONOPHOSPHATE" ? 'C9 H13 N2 O9 P'  324.181 
# 
loop_
_pdbx_poly_seq_scheme.asym_id 
_pdbx_poly_seq_scheme.entity_id 
_pdbx_poly_seq_scheme.seq_id 
_pdbx_poly_seq_scheme.mon_id 
_pdbx_poly_seq_scheme.ndb_seq_num 
_pdbx_poly_seq_scheme.pdb_seq_num 
_pdbx_poly_seq_scheme.auth_seq_num 
_pdbx_poly_seq_scheme.pdb_mon_id 
_pdbx_poly_seq_scheme.auth_mon_id 
_pdbx_poly_seq_scheme.pdb_strand_id 
_pdbx_poly_seq_scheme.pdb_ins_code 
_pdbx_poly_seq_scheme.hetero 
A 1 1 LCC 1 1 1 LCC LCC A . n 
A 1 2 TLN 2 2 2 TLN TLN A . n 
A 1 3 LCG 3 3 3 LCG LCG A . n 
A 1 4 U   4 4 4 U   U   A . n 
A 1 5 A   5 5 5 A   A   A . n 
A 1 6 C   6 6 6 C   C   A . n 
A 1 7 A   7 7 7 A   A   A . n 
B 1 1 LCC 1 1 1 LCC LCC B . n 
B 1 2 TLN 2 2 2 TLN TLN B . n 
B 1 3 LCG 3 3 3 LCG LCG B . n 
B 1 4 U   4 4 4 U   U   B . n 
B 1 5 A   5 5 5 A   A   B . n 
B 1 6 C   6 6 6 C   C   B . n 
B 1 7 A   7 7 7 A   A   B . n 
C 1 1 LCC 1 1 1 LCC LCC C . n 
C 1 2 TLN 2 2 2 TLN TLN C . n 
C 1 3 LCG 3 3 3 LCG LCG C . n 
C 1 4 U   4 4 4 U   U   C . n 
C 1 5 A   5 5 5 A   A   C . n 
C 1 6 C   6 6 6 C   C   C . n 
C 1 7 A   7 7 7 A   A   C . n 
D 1 1 LCC 1 1 1 LCC LCC D . n 
D 1 2 TLN 2 2 2 TLN TLN D . n 
D 1 3 LCG 3 3 3 LCG LCG D . n 
D 1 4 U   4 4 4 U   U   D . n 
D 1 5 A   5 5 5 A   A   D . n 
D 1 6 C   6 6 6 C   C   D . n 
D 1 7 A   7 7 7 A   A   D . n 
# 
loop_
_pdbx_nonpoly_scheme.asym_id 
_pdbx_nonpoly_scheme.entity_id 
_pdbx_nonpoly_scheme.mon_id 
_pdbx_nonpoly_scheme.ndb_seq_num 
_pdbx_nonpoly_scheme.pdb_seq_num 
_pdbx_nonpoly_scheme.auth_seq_num 
_pdbx_nonpoly_scheme.pdb_mon_id 
_pdbx_nonpoly_scheme.auth_mon_id 
_pdbx_nonpoly_scheme.pdb_strand_id 
_pdbx_nonpoly_scheme.pdb_ins_code 
E 2 5GP 1  101 101 5GP 5GP A . 
F 2 5GP 1  101 101 5GP 5GP B . 
G 2 5GP 1  101 101 5GP 5GP C . 
H 2 5GP 1  101 101 5GP 5GP D . 
I 3 HOH 1  201 201 HOH HOH A . 
I 3 HOH 2  202 202 HOH HOH A . 
I 3 HOH 3  203 203 HOH HOH A . 
I 3 HOH 4  204 204 HOH HOH A . 
I 3 HOH 5  205 205 HOH HOH A . 
I 3 HOH 6  206 206 HOH HOH A . 
I 3 HOH 7  207 207 HOH HOH A . 
I 3 HOH 8  208 208 HOH HOH A . 
I 3 HOH 9  209 209 HOH HOH A . 
I 3 HOH 10 210 210 HOH HOH A . 
I 3 HOH 11 211 211 HOH HOH A . 
I 3 HOH 12 212 212 HOH HOH A . 
I 3 HOH 13 213 213 HOH HOH A . 
I 3 HOH 14 214 214 HOH HOH A . 
I 3 HOH 15 215 215 HOH HOH A . 
I 3 HOH 16 216 216 HOH HOH A . 
I 3 HOH 17 217 217 HOH HOH A . 
I 3 HOH 18 218 218 HOH HOH A . 
I 3 HOH 19 219 219 HOH HOH A . 
I 3 HOH 20 220 220 HOH HOH A . 
I 3 HOH 21 221 221 HOH HOH A . 
I 3 HOH 22 222 222 HOH HOH A . 
I 3 HOH 23 223 223 HOH HOH A . 
J 3 HOH 1  201 201 HOH HOH B . 
J 3 HOH 2  202 202 HOH HOH B . 
J 3 HOH 3  203 203 HOH HOH B . 
J 3 HOH 4  204 204 HOH HOH B . 
J 3 HOH 5  205 205 HOH HOH B . 
J 3 HOH 6  206 206 HOH HOH B . 
J 3 HOH 7  207 207 HOH HOH B . 
J 3 HOH 8  208 208 HOH HOH B . 
J 3 HOH 9  209 209 HOH HOH B . 
J 3 HOH 10 210 210 HOH HOH B . 
J 3 HOH 11 211 211 HOH HOH B . 
J 3 HOH 12 212 212 HOH HOH B . 
J 3 HOH 13 213 213 HOH HOH B . 
J 3 HOH 14 214 214 HOH HOH B . 
J 3 HOH 15 215 215 HOH HOH B . 
J 3 HOH 16 216 216 HOH HOH B . 
J 3 HOH 17 217 217 HOH HOH B . 
J 3 HOH 18 218 218 HOH HOH B . 
K 3 HOH 1  201 201 HOH HOH C . 
K 3 HOH 2  202 202 HOH HOH C . 
K 3 HOH 3  203 203 HOH HOH C . 
K 3 HOH 4  204 204 HOH HOH C . 
K 3 HOH 5  205 205 HOH HOH C . 
K 3 HOH 6  206 206 HOH HOH C . 
K 3 HOH 7  207 207 HOH HOH C . 
K 3 HOH 8  208 208 HOH HOH C . 
K 3 HOH 9  209 209 HOH HOH C . 
K 3 HOH 10 210 210 HOH HOH C . 
K 3 HOH 11 211 211 HOH HOH C . 
K 3 HOH 12 212 212 HOH HOH C . 
K 3 HOH 13 213 213 HOH HOH C . 
K 3 HOH 14 214 214 HOH HOH C . 
K 3 HOH 15 215 215 HOH HOH C . 
K 3 HOH 16 216 216 HOH HOH C . 
K 3 HOH 17 217 217 HOH HOH C . 
K 3 HOH 18 218 218 HOH HOH C . 
L 3 HOH 1  201 201 HOH HOH D . 
L 3 HOH 2  202 202 HOH HOH D . 
L 3 HOH 3  203 203 HOH HOH D . 
L 3 HOH 4  204 204 HOH HOH D . 
L 3 HOH 5  205 205 HOH HOH D . 
L 3 HOH 6  206 206 HOH HOH D . 
L 3 HOH 7  207 207 HOH HOH D . 
L 3 HOH 8  208 208 HOH HOH D . 
L 3 HOH 9  209 209 HOH HOH D . 
L 3 HOH 10 210 210 HOH HOH D . 
L 3 HOH 11 211 211 HOH HOH D . 
L 3 HOH 12 212 212 HOH HOH D . 
L 3 HOH 13 213 213 HOH HOH D . 
L 3 HOH 14 214 214 HOH HOH D . 
L 3 HOH 15 215 215 HOH HOH D . 
L 3 HOH 16 216 216 HOH HOH D . 
L 3 HOH 17 217 217 HOH HOH D . 
L 3 HOH 18 218 218 HOH HOH D . 
L 3 HOH 19 219 219 HOH HOH D . 
L 3 HOH 20 220 220 HOH HOH D . 
L 3 HOH 21 221 221 HOH HOH D . 
L 3 HOH 22 222 222 HOH HOH D . 
# 
loop_
_software.citation_id 
_software.classification 
_software.compiler_name 
_software.compiler_version 
_software.contact_author 
_software.contact_author_email 
_software.date 
_software.description 
_software.dependencies 
_software.hardware 
_software.language 
_software.location 
_software.mods 
_software.name 
_software.os 
_software.os_version 
_software.type 
_software.version 
_software.pdbx_ordinal 
? refinement       ? ? ? ? ? ? ? ? ? ? ? REFMAC   ? ? ? 5.8.0069 1 
? 'data reduction' ? ? ? ? ? ? ? ? ? ? ? HKL-2000 ? ? ? .        2 
? 'data scaling'   ? ? ? ? ? ? ? ? ? ? ? HKL-2000 ? ? ? .        3 
? phasing          ? ? ? ? ? ? ? ? ? ? ? PHASER   ? ? ? .        4 
# 
_cell.entry_id           5DHB 
_cell.length_a           51.248 
_cell.length_b           51.248 
_cell.length_c           38.764 
_cell.angle_alpha        90.00 
_cell.angle_beta         90.00 
_cell.angle_gamma        120.00 
_cell.Z_PDB              12 
_cell.pdbx_unique_axis   ? 
# 
_symmetry.entry_id                         5DHB 
_symmetry.space_group_name_H-M             'P 3' 
_symmetry.pdbx_full_space_group_name_H-M   ? 
_symmetry.cell_setting                     ? 
_symmetry.Int_Tables_number                143 
# 
_exptl.absorpt_coefficient_mu     ? 
_exptl.absorpt_correction_T_max   ? 
_exptl.absorpt_correction_T_min   ? 
_exptl.absorpt_correction_type    ? 
_exptl.absorpt_process_details    ? 
_exptl.entry_id                   5DHB 
_exptl.crystals_number            ? 
_exptl.details                    ? 
_exptl.method                     'X-RAY DIFFRACTION' 
_exptl.method_details             ? 
# 
_exptl_crystal.colour                      ? 
_exptl_crystal.density_diffrn              ? 
_exptl_crystal.density_Matthews            3.27 
_exptl_crystal.density_method              ? 
_exptl_crystal.density_percent_sol         56.63 
_exptl_crystal.description                 ? 
_exptl_crystal.F_000                       ? 
_exptl_crystal.id                          1 
_exptl_crystal.preparation                 ? 
_exptl_crystal.size_max                    ? 
_exptl_crystal.size_mid                    ? 
_exptl_crystal.size_min                    ? 
_exptl_crystal.size_rad                    ? 
_exptl_crystal.colour_lustre               ? 
_exptl_crystal.colour_modifier             ? 
_exptl_crystal.colour_primary              ? 
_exptl_crystal.density_meas                ? 
_exptl_crystal.density_meas_esd            ? 
_exptl_crystal.density_meas_gt             ? 
_exptl_crystal.density_meas_lt             ? 
_exptl_crystal.density_meas_temp           ? 
_exptl_crystal.density_meas_temp_esd       ? 
_exptl_crystal.density_meas_temp_gt        ? 
_exptl_crystal.density_meas_temp_lt        ? 
_exptl_crystal.pdbx_crystal_image_url      ? 
_exptl_crystal.pdbx_crystal_image_format   ? 
_exptl_crystal.pdbx_mosaicity              ? 
_exptl_crystal.pdbx_mosaicity_esd          ? 
# 
_exptl_crystal_grow.apparatus       ? 
_exptl_crystal_grow.atmosphere      ? 
_exptl_crystal_grow.crystal_id      1 
_exptl_crystal_grow.details         ? 
_exptl_crystal_grow.method          'VAPOR DIFFUSION, SITTING DROP' 
_exptl_crystal_grow.method_ref      ? 
_exptl_crystal_grow.pH              7.5 
_exptl_crystal_grow.pressure        ? 
_exptl_crystal_grow.pressure_esd    ? 
_exptl_crystal_grow.seeding         ? 
_exptl_crystal_grow.seeding_ref     ? 
_exptl_crystal_grow.temp            291 
_exptl_crystal_grow.temp_details    ? 
_exptl_crystal_grow.temp_esd        ? 
_exptl_crystal_grow.time            ? 
_exptl_crystal_grow.pdbx_details    'Magnesium chloride hexahydrate, 30% v/v Polyethylene glycol monomethyl ether 550' 
_exptl_crystal_grow.pdbx_pH_range   ? 
# 
_diffrn.ambient_environment    ? 
_diffrn.ambient_temp           99 
_diffrn.ambient_temp_details   ? 
_diffrn.ambient_temp_esd       ? 
_diffrn.crystal_id             1 
_diffrn.crystal_support        ? 
_diffrn.crystal_treatment      ? 
_diffrn.details                ? 
_diffrn.id                     1 
_diffrn.ambient_pressure       ? 
_diffrn.ambient_pressure_esd   ? 
_diffrn.ambient_pressure_gt    ? 
_diffrn.ambient_pressure_lt    ? 
_diffrn.ambient_temp_gt        ? 
_diffrn.ambient_temp_lt        ? 
# 
_diffrn_detector.details                      ? 
_diffrn_detector.detector                     CCD 
_diffrn_detector.diffrn_id                    1 
_diffrn_detector.type                         'MAR CCD 130 mm' 
_diffrn_detector.area_resol_mean              ? 
_diffrn_detector.dtime                        ? 
_diffrn_detector.pdbx_frames_total            ? 
_diffrn_detector.pdbx_collection_time_total   ? 
_diffrn_detector.pdbx_collection_date         2014-10-18 
# 
_diffrn_radiation.collimation                      ? 
_diffrn_radiation.diffrn_id                        1 
_diffrn_radiation.filter_edge                      ? 
_diffrn_radiation.inhomogeneity                    ? 
_diffrn_radiation.monochromator                    ? 
_diffrn_radiation.polarisn_norm                    ? 
_diffrn_radiation.polarisn_ratio                   ? 
_diffrn_radiation.probe                            ? 
_diffrn_radiation.type                             ? 
_diffrn_radiation.xray_symbol                      ? 
_diffrn_radiation.wavelength_id                    1 
_diffrn_radiation.pdbx_monochromatic_or_laue_m_l   M 
_diffrn_radiation.pdbx_wavelength_list             ? 
_diffrn_radiation.pdbx_wavelength                  ? 
_diffrn_radiation.pdbx_diffrn_protocol             'SINGLE WAVELENGTH' 
_diffrn_radiation.pdbx_analyzer                    ? 
_diffrn_radiation.pdbx_scattering_type             x-ray 
# 
_diffrn_radiation_wavelength.id           1 
_diffrn_radiation_wavelength.wavelength   0.9795 
_diffrn_radiation_wavelength.wt           1.0 
# 
_diffrn_source.current                     ? 
_diffrn_source.details                     ? 
_diffrn_source.diffrn_id                   1 
_diffrn_source.power                       ? 
_diffrn_source.size                        ? 
_diffrn_source.source                      SYNCHROTRON 
_diffrn_source.target                      ? 
_diffrn_source.type                        'ALS BEAMLINE 8.2.1' 
_diffrn_source.voltage                     ? 
_diffrn_source.take-off_angle              ? 
_diffrn_source.pdbx_wavelength_list        0.9795 
_diffrn_source.pdbx_wavelength             ? 
_diffrn_source.pdbx_synchrotron_beamline   8.2.1 
_diffrn_source.pdbx_synchrotron_site       ALS 
# 
_reflns.pdbx_diffrn_id               1 
_reflns.pdbx_ordinal                 1 
_reflns.entry_id                     5DHB 
_reflns.observed_criterion_sigma_I   ? 
_reflns.observed_criterion_sigma_F   ? 
_reflns.d_resolution_low             44.380 
_reflns.d_resolution_high            1.800 
_reflns.number_obs                   10344 
_reflns.number_all                   ? 
_reflns.percent_possible_obs         98.3 
_reflns.pdbx_Rmerge_I_obs            0.079 
_reflns.pdbx_Rsym_value              ? 
_reflns.pdbx_netI_over_sigmaI        29.9500 
_reflns.B_iso_Wilson_estimate        ? 
_reflns.pdbx_redundancy              10.70 
# 
_reflns_shell.pdbx_diffrn_id         1 
_reflns_shell.pdbx_ordinal           1 
_reflns_shell.d_res_high             1.80 
_reflns_shell.d_res_low              1.86 
_reflns_shell.percent_possible_all   94.3 
_reflns_shell.Rmerge_I_obs           0.587 
_reflns_shell.pdbx_Rsym_value        ? 
_reflns_shell.meanI_over_sigI_obs    2.13 
_reflns_shell.pdbx_redundancy        6.4 
_reflns_shell.number_measured_obs    ? 
_reflns_shell.number_unique_all      ? 
# 
_refine.pdbx_refine_id                           'X-RAY DIFFRACTION' 
_refine.entry_id                                 5DHB 
_refine.pdbx_diffrn_id                           1 
_refine.pdbx_TLS_residual_ADP_flag               ? 
_refine.ls_number_reflns_obs                     9719 
_refine.ls_number_reflns_all                     ? 
_refine.pdbx_ls_sigma_I                          ? 
_refine.pdbx_ls_sigma_F                          ? 
_refine.pdbx_data_cutoff_high_absF               ? 
_refine.pdbx_data_cutoff_low_absF                ? 
_refine.pdbx_data_cutoff_high_rms_absF           ? 
_refine.ls_d_res_low                             44.38 
_refine.ls_d_res_high                            1.80 
_refine.ls_percent_reflns_obs                    98.1 
_refine.ls_R_factor_obs                          0.188 
_refine.ls_R_factor_all                          ? 
_refine.ls_R_factor_R_work                       0.187 
_refine.ls_R_factor_R_free                       0.192 
_refine.ls_R_factor_R_free_error                 ? 
_refine.ls_R_factor_R_free_error_details         ? 
_refine.ls_percent_reflns_R_free                 6.000 
_refine.ls_number_reflns_R_free                  621 
_refine.ls_number_parameters                     ? 
_refine.ls_number_restraints                     ? 
_refine.occupancy_min                            ? 
_refine.occupancy_max                            ? 
_refine.correlation_coeff_Fo_to_Fc               0.970 
_refine.correlation_coeff_Fo_to_Fc_free          0.974 
_refine.B_iso_mean                               31.38 
_refine.aniso_B[1][1]                            0.00000 
_refine.aniso_B[2][2]                            0.00000 
_refine.aniso_B[3][3]                            0.01000 
_refine.aniso_B[1][2]                            0.00000 
_refine.aniso_B[1][3]                            0.00000 
_refine.aniso_B[2][3]                            0.00000 
_refine.solvent_model_details                    MASK 
_refine.solvent_model_param_ksol                 ? 
_refine.solvent_model_param_bsol                 ? 
_refine.pdbx_solvent_vdw_probe_radii             1.20 
_refine.pdbx_solvent_ion_probe_radii             0.80 
_refine.pdbx_solvent_shrinkage_radii             0.80 
_refine.pdbx_ls_cross_valid_method               THROUGHOUT 
_refine.details                                  
;HYDROGENS HAVE BEEN ADDED IN THE RIDING
 POSITIONS
;
_refine.pdbx_starting_model                      ? 
_refine.pdbx_method_to_determine_struct          ? 
_refine.pdbx_isotropic_thermal_model             ? 
_refine.pdbx_stereochemistry_target_values       'MAXIMUM LIKELIHOOD' 
_refine.pdbx_stereochem_target_val_spec_case     ? 
_refine.pdbx_R_Free_selection_details            RANDOM 
_refine.pdbx_overall_ESU_R                       0.118 
_refine.pdbx_overall_ESU_R_Free                  0.100 
_refine.overall_SU_ML                            0.084 
_refine.pdbx_overall_phase_error                 ? 
_refine.overall_SU_B                             2.940 
_refine.overall_SU_R_Cruickshank_DPI             ? 
_refine.pdbx_overall_SU_R_free_Cruickshank_DPI   ? 
_refine.pdbx_overall_SU_R_Blow_DPI               ? 
_refine.pdbx_overall_SU_R_free_Blow_DPI          ? 
# 
_refine_hist.pdbx_refine_id                   'X-RAY DIFFRACTION' 
_refine_hist.cycle_id                         LAST 
_refine_hist.pdbx_number_atoms_protein        0 
_refine_hist.pdbx_number_atoms_nucleic_acid   596 
_refine_hist.pdbx_number_atoms_ligand         96 
_refine_hist.number_atoms_solvent             81 
_refine_hist.number_atoms_total               773 
_refine_hist.d_res_high                       1.80 
_refine_hist.d_res_low                        44.38 
# 
loop_
_refine_ls_restr.type 
_refine_ls_restr.dev_ideal 
_refine_ls_restr.dev_ideal_target 
_refine_ls_restr.weight 
_refine_ls_restr.number 
_refine_ls_restr.pdbx_refine_id 
_refine_ls_restr.pdbx_restraint_function 
r_bond_refined_d             0.025 0.018  ? 764  'X-RAY DIFFRACTION' ? 
r_bond_other_d               0.038 0.023  ? 344  'X-RAY DIFFRACTION' ? 
r_angle_refined_deg          3.362 2.210  ? 1176 'X-RAY DIFFRACTION' ? 
r_angle_other_deg            4.143 3.259  ? 828  'X-RAY DIFFRACTION' ? 
r_dihedral_angle_1_deg       ?     ?      ? ?    'X-RAY DIFFRACTION' ? 
r_dihedral_angle_2_deg       ?     ?      ? ?    'X-RAY DIFFRACTION' ? 
r_dihedral_angle_3_deg       ?     ?      ? ?    'X-RAY DIFFRACTION' ? 
r_dihedral_angle_4_deg       ?     ?      ? ?    'X-RAY DIFFRACTION' ? 
r_chiral_restr               0.157 0.200  ? 136  'X-RAY DIFFRACTION' ? 
r_gen_planes_refined         0.019 0.021  ? 384  'X-RAY DIFFRACTION' ? 
r_gen_planes_other           0.002 0.022  ? 136  'X-RAY DIFFRACTION' ? 
r_nbd_refined                ?     ?      ? ?    'X-RAY DIFFRACTION' ? 
r_nbd_other                  ?     ?      ? ?    'X-RAY DIFFRACTION' ? 
r_nbtor_refined              ?     ?      ? ?    'X-RAY DIFFRACTION' ? 
r_nbtor_other                ?     ?      ? ?    'X-RAY DIFFRACTION' ? 
r_xyhbond_nbd_refined        ?     ?      ? ?    'X-RAY DIFFRACTION' ? 
r_xyhbond_nbd_other          ?     ?      ? ?    'X-RAY DIFFRACTION' ? 
r_metal_ion_refined          ?     ?      ? ?    'X-RAY DIFFRACTION' ? 
r_metal_ion_other            ?     ?      ? ?    'X-RAY DIFFRACTION' ? 
r_symmetry_vdw_refined       ?     ?      ? ?    'X-RAY DIFFRACTION' ? 
r_symmetry_vdw_other         ?     ?      ? ?    'X-RAY DIFFRACTION' ? 
r_symmetry_hbond_refined     ?     ?      ? ?    'X-RAY DIFFRACTION' ? 
r_symmetry_hbond_other       ?     ?      ? ?    'X-RAY DIFFRACTION' ? 
r_symmetry_metal_ion_refined ?     ?      ? ?    'X-RAY DIFFRACTION' ? 
r_symmetry_metal_ion_other   ?     ?      ? ?    'X-RAY DIFFRACTION' ? 
r_mcbond_it                  ?     ?      ? ?    'X-RAY DIFFRACTION' ? 
r_mcbond_other               ?     ?      ? ?    'X-RAY DIFFRACTION' ? 
r_mcangle_it                 ?     ?      ? ?    'X-RAY DIFFRACTION' ? 
r_mcangle_other              ?     ?      ? ?    'X-RAY DIFFRACTION' ? 
r_scbond_it                  2.894 3.344  ? 764  'X-RAY DIFFRACTION' ? 
r_scbond_other               2.893 3.344  ? 765  'X-RAY DIFFRACTION' ? 
r_scangle_it                 ?     ?      ? ?    'X-RAY DIFFRACTION' ? 
r_scangle_other              3.954 5.013  ? 1177 'X-RAY DIFFRACTION' ? 
r_long_range_B_refined       4.584 33.061 ? 1238 'X-RAY DIFFRACTION' ? 
r_long_range_B_other         4.498 33.055 ? 1226 'X-RAY DIFFRACTION' ? 
r_rigid_bond_restr           ?     ?      ? ?    'X-RAY DIFFRACTION' ? 
r_sphericity_free            ?     ?      ? ?    'X-RAY DIFFRACTION' ? 
r_sphericity_bonded          ?     ?      ? ?    'X-RAY DIFFRACTION' ? 
# 
_refine_ls_shell.pdbx_refine_id                   'X-RAY DIFFRACTION' 
_refine_ls_shell.pdbx_total_number_of_bins_used   20 
_refine_ls_shell.d_res_high                       1.80 
_refine_ls_shell.d_res_low                        1.85 
_refine_ls_shell.number_reflns_R_work             656 
_refine_ls_shell.R_factor_R_work                  0.3240 
_refine_ls_shell.percent_reflns_obs               89.63 
_refine_ls_shell.R_factor_R_free                  0.3410 
_refine_ls_shell.R_factor_R_free_error            ? 
_refine_ls_shell.percent_reflns_R_free            ? 
_refine_ls_shell.number_reflns_R_free             53 
_refine_ls_shell.number_reflns_all                ? 
_refine_ls_shell.R_factor_all                     ? 
_refine_ls_shell.R_factor_obs                     ? 
_refine_ls_shell.number_reflns_obs                ? 
# 
_struct.entry_id                     5DHB 
_struct.title                        'Cooperativity and Downstream Binding in RNA Replication' 
_struct.pdbx_model_details           ? 
_struct.pdbx_formula_weight          ? 
_struct.pdbx_formula_weight_method   ? 
_struct.pdbx_model_type_details      ? 
_struct.pdbx_CASP_flag               ? 
# 
_struct_keywords.entry_id        5DHB 
_struct_keywords.text            'RNA, cooperativity, monomer' 
_struct_keywords.pdbx_keywords   RNA 
# 
loop_
_struct_asym.id 
_struct_asym.pdbx_blank_PDB_chainid_flag 
_struct_asym.pdbx_modified 
_struct_asym.entity_id 
_struct_asym.details 
A N N 1 ? 
B N N 1 ? 
C N N 1 ? 
D N N 1 ? 
E N N 2 ? 
F N N 2 ? 
G N N 2 ? 
H N N 2 ? 
I N N 3 ? 
J N N 3 ? 
K N N 3 ? 
L N N 3 ? 
# 
_struct_ref.id                         1 
_struct_ref.db_name                    PDB 
_struct_ref.db_code                    5DHB 
_struct_ref.pdbx_db_accession          5DHB 
_struct_ref.pdbx_db_isoform            ? 
_struct_ref.entity_id                  1 
_struct_ref.pdbx_seq_one_letter_code   ? 
_struct_ref.pdbx_align_begin           1 
# 
loop_
_struct_ref_seq.align_id 
_struct_ref_seq.ref_id 
_struct_ref_seq.pdbx_PDB_id_code 
_struct_ref_seq.pdbx_strand_id 
_struct_ref_seq.seq_align_beg 
_struct_ref_seq.pdbx_seq_align_beg_ins_code 
_struct_ref_seq.seq_align_end 
_struct_ref_seq.pdbx_seq_align_end_ins_code 
_struct_ref_seq.pdbx_db_accession 
_struct_ref_seq.db_align_beg 
_struct_ref_seq.pdbx_db_align_beg_ins_code 
_struct_ref_seq.db_align_end 
_struct_ref_seq.pdbx_db_align_end_ins_code 
_struct_ref_seq.pdbx_auth_seq_align_beg 
_struct_ref_seq.pdbx_auth_seq_align_end 
1 1 5DHB A 1 ? 7 ? 5DHB 1 ? 7 ? 1 7 
2 1 5DHB B 1 ? 7 ? 5DHB 1 ? 7 ? 1 7 
3 1 5DHB C 1 ? 7 ? 5DHB 1 ? 7 ? 1 7 
4 1 5DHB D 1 ? 7 ? 5DHB 1 ? 7 ? 1 7 
# 
_pdbx_struct_assembly.id                   1 
_pdbx_struct_assembly.details              author_and_software_defined_assembly 
_pdbx_struct_assembly.method_details       PISA 
_pdbx_struct_assembly.oligomeric_details   tetrameric 
_pdbx_struct_assembly.oligomeric_count     4 
# 
loop_
_pdbx_struct_assembly_prop.biol_id 
_pdbx_struct_assembly_prop.type 
_pdbx_struct_assembly_prop.value 
_pdbx_struct_assembly_prop.details 
1 'ABSA (A^2)' 6690 ? 
1 MORE         48   ? 
1 'SSA (A^2)'  5060 ? 
# 
_pdbx_struct_assembly_gen.assembly_id       1 
_pdbx_struct_assembly_gen.oper_expression   1 
_pdbx_struct_assembly_gen.asym_id_list      A,B,C,D,E,F,G,H,I,J,K,L 
# 
_pdbx_struct_oper_list.id                   1 
_pdbx_struct_oper_list.type                 'identity operation' 
_pdbx_struct_oper_list.name                 1_555 
_pdbx_struct_oper_list.symmetry_operation   x,y,z 
_pdbx_struct_oper_list.matrix[1][1]         1.0000000000 
_pdbx_struct_oper_list.matrix[1][2]         0.0000000000 
_pdbx_struct_oper_list.matrix[1][3]         0.0000000000 
_pdbx_struct_oper_list.vector[1]            0.0000000000 
_pdbx_struct_oper_list.matrix[2][1]         0.0000000000 
_pdbx_struct_oper_list.matrix[2][2]         1.0000000000 
_pdbx_struct_oper_list.matrix[2][3]         0.0000000000 
_pdbx_struct_oper_list.vector[2]            0.0000000000 
_pdbx_struct_oper_list.matrix[3][1]         0.0000000000 
_pdbx_struct_oper_list.matrix[3][2]         0.0000000000 
_pdbx_struct_oper_list.matrix[3][3]         1.0000000000 
_pdbx_struct_oper_list.vector[3]            0.0000000000 
# 
loop_
_struct_conn.id 
_struct_conn.conn_type_id 
_struct_conn.pdbx_leaving_atom_flag 
_struct_conn.pdbx_PDB_id 
_struct_conn.ptnr1_label_asym_id 
_struct_conn.ptnr1_label_comp_id 
_struct_conn.ptnr1_label_seq_id 
_struct_conn.ptnr1_label_atom_id 
_struct_conn.pdbx_ptnr1_label_alt_id 
_struct_conn.pdbx_ptnr1_PDB_ins_code 
_struct_conn.pdbx_ptnr1_standard_comp_id 
_struct_conn.ptnr1_symmetry 
_struct_conn.ptnr2_label_asym_id 
_struct_conn.ptnr2_label_comp_id 
_struct_conn.ptnr2_label_seq_id 
_struct_conn.ptnr2_label_atom_id 
_struct_conn.pdbx_ptnr2_label_alt_id 
_struct_conn.pdbx_ptnr2_PDB_ins_code 
_struct_conn.ptnr1_auth_asym_id 
_struct_conn.ptnr1_auth_comp_id 
_struct_conn.ptnr1_auth_seq_id 
_struct_conn.ptnr2_auth_asym_id 
_struct_conn.ptnr2_auth_comp_id 
_struct_conn.ptnr2_auth_seq_id 
_struct_conn.ptnr2_symmetry 
_struct_conn.pdbx_ptnr3_label_atom_id 
_struct_conn.pdbx_ptnr3_label_seq_id 
_struct_conn.pdbx_ptnr3_label_comp_id 
_struct_conn.pdbx_ptnr3_label_asym_id 
_struct_conn.pdbx_ptnr3_label_alt_id 
_struct_conn.pdbx_ptnr3_PDB_ins_code 
_struct_conn.details 
_struct_conn.pdbx_dist_value 
_struct_conn.pdbx_value_order 
_struct_conn.pdbx_role 
covale1  covale both ? A LCC 1 "O3'" ? ? ? 1_555 A TLN 2 P  ? ? A LCC 1 A TLN 2 1_555 ? ? ? ? ? ? ?            1.672 ? ? 
covale2  covale both ? A TLN 2 "O3'" ? ? ? 1_555 A LCG 3 P  ? ? A TLN 2 A LCG 3 1_555 ? ? ? ? ? ? ?            1.687 ? ? 
covale3  covale both ? A LCG 3 "O3'" ? ? ? 1_555 A U   4 P  ? ? A LCG 3 A U   4 1_555 ? ? ? ? ? ? ?            1.650 ? ? 
covale4  covale both ? B LCC 1 "O3'" ? ? ? 1_555 B TLN 2 P  ? ? B LCC 1 B TLN 2 1_555 ? ? ? ? ? ? ?            1.690 ? ? 
covale5  covale both ? B TLN 2 "O3'" ? ? ? 1_555 B LCG 3 P  ? ? B TLN 2 B LCG 3 1_555 ? ? ? ? ? ? ?            1.710 ? ? 
covale6  covale both ? B LCG 3 "O3'" ? ? ? 1_555 B U   4 P  ? ? B LCG 3 B U   4 1_555 ? ? ? ? ? ? ?            1.687 ? ? 
covale7  covale both ? C LCC 1 "O3'" ? ? ? 1_555 C TLN 2 P  ? ? C LCC 1 C TLN 2 1_555 ? ? ? ? ? ? ?            1.673 ? ? 
covale8  covale both ? C TLN 2 "O3'" ? ? ? 1_555 C LCG 3 P  ? ? C TLN 2 C LCG 3 1_555 ? ? ? ? ? ? ?            1.687 ? ? 
covale9  covale both ? C LCG 3 "O3'" ? ? ? 1_555 C U   4 P  ? ? C LCG 3 C U   4 1_555 ? ? ? ? ? ? ?            1.686 ? ? 
covale10 covale both ? D LCC 1 "O3'" ? ? ? 1_555 D TLN 2 P  ? ? D LCC 1 D TLN 2 1_555 ? ? ? ? ? ? ?            1.678 ? ? 
covale11 covale both ? D TLN 2 "O3'" ? ? ? 1_555 D LCG 3 P  ? ? D TLN 2 D LCG 3 1_555 ? ? ? ? ? ? ?            1.707 ? ? 
covale12 covale both ? D LCG 3 "O3'" ? ? ? 1_555 D U   4 P  ? ? D LCG 3 D U   4 1_555 ? ? ? ? ? ? ?            1.635 ? ? 
hydrog1  hydrog ?    ? A TLN 2 N3    ? ? ? 1_555 B A   7 N1 ? ? A TLN 2 B A   7 1_555 ? ? ? ? ? ? WATSON-CRICK ?     ? ? 
hydrog2  hydrog ?    ? A TLN 2 O4    ? ? ? 1_555 B A   7 N6 ? ? A TLN 2 B A   7 1_555 ? ? ? ? ? ? WATSON-CRICK ?     ? ? 
hydrog3  hydrog ?    ? A LCG 3 N1    ? ? ? 1_555 B C   6 N3 ? ? A LCG 3 B C   6 1_555 ? ? ? ? ? ? WATSON-CRICK ?     ? ? 
hydrog4  hydrog ?    ? A LCG 3 N2    ? ? ? 1_555 B C   6 O2 ? ? A LCG 3 B C   6 1_555 ? ? ? ? ? ? WATSON-CRICK ?     ? ? 
hydrog5  hydrog ?    ? A LCG 3 O6    ? ? ? 1_555 B C   6 N4 ? ? A LCG 3 B C   6 1_555 ? ? ? ? ? ? WATSON-CRICK ?     ? ? 
hydrog6  hydrog ?    ? A U   4 N3    ? ? ? 1_555 B A   5 N1 ? ? A U   4 B A   5 1_555 ? ? ? ? ? ? WATSON-CRICK ?     ? ? 
hydrog7  hydrog ?    ? A U   4 O4    ? ? ? 1_555 B A   5 N6 ? ? A U   4 B A   5 1_555 ? ? ? ? ? ? WATSON-CRICK ?     ? ? 
hydrog8  hydrog ?    ? A A   5 N1    ? ? ? 1_555 B U   4 N3 ? ? A A   5 B U   4 1_555 ? ? ? ? ? ? WATSON-CRICK ?     ? ? 
hydrog9  hydrog ?    ? A A   5 N6    ? ? ? 1_555 B U   4 O4 ? ? A A   5 B U   4 1_555 ? ? ? ? ? ? WATSON-CRICK ?     ? ? 
hydrog10 hydrog ?    ? A C   6 N3    ? ? ? 1_555 B LCG 3 N1 ? ? A C   6 B LCG 3 1_555 ? ? ? ? ? ? WATSON-CRICK ?     ? ? 
hydrog11 hydrog ?    ? A C   6 N4    ? ? ? 1_555 B LCG 3 O6 ? ? A C   6 B LCG 3 1_555 ? ? ? ? ? ? WATSON-CRICK ?     ? ? 
hydrog12 hydrog ?    ? A C   6 O2    ? ? ? 1_555 B LCG 3 N2 ? ? A C   6 B LCG 3 1_555 ? ? ? ? ? ? WATSON-CRICK ?     ? ? 
hydrog13 hydrog ?    ? A A   7 N1    ? ? ? 1_555 B TLN 2 N3 ? ? A A   7 B TLN 2 1_555 ? ? ? ? ? ? WATSON-CRICK ?     ? ? 
hydrog14 hydrog ?    ? A A   7 N6    ? ? ? 1_555 B TLN 2 O4 ? ? A A   7 B TLN 2 1_555 ? ? ? ? ? ? WATSON-CRICK ?     ? ? 
hydrog15 hydrog ?    ? C TLN 2 N3    ? ? ? 1_555 D A   7 N1 ? ? C TLN 2 D A   7 1_555 ? ? ? ? ? ? WATSON-CRICK ?     ? ? 
hydrog16 hydrog ?    ? C TLN 2 O4    ? ? ? 1_555 D A   7 N6 ? ? C TLN 2 D A   7 1_555 ? ? ? ? ? ? WATSON-CRICK ?     ? ? 
hydrog17 hydrog ?    ? C LCG 3 N1    ? ? ? 1_555 D C   6 N3 ? ? C LCG 3 D C   6 1_555 ? ? ? ? ? ? WATSON-CRICK ?     ? ? 
hydrog18 hydrog ?    ? C LCG 3 N2    ? ? ? 1_555 D C   6 O2 ? ? C LCG 3 D C   6 1_555 ? ? ? ? ? ? WATSON-CRICK ?     ? ? 
hydrog19 hydrog ?    ? C LCG 3 O6    ? ? ? 1_555 D C   6 N4 ? ? C LCG 3 D C   6 1_555 ? ? ? ? ? ? WATSON-CRICK ?     ? ? 
hydrog20 hydrog ?    ? C U   4 N3    ? ? ? 1_555 D A   5 N1 ? ? C U   4 D A   5 1_555 ? ? ? ? ? ? WATSON-CRICK ?     ? ? 
hydrog21 hydrog ?    ? C U   4 O4    ? ? ? 1_555 D A   5 N6 ? ? C U   4 D A   5 1_555 ? ? ? ? ? ? WATSON-CRICK ?     ? ? 
hydrog22 hydrog ?    ? C A   5 N1    ? ? ? 1_555 D U   4 N3 ? ? C A   5 D U   4 1_555 ? ? ? ? ? ? WATSON-CRICK ?     ? ? 
hydrog23 hydrog ?    ? C A   5 N6    ? ? ? 1_555 D U   4 O4 ? ? C A   5 D U   4 1_555 ? ? ? ? ? ? WATSON-CRICK ?     ? ? 
hydrog24 hydrog ?    ? C C   6 N3    ? ? ? 1_555 D LCG 3 N1 ? ? C C   6 D LCG 3 1_555 ? ? ? ? ? ? WATSON-CRICK ?     ? ? 
hydrog25 hydrog ?    ? C C   6 N4    ? ? ? 1_555 D LCG 3 O6 ? ? C C   6 D LCG 3 1_555 ? ? ? ? ? ? WATSON-CRICK ?     ? ? 
hydrog26 hydrog ?    ? C C   6 O2    ? ? ? 1_555 D LCG 3 N2 ? ? C C   6 D LCG 3 1_555 ? ? ? ? ? ? WATSON-CRICK ?     ? ? 
hydrog27 hydrog ?    ? C A   7 N1    ? ? ? 1_555 D TLN 2 N3 ? ? C A   7 D TLN 2 1_555 ? ? ? ? ? ? WATSON-CRICK ?     ? ? 
hydrog28 hydrog ?    ? C A   7 N6    ? ? ? 1_555 D TLN 2 O4 ? ? C A   7 D TLN 2 1_555 ? ? ? ? ? ? WATSON-CRICK ?     ? ? 
# 
loop_
_struct_conn_type.id 
_struct_conn_type.criteria 
_struct_conn_type.reference 
covale ? ? 
hydrog ? ? 
# 
loop_
_struct_site.id 
_struct_site.pdbx_evidence_code 
_struct_site.pdbx_auth_asym_id 
_struct_site.pdbx_auth_comp_id 
_struct_site.pdbx_auth_seq_id 
_struct_site.pdbx_auth_ins_code 
_struct_site.pdbx_num_residues 
_struct_site.details 
AC1 Software A 5GP 101 ? 5 'binding site for residue 5GP A 101' 
AC2 Software B 5GP 101 ? 4 'binding site for residue 5GP B 101' 
AC3 Software C 5GP 101 ? 3 'binding site for residue 5GP C 101' 
AC4 Software D 5GP 101 ? 5 'binding site for residue 5GP D 101' 
# 
loop_
_struct_site_gen.id 
_struct_site_gen.site_id 
_struct_site_gen.pdbx_num_res 
_struct_site_gen.label_comp_id 
_struct_site_gen.label_asym_id 
_struct_site_gen.label_seq_id 
_struct_site_gen.pdbx_auth_ins_code 
_struct_site_gen.auth_comp_id 
_struct_site_gen.auth_asym_id 
_struct_site_gen.auth_seq_id 
_struct_site_gen.label_atom_id 
_struct_site_gen.label_alt_id 
_struct_site_gen.symmetry 
_struct_site_gen.details 
1  AC1 5 A   A 7 ? A   A 7   . ? 1_555 ? 
2  AC1 5 HOH I . ? HOH A 208 . ? 1_555 ? 
3  AC1 5 HOH I . ? HOH A 215 . ? 1_555 ? 
4  AC1 5 C   C 6 ? C   C 6   . ? 3_545 ? 
5  AC1 5 A   C 7 ? A   C 7   . ? 3_545 ? 
6  AC2 4 A   B 7 ? A   B 7   . ? 1_555 ? 
7  AC2 4 A   B 7 ? A   B 7   . ? 3_555 ? 
8  AC2 4 HOH J . ? HOH B 206 . ? 1_555 ? 
9  AC2 4 HOH J . ? HOH B 208 . ? 1_555 ? 
10 AC3 3 A   C 7 ? A   C 7   . ? 1_555 ? 
11 AC3 3 A   C 7 ? A   C 7   . ? 3_545 ? 
12 AC3 3 HOH K . ? HOH C 209 . ? 1_555 ? 
13 AC4 5 C   B 6 ? C   B 6   . ? 3_554 ? 
14 AC4 5 A   B 7 ? A   B 7   . ? 3_554 ? 
15 AC4 5 A   D 7 ? A   D 7   . ? 1_555 ? 
16 AC4 5 HOH L . ? HOH D 209 . ? 1_555 ? 
17 AC4 5 HOH L . ? HOH D 213 . ? 1_555 ? 
# 
loop_
_pdbx_validate_rmsd_bond.id 
_pdbx_validate_rmsd_bond.PDB_model_num 
_pdbx_validate_rmsd_bond.auth_atom_id_1 
_pdbx_validate_rmsd_bond.auth_asym_id_1 
_pdbx_validate_rmsd_bond.auth_comp_id_1 
_pdbx_validate_rmsd_bond.auth_seq_id_1 
_pdbx_validate_rmsd_bond.PDB_ins_code_1 
_pdbx_validate_rmsd_bond.label_alt_id_1 
_pdbx_validate_rmsd_bond.auth_atom_id_2 
_pdbx_validate_rmsd_bond.auth_asym_id_2 
_pdbx_validate_rmsd_bond.auth_comp_id_2 
_pdbx_validate_rmsd_bond.auth_seq_id_2 
_pdbx_validate_rmsd_bond.PDB_ins_code_2 
_pdbx_validate_rmsd_bond.label_alt_id_2 
_pdbx_validate_rmsd_bond.bond_value 
_pdbx_validate_rmsd_bond.bond_target_value 
_pdbx_validate_rmsd_bond.bond_deviation 
_pdbx_validate_rmsd_bond.bond_standard_deviation 
_pdbx_validate_rmsd_bond.linker_flag 
1 1 "O3'" A TLN 2 ? ? P A LCG 3 ? ? 1.687 1.607 0.080 0.012 Y 
2 1 "O3'" B LCC 1 ? ? P B TLN 2 ? ? 1.690 1.607 0.083 0.012 Y 
3 1 "O3'" B TLN 2 ? ? P B LCG 3 ? ? 1.710 1.607 0.103 0.012 Y 
4 1 "O3'" B LCG 3 ? ? P B U   4 ? ? 1.687 1.607 0.080 0.012 Y 
5 1 "O3'" C TLN 2 ? ? P C LCG 3 ? ? 1.687 1.607 0.080 0.012 Y 
6 1 "O3'" C LCG 3 ? ? P C U   4 ? ? 1.686 1.607 0.079 0.012 Y 
7 1 "O3'" D TLN 2 ? ? P D LCG 3 ? ? 1.707 1.607 0.100 0.012 Y 
# 
loop_
_pdbx_validate_rmsd_angle.id 
_pdbx_validate_rmsd_angle.PDB_model_num 
_pdbx_validate_rmsd_angle.auth_atom_id_1 
_pdbx_validate_rmsd_angle.auth_asym_id_1 
_pdbx_validate_rmsd_angle.auth_comp_id_1 
_pdbx_validate_rmsd_angle.auth_seq_id_1 
_pdbx_validate_rmsd_angle.PDB_ins_code_1 
_pdbx_validate_rmsd_angle.label_alt_id_1 
_pdbx_validate_rmsd_angle.auth_atom_id_2 
_pdbx_validate_rmsd_angle.auth_asym_id_2 
_pdbx_validate_rmsd_angle.auth_comp_id_2 
_pdbx_validate_rmsd_angle.auth_seq_id_2 
_pdbx_validate_rmsd_angle.PDB_ins_code_2 
_pdbx_validate_rmsd_angle.label_alt_id_2 
_pdbx_validate_rmsd_angle.auth_atom_id_3 
_pdbx_validate_rmsd_angle.auth_asym_id_3 
_pdbx_validate_rmsd_angle.auth_comp_id_3 
_pdbx_validate_rmsd_angle.auth_seq_id_3 
_pdbx_validate_rmsd_angle.PDB_ins_code_3 
_pdbx_validate_rmsd_angle.label_alt_id_3 
_pdbx_validate_rmsd_angle.angle_value 
_pdbx_validate_rmsd_angle.angle_target_value 
_pdbx_validate_rmsd_angle.angle_deviation 
_pdbx_validate_rmsd_angle.angle_standard_deviation 
_pdbx_validate_rmsd_angle.linker_flag 
1 1 "O3'" A LCC 1 ? ? P     A TLN 2 ? ? OP2 A TLN 2 ? ? 120.56 110.50 10.06  1.10 Y 
2 1 "C3'" B TLN 2 ? ? "O3'" B TLN 2 ? ? P   B LCG 3 ? ? 127.25 119.70 7.55   1.20 Y 
3 1 "O3'" C LCC 1 ? ? P     C TLN 2 ? ? OP1 C TLN 2 ? ? 90.16  105.20 -15.04 2.20 Y 
4 1 "C3'" C TLN 2 ? ? "O3'" C TLN 2 ? ? P   C LCG 3 ? ? 127.32 119.70 7.62   1.20 Y 
5 1 "O3'" D LCC 1 ? ? P     D TLN 2 ? ? OP2 D TLN 2 ? ? 125.26 110.50 14.76  1.10 Y 
6 1 "C3'" D LCG 3 ? ? "O3'" D LCG 3 ? ? P   D U   4 ? ? 111.46 119.70 -8.24  1.20 Y 
7 1 "O3'" D LCG 3 ? ? P     D U   4 ? ? OP2 D U   4 ? ? 122.02 110.50 11.52  1.10 Y 
8 1 "O5'" D A   7 ? ? P     D A   7 ? ? OP2 D A   7 ? ? 99.99  105.70 -5.71  0.90 N 
# 
loop_
_pdbx_struct_special_symmetry.id 
_pdbx_struct_special_symmetry.PDB_model_num 
_pdbx_struct_special_symmetry.auth_asym_id 
_pdbx_struct_special_symmetry.auth_comp_id 
_pdbx_struct_special_symmetry.auth_seq_id 
_pdbx_struct_special_symmetry.PDB_ins_code 
_pdbx_struct_special_symmetry.label_asym_id 
_pdbx_struct_special_symmetry.label_comp_id 
_pdbx_struct_special_symmetry.label_seq_id 
1 1 A HOH 223 ? I HOH . 
2 1 D HOH 222 ? L HOH . 
# 
loop_
_chem_comp_atom.comp_id 
_chem_comp_atom.atom_id 
_chem_comp_atom.type_symbol 
_chem_comp_atom.pdbx_aromatic_flag 
_chem_comp_atom.pdbx_stereo_config 
_chem_comp_atom.pdbx_ordinal 
5GP P      P N N 1   
5GP O1P    O N N 2   
5GP O2P    O N N 3   
5GP O3P    O N N 4   
5GP "O5'"  O N N 5   
5GP "C5'"  C N N 6   
5GP "C4'"  C N R 7   
5GP "O4'"  O N N 8   
5GP "C3'"  C N S 9   
5GP "O3'"  O N N 10  
5GP "C2'"  C N R 11  
5GP "O2'"  O N N 12  
5GP "C1'"  C N R 13  
5GP N9     N Y N 14  
5GP C8     C Y N 15  
5GP N7     N Y N 16  
5GP C5     C Y N 17  
5GP C6     C N N 18  
5GP O6     O N N 19  
5GP N1     N N N 20  
5GP C2     C N N 21  
5GP N2     N N N 22  
5GP N3     N N N 23  
5GP C4     C Y N 24  
5GP HOP2   H N N 25  
5GP HOP3   H N N 26  
5GP "H5'1" H N N 27  
5GP "H5'2" H N N 28  
5GP "H4'"  H N N 29  
5GP "H3'"  H N N 30  
5GP "HO3'" H N N 31  
5GP "H2'"  H N N 32  
5GP "HO2'" H N N 33  
5GP "H1'"  H N N 34  
5GP H8     H N N 35  
5GP HN1    H N N 36  
5GP HN21   H N N 37  
5GP HN22   H N N 38  
A   OP3    O N N 39  
A   P      P N N 40  
A   OP1    O N N 41  
A   OP2    O N N 42  
A   "O5'"  O N N 43  
A   "C5'"  C N N 44  
A   "C4'"  C N R 45  
A   "O4'"  O N N 46  
A   "C3'"  C N S 47  
A   "O3'"  O N N 48  
A   "C2'"  C N R 49  
A   "O2'"  O N N 50  
A   "C1'"  C N R 51  
A   N9     N Y N 52  
A   C8     C Y N 53  
A   N7     N Y N 54  
A   C5     C Y N 55  
A   C6     C Y N 56  
A   N6     N N N 57  
A   N1     N Y N 58  
A   C2     C Y N 59  
A   N3     N Y N 60  
A   C4     C Y N 61  
A   HOP3   H N N 62  
A   HOP2   H N N 63  
A   "H5'"  H N N 64  
A   "H5''" H N N 65  
A   "H4'"  H N N 66  
A   "H3'"  H N N 67  
A   "HO3'" H N N 68  
A   "H2'"  H N N 69  
A   "HO2'" H N N 70  
A   "H1'"  H N N 71  
A   H8     H N N 72  
A   H61    H N N 73  
A   H62    H N N 74  
A   H2     H N N 75  
C   OP3    O N N 76  
C   P      P N N 77  
C   OP1    O N N 78  
C   OP2    O N N 79  
C   "O5'"  O N N 80  
C   "C5'"  C N N 81  
C   "C4'"  C N R 82  
C   "O4'"  O N N 83  
C   "C3'"  C N S 84  
C   "O3'"  O N N 85  
C   "C2'"  C N R 86  
C   "O2'"  O N N 87  
C   "C1'"  C N R 88  
C   N1     N N N 89  
C   C2     C N N 90  
C   O2     O N N 91  
C   N3     N N N 92  
C   C4     C N N 93  
C   N4     N N N 94  
C   C5     C N N 95  
C   C6     C N N 96  
C   HOP3   H N N 97  
C   HOP2   H N N 98  
C   "H5'"  H N N 99  
C   "H5''" H N N 100 
C   "H4'"  H N N 101 
C   "H3'"  H N N 102 
C   "HO3'" H N N 103 
C   "H2'"  H N N 104 
C   "HO2'" H N N 105 
C   "H1'"  H N N 106 
C   H41    H N N 107 
C   H42    H N N 108 
C   H5     H N N 109 
C   H6     H N N 110 
HOH O      O N N 111 
HOH H1     H N N 112 
HOH H2     H N N 113 
LCC "O5'"  O N N 114 
LCC "C5'"  C N N 115 
LCC "C4'"  C N R 116 
LCC "O4'"  O N N 117 
LCC "C1'"  C N R 118 
LCC N1     N N N 119 
LCC C6     C N N 120 
LCC C5     C N N 121 
LCC C5M    C N N 122 
LCC C4     C N N 123 
LCC N4     N N N 124 
LCC N3     N N N 125 
LCC C2     C N N 126 
LCC O2     O N N 127 
LCC "C3'"  C N S 128 
LCC "C2'"  C N R 129 
LCC "O2'"  O N N 130 
LCC "O3'"  O N N 131 
LCC "C6'"  C N N 132 
LCC P      P N N 133 
LCC O1P    O N N 134 
LCC O2P    O N N 135 
LCC OXT    O N N 136 
LCC "H5'1" H N N 137 
LCC "H5'2" H N N 138 
LCC "H1'"  H N N 139 
LCC H6     H N N 140 
LCC H5M1   H N N 141 
LCC H5M2   H N N 142 
LCC H5M3   H N N 143 
LCC H41    H N N 144 
LCC H42    H N N 145 
LCC "H3'"  H N N 146 
LCC "H2'1" H N N 147 
LCC H3T    H N N 148 
LCC "H6'1" H N N 149 
LCC "H6'2" H N N 150 
LCC H1P    H N N 151 
LCC HXT    H N N 152 
LCG P      P N N 153 
LCG OP1    O N N 154 
LCG "O5'"  O N N 155 
LCG "C5'"  C N N 156 
LCG "C3'"  C N S 157 
LCG "C6'"  C N N 158 
LCG N9     N Y N 159 
LCG C8     C Y N 160 
LCG C4     C Y N 161 
LCG N7     N Y N 162 
LCG C5     C Y N 163 
LCG C6     C N N 164 
LCG "C2'"  C N R 165 
LCG O6     O N N 166 
LCG "C4'"  C N R 167 
LCG "C1'"  C N R 168 
LCG C2     C N N 169 
LCG N1     N N N 170 
LCG "O4'"  O N N 171 
LCG OP2    O N N 172 
LCG N2     N N N 173 
LCG N3     N N N 174 
LCG "O2'"  O N N 175 
LCG "O3'"  O N N 176 
LCG OP3    O N N 177 
LCG "H5'"  H N N 178 
LCG "H5''" H N N 179 
LCG "H3'"  H N N 180 
LCG "H6'1" H N N 181 
LCG "H6'2" H N N 182 
LCG H8     H N N 183 
LCG "H2'"  H N N 184 
LCG "H1'"  H N N 185 
LCG H1     H N N 186 
LCG HOP2   H N N 187 
LCG H21    H N N 188 
LCG H22    H N N 189 
LCG "HO3'" H N N 190 
LCG HOP3   H N N 191 
TLN P      P N N 192 
TLN OP1    O N N 193 
TLN OP2    O N N 194 
TLN OP3    O N N 195 
TLN "O5'"  O N N 196 
TLN "C5'"  C N N 197 
TLN "C4'"  C N R 198 
TLN "O4'"  O N N 199 
TLN "C1'"  C N R 200 
TLN N1     N N N 201 
TLN C6     C N N 202 
TLN C5     C N N 203 
TLN C5M    C N N 204 
TLN C4     C N N 205 
TLN O4     O N N 206 
TLN N3     N N N 207 
TLN C2     C N N 208 
TLN O2     O N N 209 
TLN "C3'"  C N S 210 
TLN "C2'"  C N R 211 
TLN "O2'"  O N N 212 
TLN "O3'"  O N N 213 
TLN "C6'"  C N N 214 
TLN HOP2   H N N 215 
TLN HOP3   H N N 216 
TLN "H5'"  H N N 217 
TLN "H5''" H N N 218 
TLN "H1'"  H N N 219 
TLN H6     H N N 220 
TLN H71    H N N 221 
TLN H72    H N N 222 
TLN H73    H N N 223 
TLN H3     H N N 224 
TLN "H3'"  H N N 225 
TLN "H2'"  H N N 226 
TLN "HO3'" H N N 227 
TLN "H6'1" H N N 228 
TLN "H6'2" H N N 229 
U   OP3    O N N 230 
U   P      P N N 231 
U   OP1    O N N 232 
U   OP2    O N N 233 
U   "O5'"  O N N 234 
U   "C5'"  C N N 235 
U   "C4'"  C N R 236 
U   "O4'"  O N N 237 
U   "C3'"  C N S 238 
U   "O3'"  O N N 239 
U   "C2'"  C N R 240 
U   "O2'"  O N N 241 
U   "C1'"  C N R 242 
U   N1     N N N 243 
U   C2     C N N 244 
U   O2     O N N 245 
U   N3     N N N 246 
U   C4     C N N 247 
U   O4     O N N 248 
U   C5     C N N 249 
U   C6     C N N 250 
U   HOP3   H N N 251 
U   HOP2   H N N 252 
U   "H5'"  H N N 253 
U   "H5''" H N N 254 
U   "H4'"  H N N 255 
U   "H3'"  H N N 256 
U   "HO3'" H N N 257 
U   "H2'"  H N N 258 
U   "HO2'" H N N 259 
U   "H1'"  H N N 260 
U   H3     H N N 261 
U   H5     H N N 262 
U   H6     H N N 263 
# 
loop_
_chem_comp_bond.comp_id 
_chem_comp_bond.atom_id_1 
_chem_comp_bond.atom_id_2 
_chem_comp_bond.value_order 
_chem_comp_bond.pdbx_aromatic_flag 
_chem_comp_bond.pdbx_stereo_config 
_chem_comp_bond.pdbx_ordinal 
5GP P     O1P    doub N N 1   
5GP P     O2P    sing N N 2   
5GP P     O3P    sing N N 3   
5GP P     "O5'"  sing N N 4   
5GP O2P   HOP2   sing N N 5   
5GP O3P   HOP3   sing N N 6   
5GP "O5'" "C5'"  sing N N 7   
5GP "C5'" "C4'"  sing N N 8   
5GP "C5'" "H5'1" sing N N 9   
5GP "C5'" "H5'2" sing N N 10  
5GP "C4'" "O4'"  sing N N 11  
5GP "C4'" "C3'"  sing N N 12  
5GP "C4'" "H4'"  sing N N 13  
5GP "O4'" "C1'"  sing N N 14  
5GP "C3'" "O3'"  sing N N 15  
5GP "C3'" "C2'"  sing N N 16  
5GP "C3'" "H3'"  sing N N 17  
5GP "O3'" "HO3'" sing N N 18  
5GP "C2'" "O2'"  sing N N 19  
5GP "C2'" "C1'"  sing N N 20  
5GP "C2'" "H2'"  sing N N 21  
5GP "O2'" "HO2'" sing N N 22  
5GP "C1'" N9     sing N N 23  
5GP "C1'" "H1'"  sing N N 24  
5GP N9    C8     sing Y N 25  
5GP N9    C4     sing Y N 26  
5GP C8    N7     doub Y N 27  
5GP C8    H8     sing N N 28  
5GP N7    C5     sing Y N 29  
5GP C5    C6     sing N N 30  
5GP C5    C4     doub Y N 31  
5GP C6    O6     doub N N 32  
5GP C6    N1     sing N N 33  
5GP N1    C2     sing N N 34  
5GP N1    HN1    sing N N 35  
5GP C2    N2     sing N N 36  
5GP C2    N3     doub N N 37  
5GP N2    HN21   sing N N 38  
5GP N2    HN22   sing N N 39  
5GP N3    C4     sing N N 40  
A   OP3   P      sing N N 41  
A   OP3   HOP3   sing N N 42  
A   P     OP1    doub N N 43  
A   P     OP2    sing N N 44  
A   P     "O5'"  sing N N 45  
A   OP2   HOP2   sing N N 46  
A   "O5'" "C5'"  sing N N 47  
A   "C5'" "C4'"  sing N N 48  
A   "C5'" "H5'"  sing N N 49  
A   "C5'" "H5''" sing N N 50  
A   "C4'" "O4'"  sing N N 51  
A   "C4'" "C3'"  sing N N 52  
A   "C4'" "H4'"  sing N N 53  
A   "O4'" "C1'"  sing N N 54  
A   "C3'" "O3'"  sing N N 55  
A   "C3'" "C2'"  sing N N 56  
A   "C3'" "H3'"  sing N N 57  
A   "O3'" "HO3'" sing N N 58  
A   "C2'" "O2'"  sing N N 59  
A   "C2'" "C1'"  sing N N 60  
A   "C2'" "H2'"  sing N N 61  
A   "O2'" "HO2'" sing N N 62  
A   "C1'" N9     sing N N 63  
A   "C1'" "H1'"  sing N N 64  
A   N9    C8     sing Y N 65  
A   N9    C4     sing Y N 66  
A   C8    N7     doub Y N 67  
A   C8    H8     sing N N 68  
A   N7    C5     sing Y N 69  
A   C5    C6     sing Y N 70  
A   C5    C4     doub Y N 71  
A   C6    N6     sing N N 72  
A   C6    N1     doub Y N 73  
A   N6    H61    sing N N 74  
A   N6    H62    sing N N 75  
A   N1    C2     sing Y N 76  
A   C2    N3     doub Y N 77  
A   C2    H2     sing N N 78  
A   N3    C4     sing Y N 79  
C   OP3   P      sing N N 80  
C   OP3   HOP3   sing N N 81  
C   P     OP1    doub N N 82  
C   P     OP2    sing N N 83  
C   P     "O5'"  sing N N 84  
C   OP2   HOP2   sing N N 85  
C   "O5'" "C5'"  sing N N 86  
C   "C5'" "C4'"  sing N N 87  
C   "C5'" "H5'"  sing N N 88  
C   "C5'" "H5''" sing N N 89  
C   "C4'" "O4'"  sing N N 90  
C   "C4'" "C3'"  sing N N 91  
C   "C4'" "H4'"  sing N N 92  
C   "O4'" "C1'"  sing N N 93  
C   "C3'" "O3'"  sing N N 94  
C   "C3'" "C2'"  sing N N 95  
C   "C3'" "H3'"  sing N N 96  
C   "O3'" "HO3'" sing N N 97  
C   "C2'" "O2'"  sing N N 98  
C   "C2'" "C1'"  sing N N 99  
C   "C2'" "H2'"  sing N N 100 
C   "O2'" "HO2'" sing N N 101 
C   "C1'" N1     sing N N 102 
C   "C1'" "H1'"  sing N N 103 
C   N1    C2     sing N N 104 
C   N1    C6     sing N N 105 
C   C2    O2     doub N N 106 
C   C2    N3     sing N N 107 
C   N3    C4     doub N N 108 
C   C4    N4     sing N N 109 
C   C4    C5     sing N N 110 
C   N4    H41    sing N N 111 
C   N4    H42    sing N N 112 
C   C5    C6     doub N N 113 
C   C5    H5     sing N N 114 
C   C6    H6     sing N N 115 
HOH O     H1     sing N N 116 
HOH O     H2     sing N N 117 
LCC "O5'" "C5'"  sing N N 118 
LCC "O5'" P      sing N N 119 
LCC "C5'" "C4'"  sing N N 120 
LCC "C5'" "H5'1" sing N N 121 
LCC "C5'" "H5'2" sing N N 122 
LCC "C4'" "O4'"  sing N N 123 
LCC "C4'" "C3'"  sing N N 124 
LCC "C4'" "C6'"  sing N N 125 
LCC "O4'" "C1'"  sing N N 126 
LCC "C1'" N1     sing N N 127 
LCC "C1'" "C2'"  sing N N 128 
LCC "C1'" "H1'"  sing N N 129 
LCC N1    C6     sing N N 130 
LCC N1    C2     sing N N 131 
LCC C6    C5     doub N N 132 
LCC C6    H6     sing N N 133 
LCC C5    C5M    sing N N 134 
LCC C5    C4     sing N N 135 
LCC C5M   H5M1   sing N N 136 
LCC C5M   H5M2   sing N N 137 
LCC C5M   H5M3   sing N N 138 
LCC C4    N4     sing N N 139 
LCC C4    N3     doub N N 140 
LCC N4    H41    sing N N 141 
LCC N4    H42    sing N N 142 
LCC N3    C2     sing N N 143 
LCC C2    O2     doub N N 144 
LCC "C3'" "C2'"  sing N N 145 
LCC "C3'" "O3'"  sing N N 146 
LCC "C3'" "H3'"  sing N N 147 
LCC "C2'" "O2'"  sing N N 148 
LCC "C2'" "H2'1" sing N N 149 
LCC "O2'" "C6'"  sing N N 150 
LCC "O3'" H3T    sing N N 151 
LCC "C6'" "H6'1" sing N N 152 
LCC "C6'" "H6'2" sing N N 153 
LCC P     O1P    sing N N 154 
LCC P     O2P    doub N N 155 
LCC P     OXT    sing N N 156 
LCC O1P   H1P    sing N N 157 
LCC OXT   HXT    sing N N 158 
LCG P     OP1    doub N N 159 
LCG P     "O5'"  sing N N 160 
LCG P     OP2    sing N N 161 
LCG P     OP3    sing N N 162 
LCG "O5'" "C5'"  sing N N 163 
LCG "C5'" "C4'"  sing N N 164 
LCG "C5'" "H5'"  sing N N 165 
LCG "C5'" "H5''" sing N N 166 
LCG "C3'" "C2'"  sing N N 167 
LCG "C3'" "C4'"  sing N N 168 
LCG "C3'" "O3'"  sing N N 169 
LCG "C3'" "H3'"  sing N N 170 
LCG "C6'" "C4'"  sing N N 171 
LCG "C6'" "O2'"  sing N N 172 
LCG "C6'" "H6'1" sing N N 173 
LCG "C6'" "H6'2" sing N N 174 
LCG N9    C8     sing Y N 175 
LCG N9    C4     sing Y N 176 
LCG N9    "C1'"  sing N N 177 
LCG C8    N7     doub Y N 178 
LCG C8    H8     sing N N 179 
LCG C4    C5     doub Y N 180 
LCG C4    N3     sing N N 181 
LCG N7    C5     sing Y N 182 
LCG C5    C6     sing N N 183 
LCG C6    O6     doub N N 184 
LCG C6    N1     sing N N 185 
LCG "C2'" "C1'"  sing N N 186 
LCG "C2'" "O2'"  sing N N 187 
LCG "C2'" "H2'"  sing N N 188 
LCG "C4'" "O4'"  sing N N 189 
LCG "C1'" "O4'"  sing N N 190 
LCG "C1'" "H1'"  sing N N 191 
LCG C2    N1     sing N N 192 
LCG C2    N2     sing N N 193 
LCG C2    N3     doub N N 194 
LCG N1    H1     sing N N 195 
LCG OP2   HOP2   sing N N 196 
LCG N2    H21    sing N N 197 
LCG N2    H22    sing N N 198 
LCG "O3'" "HO3'" sing N N 199 
LCG OP3   HOP3   sing N N 200 
TLN P     OP1    doub N N 201 
TLN P     OP2    sing N N 202 
TLN P     OP3    sing N N 203 
TLN P     "O5'"  sing N N 204 
TLN OP2   HOP2   sing N N 205 
TLN OP3   HOP3   sing N N 206 
TLN "O5'" "C5'"  sing N N 207 
TLN "C5'" "C4'"  sing N N 208 
TLN "C5'" "H5'"  sing N N 209 
TLN "C5'" "H5''" sing N N 210 
TLN "C4'" "O4'"  sing N N 211 
TLN "C4'" "C3'"  sing N N 212 
TLN "C4'" "C6'"  sing N N 213 
TLN "O4'" "C1'"  sing N N 214 
TLN "C1'" N1     sing N N 215 
TLN "C1'" "C2'"  sing N N 216 
TLN "C1'" "H1'"  sing N N 217 
TLN N1    C6     sing N N 218 
TLN N1    C2     sing N N 219 
TLN C6    C5     doub N N 220 
TLN C6    H6     sing N N 221 
TLN C5    C5M    sing N N 222 
TLN C5    C4     sing N N 223 
TLN C5M   H71    sing N N 224 
TLN C5M   H72    sing N N 225 
TLN C5M   H73    sing N N 226 
TLN C4    O4     doub N N 227 
TLN C4    N3     sing N N 228 
TLN N3    C2     sing N N 229 
TLN N3    H3     sing N N 230 
TLN C2    O2     doub N N 231 
TLN "C3'" "C2'"  sing N N 232 
TLN "C3'" "O3'"  sing N N 233 
TLN "C3'" "H3'"  sing N N 234 
TLN "C2'" "O2'"  sing N N 235 
TLN "C2'" "H2'"  sing N N 236 
TLN "O2'" "C6'"  sing N N 237 
TLN "O3'" "HO3'" sing N N 238 
TLN "C6'" "H6'1" sing N N 239 
TLN "C6'" "H6'2" sing N N 240 
U   OP3   P      sing N N 241 
U   OP3   HOP3   sing N N 242 
U   P     OP1    doub N N 243 
U   P     OP2    sing N N 244 
U   P     "O5'"  sing N N 245 
U   OP2   HOP2   sing N N 246 
U   "O5'" "C5'"  sing N N 247 
U   "C5'" "C4'"  sing N N 248 
U   "C5'" "H5'"  sing N N 249 
U   "C5'" "H5''" sing N N 250 
U   "C4'" "O4'"  sing N N 251 
U   "C4'" "C3'"  sing N N 252 
U   "C4'" "H4'"  sing N N 253 
U   "O4'" "C1'"  sing N N 254 
U   "C3'" "O3'"  sing N N 255 
U   "C3'" "C2'"  sing N N 256 
U   "C3'" "H3'"  sing N N 257 
U   "O3'" "HO3'" sing N N 258 
U   "C2'" "O2'"  sing N N 259 
U   "C2'" "C1'"  sing N N 260 
U   "C2'" "H2'"  sing N N 261 
U   "O2'" "HO2'" sing N N 262 
U   "C1'" N1     sing N N 263 
U   "C1'" "H1'"  sing N N 264 
U   N1    C2     sing N N 265 
U   N1    C6     sing N N 266 
U   C2    O2     doub N N 267 
U   C2    N3     sing N N 268 
U   N3    C4     sing N N 269 
U   N3    H3     sing N N 270 
U   C4    O4     doub N N 271 
U   C4    C5     sing N N 272 
U   C5    C6     doub N N 273 
U   C5    H5     sing N N 274 
U   C6    H6     sing N N 275 
# 
_ndb_struct_conf_na.entry_id   5DHB 
_ndb_struct_conf_na.feature    'a-form double helix' 
# 
loop_
_ndb_struct_na_base_pair.model_number 
_ndb_struct_na_base_pair.i_label_asym_id 
_ndb_struct_na_base_pair.i_label_comp_id 
_ndb_struct_na_base_pair.i_label_seq_id 
_ndb_struct_na_base_pair.i_symmetry 
_ndb_struct_na_base_pair.j_label_asym_id 
_ndb_struct_na_base_pair.j_label_comp_id 
_ndb_struct_na_base_pair.j_label_seq_id 
_ndb_struct_na_base_pair.j_symmetry 
_ndb_struct_na_base_pair.shear 
_ndb_struct_na_base_pair.stretch 
_ndb_struct_na_base_pair.stagger 
_ndb_struct_na_base_pair.buckle 
_ndb_struct_na_base_pair.propeller 
_ndb_struct_na_base_pair.opening 
_ndb_struct_na_base_pair.pair_number 
_ndb_struct_na_base_pair.pair_name 
_ndb_struct_na_base_pair.i_auth_asym_id 
_ndb_struct_na_base_pair.i_auth_seq_id 
_ndb_struct_na_base_pair.i_PDB_ins_code 
_ndb_struct_na_base_pair.j_auth_asym_id 
_ndb_struct_na_base_pair.j_auth_seq_id 
_ndb_struct_na_base_pair.j_PDB_ins_code 
_ndb_struct_na_base_pair.hbond_type_28 
_ndb_struct_na_base_pair.hbond_type_12 
1 A TLN 2 1_555 B A   7 1_555 -0.151 -0.090 0.087  -8.163 -12.482 1.510  1  A_TLN2:A7_B A 2 ? B 7 ? 20 1 
1 A LCG 3 1_555 B C   6 1_555 -0.316 -0.217 -0.032 -7.383 -15.277 -1.036 2  A_LCG3:C6_B A 3 ? B 6 ? 19 1 
1 A U   4 1_555 B A   5 1_555 -0.147 -0.116 -0.005 -0.542 -10.096 -3.571 3  A_U4:A5_B   A 4 ? B 5 ? 20 1 
1 A A   5 1_555 B U   4 1_555 0.017  -0.129 0.264  6.022  -14.269 0.714  4  A_A5:U4_B   A 5 ? B 4 ? 20 1 
1 A C   6 1_555 B LCG 3 1_555 0.423  -0.269 0.071  4.127  -18.320 0.573  5  A_C6:LCG3_B A 6 ? B 3 ? 19 1 
1 A A   7 1_555 B TLN 2 1_555 0.173  -0.099 0.242  4.338  -10.180 4.310  6  A_A7:TLN2_B A 7 ? B 2 ? 20 1 
1 C TLN 2 1_555 D A   7 1_555 -0.150 -0.118 0.244  -4.574 -10.020 4.517  7  C_TLN2:A7_D C 2 ? D 7 ? 20 1 
1 C LCG 3 1_555 D C   6 1_555 -0.424 -0.230 0.132  -3.625 -17.945 0.435  8  C_LCG3:C6_D C 3 ? D 6 ? 19 1 
1 C U   4 1_555 D A   5 1_555 -0.048 -0.161 0.261  -5.852 -14.222 0.398  9  C_U4:A5_D   C 4 ? D 5 ? 20 1 
1 C A   5 1_555 D U   4 1_555 0.100  -0.141 0.003  0.566  -9.334  -3.274 10 C_A5:U4_D   C 5 ? D 4 ? 20 1 
1 C C   6 1_555 D LCG 3 1_555 0.263  -0.202 -0.015 7.283  -14.919 -0.397 11 C_C6:LCG3_D C 6 ? D 3 ? 19 1 
1 C A   7 1_555 D TLN 2 1_555 0.101  -0.091 0.086  7.682  -12.639 1.501  12 C_A7:TLN2_D C 7 ? D 2 ? 20 1 
# 
loop_
_ndb_struct_na_base_pair_step.model_number 
_ndb_struct_na_base_pair_step.i_label_asym_id_1 
_ndb_struct_na_base_pair_step.i_label_comp_id_1 
_ndb_struct_na_base_pair_step.i_label_seq_id_1 
_ndb_struct_na_base_pair_step.i_symmetry_1 
_ndb_struct_na_base_pair_step.j_label_asym_id_1 
_ndb_struct_na_base_pair_step.j_label_comp_id_1 
_ndb_struct_na_base_pair_step.j_label_seq_id_1 
_ndb_struct_na_base_pair_step.j_symmetry_1 
_ndb_struct_na_base_pair_step.i_label_asym_id_2 
_ndb_struct_na_base_pair_step.i_label_comp_id_2 
_ndb_struct_na_base_pair_step.i_label_seq_id_2 
_ndb_struct_na_base_pair_step.i_symmetry_2 
_ndb_struct_na_base_pair_step.j_label_asym_id_2 
_ndb_struct_na_base_pair_step.j_label_comp_id_2 
_ndb_struct_na_base_pair_step.j_label_seq_id_2 
_ndb_struct_na_base_pair_step.j_symmetry_2 
_ndb_struct_na_base_pair_step.shift 
_ndb_struct_na_base_pair_step.slide 
_ndb_struct_na_base_pair_step.rise 
_ndb_struct_na_base_pair_step.tilt 
_ndb_struct_na_base_pair_step.roll 
_ndb_struct_na_base_pair_step.twist 
_ndb_struct_na_base_pair_step.x_displacement 
_ndb_struct_na_base_pair_step.y_displacement 
_ndb_struct_na_base_pair_step.helical_rise 
_ndb_struct_na_base_pair_step.inclination 
_ndb_struct_na_base_pair_step.tip 
_ndb_struct_na_base_pair_step.helical_twist 
_ndb_struct_na_base_pair_step.step_number 
_ndb_struct_na_base_pair_step.step_name 
_ndb_struct_na_base_pair_step.i_auth_asym_id_1 
_ndb_struct_na_base_pair_step.i_auth_seq_id_1 
_ndb_struct_na_base_pair_step.i_PDB_ins_code_1 
_ndb_struct_na_base_pair_step.j_auth_asym_id_1 
_ndb_struct_na_base_pair_step.j_auth_seq_id_1 
_ndb_struct_na_base_pair_step.j_PDB_ins_code_1 
_ndb_struct_na_base_pair_step.i_auth_asym_id_2 
_ndb_struct_na_base_pair_step.i_auth_seq_id_2 
_ndb_struct_na_base_pair_step.i_PDB_ins_code_2 
_ndb_struct_na_base_pair_step.j_auth_asym_id_2 
_ndb_struct_na_base_pair_step.j_auth_seq_id_2 
_ndb_struct_na_base_pair_step.j_PDB_ins_code_2 
1 A TLN 2 1_555 B A   7 1_555 A LCG 3 1_555 B C   6 1_555 0.282  -1.533 3.155 1.257  13.988 29.452 -4.850 -0.313 2.228 25.750 
-2.314 32.562 1  AA_TLN2LCG3:C6A7_BB A 2 ? B 7 ? A 3 ? B 6 ? 
1 A LCG 3 1_555 B C   6 1_555 A U   4 1_555 B A   5 1_555 -0.421 -1.122 3.119 -1.339 5.818  30.755 -3.094 0.546  2.879 10.842 
2.496  31.315 2  AA_LCG3U4:A5C6_BB   A 3 ? B 6 ? A 4 ? B 5 ? 
1 A U   4 1_555 B A   5 1_555 A A   5 1_555 B U   4 1_555 0.050  -1.354 2.998 -2.920 8.307  33.225 -3.421 -0.481 2.581 14.219 
4.997  34.340 3  AA_U4A5:U4A5_BB     A 4 ? B 5 ? A 5 ? B 4 ? 
1 A A   5 1_555 B U   4 1_555 A C   6 1_555 B LCG 3 1_555 0.023  -1.264 3.277 2.608  5.659  34.645 -2.911 0.340  3.033 9.409  
-4.337 35.184 4  AA_A5C6:LCG3U4_BB   A 5 ? B 4 ? A 6 ? B 3 ? 
1 A C   6 1_555 B LCG 3 1_555 A A   7 1_555 B TLN 2 1_555 0.365  -1.749 3.140 -0.054 9.750  27.955 -5.229 -0.726 2.406 19.449 
0.108  29.574 5  AA_C6A7:TLN2LCG3_BB A 6 ? B 3 ? A 7 ? B 2 ? 
1 C TLN 2 1_555 D A   7 1_555 C LCG 3 1_555 D C   6 1_555 -0.366 -1.728 3.114 -0.250 9.283  28.015 -5.118 0.674  2.432 18.543 
0.499  29.485 6  CC_TLN2LCG3:C6A7_DD C 2 ? D 7 ? C 3 ? D 6 ? 
1 C LCG 3 1_555 D C   6 1_555 C U   4 1_555 D A   5 1_555 -0.023 -1.325 3.275 -2.101 5.576  34.338 -3.036 -0.271 3.026 9.357  
3.526  34.836 7  CC_LCG3U4:A5C6_DD   C 3 ? D 6 ? C 4 ? D 5 ? 
1 C U   4 1_555 D A   5 1_555 C A   5 1_555 D U   4 1_555 -0.054 -1.327 3.002 2.570  8.277  32.992 -3.408 0.447  2.591 14.271 
-4.430 34.081 8  CC_U4A5:U4A5_DD     C 4 ? D 5 ? C 5 ? D 4 ? 
1 C A   5 1_555 D U   4 1_555 C C   6 1_555 D LCG 3 1_555 0.427  -1.134 3.121 1.348  5.886  30.829 -3.117 -0.556 2.877 10.940 
-2.505 31.400 9  CC_A5C6:LCG3U4_DD   C 5 ? D 4 ? C 6 ? D 3 ? 
1 C C   6 1_555 D LCG 3 1_555 C A   7 1_555 D TLN 2 1_555 -0.271 -1.528 3.166 -1.175 13.555 29.438 -4.830 0.305  2.270 25.057 
2.173  32.367 10 CC_C6A7:TLN2LCG3_DD C 6 ? D 3 ? C 7 ? D 2 ? 
# 
_atom_sites.entry_id                    5DHB 
_atom_sites.fract_transf_matrix[1][1]   -0.01129365 
_atom_sites.fract_transf_matrix[1][2]   0.00881285 
_atom_sites.fract_transf_matrix[1][3]   -0.01739158 
_atom_sites.fract_transf_matrix[2][1]   0.00834382 
_atom_sites.fract_transf_matrix[2][2]   0.01781455 
_atom_sites.fract_transf_matrix[2][3]   -0.01098697 
_atom_sites.fract_transf_matrix[3][1]   0.01249736 
_atom_sites.fract_transf_matrix[3][2]   -0.01579475 
_atom_sites.fract_transf_matrix[3][3]   -0.01611915 
_atom_sites.fract_transf_vector[1]      -0.167016 
_atom_sites.fract_transf_vector[2]      -0.333124 
_atom_sites.fract_transf_vector[3]      -0.004614 
# 
loop_
_atom_type.symbol 
C 
N 
O 
P 
# 
loop_
_atom_site.group_PDB 
_atom_site.id 
_atom_site.type_symbol 
_atom_site.label_atom_id 
_atom_site.label_alt_id 
_atom_site.label_comp_id 
_atom_site.label_asym_id 
_atom_site.label_entity_id 
_atom_site.label_seq_id 
_atom_site.pdbx_PDB_ins_code 
_atom_site.Cartn_x 
_atom_site.Cartn_y 
_atom_site.Cartn_z 
_atom_site.occupancy 
_atom_site.B_iso_or_equiv 
_atom_site.pdbx_formal_charge 
_atom_site.auth_seq_id 
_atom_site.auth_comp_id 
_atom_site.auth_asym_id 
_atom_site.auth_atom_id 
_atom_site.pdbx_PDB_model_num 
HETATM 1   O "O5'" . LCC A 1 1 ? 12.580  -9.325  -6.307  1.00 41.44 ? 1   LCC A "O5'" 1 
HETATM 2   C "C5'" . LCC A 1 1 ? 13.975  -8.879  -6.233  1.00 34.52 ? 1   LCC A "C5'" 1 
HETATM 3   C "C4'" . LCC A 1 1 ? 14.059  -8.043  -7.513  1.00 29.93 ? 1   LCC A "C4'" 1 
HETATM 4   O "O4'" . LCC A 1 1 ? 14.005  -8.694  -8.819  1.00 31.84 ? 1   LCC A "O4'" 1 
HETATM 5   C "C1'" . LCC A 1 1 ? 13.759  -7.704  -9.808  1.00 29.73 ? 1   LCC A "C1'" 1 
HETATM 6   N N1    . LCC A 1 1 ? 12.545  -8.079  -10.524 1.00 29.32 ? 1   LCC A N1    1 
HETATM 7   C C6    . LCC A 1 1 ? 11.744  -9.109  -10.023 1.00 31.54 ? 1   LCC A C6    1 
HETATM 8   C C5    . LCC A 1 1 ? 10.656  -9.454  -10.759 1.00 32.49 ? 1   LCC A C5    1 
HETATM 9   C C5M   . LCC A 1 1 ? 9.823   -10.469 -10.254 1.00 36.38 ? 1   LCC A C5M   1 
HETATM 10  C C4    . LCC A 1 1 ? 10.426  -8.782  -11.961 1.00 32.53 ? 1   LCC A C4    1 
HETATM 11  N N4    . LCC A 1 1 ? 9.364   -9.080  -12.717 1.00 35.15 ? 1   LCC A N4    1 
HETATM 12  N N3    . LCC A 1 1 ? 11.241  -7.858  -12.429 1.00 30.30 ? 1   LCC A N3    1 
HETATM 13  C C2    . LCC A 1 1 ? 12.297  -7.501  -11.708 1.00 31.95 ? 1   LCC A C2    1 
HETATM 14  O O2    . LCC A 1 1 ? 13.000  -6.597  -12.139 1.00 29.86 ? 1   LCC A O2    1 
HETATM 15  C "C3'" . LCC A 1 1 ? 12.995  -7.018  -7.727  1.00 33.90 ? 1   LCC A "C3'" 1 
HETATM 16  C "C2'" . LCC A 1 1 ? 13.623  -6.442  -8.950  1.00 30.48 ? 1   LCC A "C2'" 1 
HETATM 17  O "O2'" . LCC A 1 1 ? 15.041  -6.182  -8.577  1.00 32.23 ? 1   LCC A "O2'" 1 
HETATM 18  O "O3'" . LCC A 1 1 ? 13.022  -5.960  -6.670  1.00 36.97 ? 1   LCC A "O3'" 1 
HETATM 19  C "C6'" . LCC A 1 1 ? 15.384  -7.167  -7.451  1.00 32.99 ? 1   LCC A "C6'" 1 
HETATM 20  P P     . TLN A 1 2 ? 11.662  -5.001  -6.501  1.00 34.94 ? 2   TLN A P     1 
HETATM 21  O OP1   . TLN A 1 2 ? 12.198  -4.249  -5.262  1.00 39.51 ? 2   TLN A OP1   1 
HETATM 22  O OP2   . TLN A 1 2 ? 10.333  -5.556  -6.719  1.00 32.92 ? 2   TLN A OP2   1 
HETATM 23  O "O5'" . TLN A 1 2 ? 12.000  -3.978  -7.768  1.00 30.96 ? 2   TLN A "O5'" 1 
HETATM 24  C "C5'" . TLN A 1 2 ? 13.041  -3.001  -7.719  1.00 31.30 ? 2   TLN A "C5'" 1 
HETATM 25  C "C4'" . TLN A 1 2 ? 13.010  -2.294  -9.069  1.00 28.13 ? 2   TLN A "C4'" 1 
HETATM 26  O "O4'" . TLN A 1 2 ? 12.878  -3.211  -10.225 1.00 27.70 ? 2   TLN A "O4'" 1 
HETATM 27  C "C1'" . TLN A 1 2 ? 12.289  -2.422  -11.252 1.00 27.34 ? 2   TLN A "C1'" 1 
HETATM 28  N N1    . TLN A 1 2 ? 11.067  -3.109  -11.695 1.00 27.48 ? 2   TLN A N1    1 
HETATM 29  C C6    . TLN A 1 2 ? 10.557  -4.151  -11.008 1.00 27.44 ? 2   TLN A C6    1 
HETATM 30  C C5    . TLN A 1 2 ? 9.471   -4.845  -11.499 1.00 28.26 ? 2   TLN A C5    1 
HETATM 31  C C5M   . TLN A 1 2 ? 8.861   -6.023  -10.713 1.00 29.98 ? 2   TLN A C5M   1 
HETATM 32  C C4    . TLN A 1 2 ? 8.898   -4.389  -12.802 1.00 27.14 ? 2   TLN A C4    1 
HETATM 33  O O4    . TLN A 1 2 ? 7.891   -4.991  -13.290 1.00 28.01 ? 2   TLN A O4    1 
HETATM 34  N N3    . TLN A 1 2 ? 9.492   -3.381  -13.469 1.00 25.71 ? 2   TLN A N3    1 
HETATM 35  C C2    . TLN A 1 2 ? 10.535  -2.701  -12.946 1.00 26.02 ? 2   TLN A C2    1 
HETATM 36  O O2    . TLN A 1 2 ? 11.090  -1.711  -13.545 1.00 27.05 ? 2   TLN A O2    1 
HETATM 37  C "C3'" . TLN A 1 2 ? 11.803  -1.462  -9.263  1.00 28.05 ? 2   TLN A "C3'" 1 
HETATM 38  C "C2'" . TLN A 1 2 ? 12.157  -1.029  -10.659 1.00 26.83 ? 2   TLN A "C2'" 1 
HETATM 39  O "O2'" . TLN A 1 2 ? 13.486  -0.530  -10.544 1.00 28.35 ? 2   TLN A "O2'" 1 
HETATM 40  O "O3'" . TLN A 1 2 ? 11.791  -0.358  -8.324  1.00 31.18 ? 2   TLN A "O3'" 1 
HETATM 41  C "C6'" . TLN A 1 2 ? 14.053  -1.193  -9.354  1.00 27.88 ? 2   TLN A "C6'" 1 
HETATM 42  P P     . LCG A 1 3 ? 10.340  0.223   -7.691  1.00 30.38 ? 3   LCG A P     1 
HETATM 43  O OP1   . LCG A 1 3 ? 10.736  1.237   -6.623  1.00 29.43 ? 3   LCG A OP1   1 
HETATM 44  O "O5'" . LCG A 1 3 ? 9.727   1.058   -8.958  1.00 28.46 ? 3   LCG A "O5'" 1 
HETATM 45  C "C5'" . LCG A 1 3 ? 10.386  2.254   -9.474  1.00 27.02 ? 3   LCG A "C5'" 1 
HETATM 46  C "C3'" . LCG A 1 3 ? 8.253   2.620   -10.744 1.00 25.80 ? 3   LCG A "C3'" 1 
HETATM 47  C "C6'" . LCG A 1 3 ? 10.184  3.769   -11.492 1.00 30.43 ? 3   LCG A "C6'" 1 
HETATM 48  N N9    . LCG A 1 3 ? 7.962   0.211   -12.533 1.00 26.77 ? 3   LCG A N9    1 
HETATM 49  C C8    . LCG A 1 3 ? 7.915   -0.776  -11.605 1.00 25.61 ? 3   LCG A C8    1 
HETATM 50  C C4    . LCG A 1 3 ? 7.195   -0.119  -13.591 1.00 27.13 ? 3   LCG A C4    1 
HETATM 51  N N7    . LCG A 1 3 ? 7.088   -1.717  -11.980 1.00 26.09 ? 3   LCG A N7    1 
HETATM 52  C C5    . LCG A 1 3 ? 6.615   -1.300  -13.235 1.00 27.23 ? 3   LCG A C5    1 
HETATM 53  C C6    . LCG A 1 3 ? 5.725   -1.898  -14.104 1.00 27.31 ? 3   LCG A C6    1 
HETATM 54  C "C2'" . LCG A 1 3 ? 8.139   2.746   -12.220 1.00 28.01 ? 3   LCG A "C2'" 1 
HETATM 55  O O6    . LCG A 1 3 ? 5.197   -3.003  -13.854 1.00 26.44 ? 3   LCG A O6    1 
HETATM 56  C "C4'" . LCG A 1 3 ? 9.731   2.467   -10.800 1.00 26.69 ? 3   LCG A "C4'" 1 
HETATM 57  C "C1'" . LCG A 1 3 ? 8.778   1.457   -12.641 1.00 28.26 ? 3   LCG A "C1'" 1 
HETATM 58  C C2    . LCG A 1 3 ? 5.957   -0.009  -15.568 1.00 25.20 ? 3   LCG A C2    1 
HETATM 59  N N1    . LCG A 1 3 ? 5.375   -1.272  -15.308 1.00 27.87 ? 3   LCG A N1    1 
HETATM 60  O "O4'" . LCG A 1 3 ? 9.950   1.340   -11.721 1.00 28.70 ? 3   LCG A "O4'" 1 
HETATM 61  O OP2   . LCG A 1 3 ? 9.320   -0.854  -7.381  1.00 31.95 ? 3   LCG A OP2   1 
HETATM 62  N N2    . LCG A 1 3 ? 5.613   0.497   -16.743 1.00 25.10 ? 3   LCG A N2    1 
HETATM 63  N N3    . LCG A 1 3 ? 6.895   0.545   -14.745 1.00 23.73 ? 3   LCG A N3    1 
HETATM 64  O "O2'" . LCG A 1 3 ? 9.078   3.875   -12.528 1.00 29.96 ? 3   LCG A "O2'" 1 
HETATM 65  O "O3'" . LCG A 1 3 ? 7.956   3.863   -10.101 1.00 29.35 ? 3   LCG A "O3'" 1 
ATOM   66  P P     . U   A 1 4 ? 6.505   3.889   -9.315  1.00 31.58 ? 4   U   A P     1 
ATOM   67  O OP1   . U   A 1 4 ? 6.607   5.009   -8.351  1.00 32.85 ? 4   U   A OP1   1 
ATOM   68  O OP2   . U   A 1 4 ? 6.003   2.566   -8.829  1.00 32.75 ? 4   U   A OP2   1 
ATOM   69  O "O5'" . U   A 1 4 ? 5.534   4.351   -10.502 1.00 30.48 ? 4   U   A "O5'" 1 
ATOM   70  C "C5'" . U   A 1 4 ? 5.828   5.510   -11.281 1.00 27.65 ? 4   U   A "C5'" 1 
ATOM   71  C "C4'" . U   A 1 4 ? 4.992   5.545   -12.541 1.00 25.07 ? 4   U   A "C4'" 1 
ATOM   72  O "O4'" . U   A 1 4 ? 5.375   4.426   -13.413 1.00 25.22 ? 4   U   A "O4'" 1 
ATOM   73  C "C3'" . U   A 1 4 ? 3.487   5.386   -12.368 1.00 26.50 ? 4   U   A "C3'" 1 
ATOM   74  O "O3'" . U   A 1 4 ? 2.811   6.604   -12.043 1.00 29.72 ? 4   U   A "O3'" 1 
ATOM   75  C "C2'" . U   A 1 4 ? 3.096   4.909   -13.745 1.00 26.23 ? 4   U   A "C2'" 1 
ATOM   76  O "O2'" . U   A 1 4 ? 3.102   5.977   -14.661 1.00 26.34 ? 4   U   A "O2'" 1 
ATOM   77  C "C1'" . U   A 1 4 ? 4.216   3.911   -14.027 1.00 26.07 ? 4   U   A "C1'" 1 
ATOM   78  N N1    . U   A 1 4 ? 3.950   2.559   -13.508 1.00 26.85 ? 4   U   A N1    1 
ATOM   79  C C2    . U   A 1 4 ? 3.153   1.747   -14.290 1.00 29.89 ? 4   U   A C2    1 
ATOM   80  O O2    . U   A 1 4 ? 2.625   2.140   -15.321 1.00 31.28 ? 4   U   A O2    1 
ATOM   81  N N3    . U   A 1 4 ? 2.948   0.486   -13.785 1.00 28.03 ? 4   U   A N3    1 
ATOM   82  C C4    . U   A 1 4 ? 3.437   -0.028  -12.599 1.00 26.47 ? 4   U   A C4    1 
ATOM   83  O O4    . U   A 1 4 ? 3.188   -1.197  -12.285 1.00 26.98 ? 4   U   A O4    1 
ATOM   84  C C5    . U   A 1 4 ? 4.229   0.885   -11.843 1.00 27.70 ? 4   U   A C5    1 
ATOM   85  C C6    . U   A 1 4 ? 4.478   2.102   -12.326 1.00 27.56 ? 4   U   A C6    1 
ATOM   86  P P     . A   A 1 5 ? 1.352   6.584   -11.240 1.00 32.66 ? 5   A   A P     1 
ATOM   87  O OP1   . A   A 1 5 ? 0.976   7.994   -10.933 1.00 36.39 ? 5   A   A OP1   1 
ATOM   88  O OP2   . A   A 1 5 ? 1.337   5.519   -10.182 1.00 31.84 ? 5   A   A OP2   1 
ATOM   89  O "O5'" . A   A 1 5 ? 0.336   6.079   -12.351 1.00 31.58 ? 5   A   A "O5'" 1 
ATOM   90  C "C5'" . A   A 1 5 ? 0.068   6.855   -13.531 1.00 34.58 ? 5   A   A "C5'" 1 
ATOM   91  C "C4'" . A   A 1 5 ? -0.817  6.051   -14.448 1.00 31.99 ? 5   A   A "C4'" 1 
ATOM   92  O "O4'" . A   A 1 5 ? -0.134  4.841   -14.887 1.00 29.32 ? 5   A   A "O4'" 1 
ATOM   93  C "C3'" . A   A 1 5 ? -2.096  5.527   -13.794 1.00 33.65 ? 5   A   A "C3'" 1 
ATOM   94  O "O3'" . A   A 1 5 ? -3.046  6.569   -13.782 1.00 38.93 ? 5   A   A "O3'" 1 
ATOM   95  C "C2'" . A   A 1 5 ? -2.454  4.372   -14.707 1.00 33.55 ? 5   A   A "C2'" 1 
ATOM   96  O "O2'" . A   A 1 5 ? -2.978  4.727   -15.965 1.00 36.27 ? 5   A   A "O2'" 1 
ATOM   97  C "C1'" . A   A 1 5 ? -1.073  3.774   -14.961 1.00 31.45 ? 5   A   A "C1'" 1 
ATOM   98  N N9    . A   A 1 5 ? -0.697  2.762   -13.974 1.00 27.55 ? 5   A   A N9    1 
ATOM   99  C C8    . A   A 1 5 ? 0.111   2.919   -12.881 1.00 23.42 ? 5   A   A C8    1 
ATOM   100 N N7    . A   A 1 5 ? 0.288   1.821   -12.194 1.00 27.05 ? 5   A   A N7    1 
ATOM   101 C C5    . A   A 1 5 ? -0.474  0.880   -12.869 1.00 27.23 ? 5   A   A C5    1 
ATOM   102 C C6    . A   A 1 5 ? -0.683  -0.490  -12.655 1.00 29.75 ? 5   A   A C6    1 
ATOM   103 N N6    . A   A 1 5 ? -0.142  -1.156  -11.647 1.00 26.99 ? 5   A   A N6    1 
ATOM   104 N N1    . A   A 1 5 ? -1.479  -1.150  -13.521 1.00 27.74 ? 5   A   A N1    1 
ATOM   105 C C2    . A   A 1 5 ? -2.024  -0.466  -14.535 1.00 27.72 ? 5   A   A C2    1 
ATOM   106 N N3    . A   A 1 5 ? -1.890  0.824   -14.851 1.00 30.17 ? 5   A   A N3    1 
ATOM   107 C C4    . A   A 1 5 ? -1.073  1.440   -13.977 1.00 26.79 ? 5   A   A C4    1 
ATOM   108 P P     . C   A 1 6 ? -4.132  6.707   -12.559 1.00 39.49 ? 6   C   A P     1 
ATOM   109 O OP1   . C   A 1 6 ? -4.861  8.003   -12.798 1.00 46.92 ? 6   C   A OP1   1 
ATOM   110 O OP2   . C   A 1 6 ? -3.501  6.429   -11.267 1.00 40.00 ? 6   C   A OP2   1 
ATOM   111 O "O5'" . C   A 1 6 ? -5.077  5.440   -12.800 1.00 39.85 ? 6   C   A "O5'" 1 
ATOM   112 C "C5'" . C   A 1 6 ? -5.807  5.333   -14.043 1.00 39.78 ? 6   C   A "C5'" 1 
ATOM   113 C "C4'" . C   A 1 6 ? -6.436  3.979   -14.228 1.00 40.44 ? 6   C   A "C4'" 1 
ATOM   114 O "O4'" . C   A 1 6 ? -5.430  2.964   -14.490 1.00 37.56 ? 6   C   A "O4'" 1 
ATOM   115 C "C3'" . C   A 1 6 ? -7.228  3.440   -13.050 1.00 41.99 ? 6   C   A "C3'" 1 
ATOM   116 O "O3'" . C   A 1 6 ? -8.545  3.967   -12.966 1.00 47.10 ? 6   C   A "O3'" 1 
ATOM   117 C "C2'" . C   A 1 6 ? -7.254  1.958   -13.357 1.00 42.28 ? 6   C   A "C2'" 1 
ATOM   118 O "O2'" . C   A 1 6 ? -8.104  1.508   -14.376 1.00 45.10 ? 6   C   A "O2'" 1 
ATOM   119 C "C1'" . C   A 1 6 ? -5.840  1.751   -13.879 1.00 41.07 ? 6   C   A "C1'" 1 
ATOM   120 N N1    . C   A 1 6 ? -4.930  1.425   -12.779 1.00 33.79 ? 6   C   A N1    1 
ATOM   121 C C2    . C   A 1 6 ? -4.826  0.089   -12.393 1.00 37.62 ? 6   C   A C2    1 
ATOM   122 O O2    . C   A 1 6 ? -5.531  -0.759  -12.967 1.00 38.16 ? 6   C   A O2    1 
ATOM   123 N N3    . C   A 1 6 ? -3.972  -0.247  -11.404 1.00 32.20 ? 6   C   A N3    1 
ATOM   124 C C4    . C   A 1 6 ? -3.290  0.701   -10.761 1.00 31.85 ? 6   C   A C4    1 
ATOM   125 N N4    . C   A 1 6 ? -2.455  0.317   -9.789  1.00 32.44 ? 6   C   A N4    1 
ATOM   126 C C5    . C   A 1 6 ? -3.377  2.074   -11.133 1.00 31.29 ? 6   C   A C5    1 
ATOM   127 C C6    . C   A 1 6 ? -4.202  2.388   -12.139 1.00 34.99 ? 6   C   A C6    1 
ATOM   128 P P     . A   A 1 7 ? -9.281  4.103   -11.549 1.00 48.36 ? 7   A   A P     1 
ATOM   129 O OP1   . A   A 1 7 ? -10.505 4.918   -11.789 1.00 59.15 ? 7   A   A OP1   1 
ATOM   130 O OP2   . A   A 1 7 ? -8.312  4.522   -10.510 1.00 43.42 ? 7   A   A OP2   1 
ATOM   131 O "O5'" . A   A 1 7 ? -9.569  2.594   -11.113 1.00 44.05 ? 7   A   A "O5'" 1 
ATOM   132 C "C5'" . A   A 1 7 ? -10.449 1.774   -11.887 1.00 48.70 ? 7   A   A "C5'" 1 
ATOM   133 C "C4'" . A   A 1 7 ? -10.459 0.383   -11.335 1.00 50.56 ? 7   A   A "C4'" 1 
ATOM   134 O "O4'" . A   A 1 7 ? -9.125  -0.177  -11.461 1.00 45.43 ? 7   A   A "O4'" 1 
ATOM   135 C "C3'" . A   A 1 7 ? -10.756 0.247   -9.841  1.00 46.36 ? 7   A   A "C3'" 1 
ATOM   136 O "O3'" . A   A 1 7 ? -12.130 0.289   -9.510  1.00 47.27 ? 7   A   A "O3'" 1 
ATOM   137 C "C2'" . A   A 1 7 ? -10.180 -1.124  -9.557  1.00 44.90 ? 7   A   A "C2'" 1 
ATOM   138 O "O2'" . A   A 1 7 ? -11.039 -2.124  -10.078 1.00 45.33 ? 7   A   A "O2'" 1 
ATOM   139 C "C1'" . A   A 1 7 ? -8.895  -1.069  -10.383 1.00 43.69 ? 7   A   A "C1'" 1 
ATOM   140 N N9    . A   A 1 7 ? -7.710  -0.629  -9.644  1.00 39.13 ? 7   A   A N9    1 
ATOM   141 C C8    . A   A 1 7 ? -7.115  0.606   -9.538  1.00 36.90 ? 7   A   A C8    1 
ATOM   142 N N7    . A   A 1 7 ? -6.028  0.607   -8.802  1.00 35.98 ? 7   A   A N7    1 
ATOM   143 C C5    . A   A 1 7 ? -5.913  -0.713  -8.381  1.00 37.44 ? 7   A   A C5    1 
ATOM   144 C C6    . A   A 1 7 ? -4.979  -1.364  -7.569  1.00 32.15 ? 7   A   A C6    1 
ATOM   145 N N6    . A   A 1 7 ? -3.946  -0.748  -7.004  1.00 33.21 ? 7   A   A N6    1 
ATOM   146 N N1    . A   A 1 7 ? -5.160  -2.683  -7.330  1.00 33.01 ? 7   A   A N1    1 
ATOM   147 C C2    . A   A 1 7 ? -6.227  -3.292  -7.863  1.00 34.83 ? 7   A   A C2    1 
ATOM   148 N N3    . A   A 1 7 ? -7.157  -2.795  -8.669  1.00 35.32 ? 7   A   A N3    1 
ATOM   149 C C4    . A   A 1 7 ? -6.949  -1.480  -8.880  1.00 37.43 ? 7   A   A C4    1 
HETATM 150 O "O5'" . LCC B 1 1 ? 1.342   -6.724  2.065   1.00 36.89 ? 1   LCC B "O5'" 1 
HETATM 151 C "C5'" . LCC B 1 1 ? 0.482   -7.777  2.603   1.00 32.44 ? 1   LCC B "C5'" 1 
HETATM 152 C "C4'" . LCC B 1 1 ? -0.813  -7.718  1.736   1.00 32.89 ? 1   LCC B "C4'" 1 
HETATM 153 O "O4'" . LCC B 1 1 ? -1.471  -6.432  1.863   1.00 34.77 ? 1   LCC B "O4'" 1 
HETATM 154 C "C1'" . LCC B 1 1 ? -2.361  -6.388  0.737   1.00 32.02 ? 1   LCC B "C1'" 1 
HETATM 155 N N1    . LCC B 1 1 ? -2.083  -5.145  0.013   1.00 31.37 ? 1   LCC B N1    1 
HETATM 156 C C6    . LCC B 1 1 ? -0.883  -4.470  0.278   1.00 34.01 ? 1   LCC B C6    1 
HETATM 157 C C5    . LCC B 1 1 ? -0.635  -3.264  -0.357  1.00 34.43 ? 1   LCC B C5    1 
HETATM 158 C C5M   . LCC B 1 1 ? 0.597   -2.599  -0.111  1.00 42.00 ? 1   LCC B C5M   1 
HETATM 159 C C4    . LCC B 1 1 ? -1.600  -2.806  -1.244  1.00 36.57 ? 1   LCC B C4    1 
HETATM 160 N N4    . LCC B 1 1 ? -1.356  -1.630  -1.875  1.00 38.22 ? 1   LCC B N4    1 
HETATM 161 N N3    . LCC B 1 1 ? -2.759  -3.487  -1.429  1.00 30.70 ? 1   LCC B N3    1 
HETATM 162 C C2    . LCC B 1 1 ? -3.007  -4.683  -0.822  1.00 31.87 ? 1   LCC B C2    1 
HETATM 163 O O2    . LCC B 1 1 ? -4.041  -5.371  -0.989  1.00 32.29 ? 1   LCC B O2    1 
HETATM 164 C "C3'" . LCC B 1 1 ? -0.634  -7.745  0.221   1.00 31.77 ? 1   LCC B "C3'" 1 
HETATM 165 C "C2'" . LCC B 1 1 ? -2.095  -7.622  -0.021  1.00 32.35 ? 1   LCC B "C2'" 1 
HETATM 166 O "O2'" . LCC B 1 1 ? -2.719  -8.745  0.753   1.00 34.20 ? 1   LCC B "O2'" 1 
HETATM 167 O "O3'" . LCC B 1 1 ? -0.156  -9.051  -0.290  1.00 36.35 ? 1   LCC B "O3'" 1 
HETATM 168 C "C6'" . LCC B 1 1 ? -1.824  -8.846  1.996   1.00 31.79 ? 1   LCC B "C6'" 1 
HETATM 169 P P     . TLN B 1 2 ? 0.541   -9.184  -1.824  1.00 39.21 ? 2   TLN B P     1 
HETATM 170 O OP1   . TLN B 1 2 ? 0.785   -10.659 -1.691  1.00 40.52 ? 2   TLN B OP1   1 
HETATM 171 O OP2   . TLN B 1 2 ? 1.467   -7.991  -1.898  1.00 42.09 ? 2   TLN B OP2   1 
HETATM 172 O "O5'" . TLN B 1 2 ? -0.785  -9.150  -2.681  1.00 37.03 ? 2   TLN B "O5'" 1 
HETATM 173 C "C5'" . TLN B 1 2 ? -1.858  -10.065 -2.552  1.00 36.87 ? 2   TLN B "C5'" 1 
HETATM 174 C "C4'" . TLN B 1 2 ? -3.000  -9.500  -3.402  1.00 34.35 ? 2   TLN B "C4'" 1 
HETATM 175 O "O4'" . TLN B 1 2 ? -3.391  -8.165  -3.059  1.00 36.31 ? 2   TLN B "O4'" 1 
HETATM 176 C "C1'" . TLN B 1 2 ? -4.001  -7.709  -4.276  1.00 36.33 ? 2   TLN B "C1'" 1 
HETATM 177 N N1    . TLN B 1 2 ? -3.388  -6.456  -4.653  1.00 33.58 ? 2   TLN B N1    1 
HETATM 178 C C6    . TLN B 1 2 ? -2.190  -6.080  -4.118  1.00 34.92 ? 2   TLN B C6    1 
HETATM 179 C C5    . TLN B 1 2 ? -1.673  -4.833  -4.436  1.00 33.30 ? 2   TLN B C5    1 
HETATM 180 C C5M   . TLN B 1 2 ? -0.345  -4.402  -3.860  1.00 34.52 ? 2   TLN B C5M   1 
HETATM 181 C C4    . TLN B 1 2 ? -2.490  -3.978  -5.345  1.00 34.11 ? 2   TLN B C4    1 
HETATM 182 O O4    . TLN B 1 2 ? -2.085  -2.850  -5.654  1.00 32.93 ? 2   TLN B O4    1 
HETATM 183 N N3    . TLN B 1 2 ? -3.685  -4.401  -5.820  1.00 31.52 ? 2   TLN B N3    1 
HETATM 184 C C2    . TLN B 1 2 ? -4.163  -5.611  -5.512  1.00 32.82 ? 2   TLN B C2    1 
HETATM 185 O O2    . TLN B 1 2 ? -5.261  -6.037  -5.992  1.00 33.21 ? 2   TLN B O2    1 
HETATM 186 C "C3'" . TLN B 1 2 ? -2.581  -9.274  -4.835  1.00 35.48 ? 2   TLN B "C3'" 1 
HETATM 187 C "C2'" . TLN B 1 2 ? -3.931  -8.840  -5.278  1.00 36.19 ? 2   TLN B "C2'" 1 
HETATM 188 O "O2'" . TLN B 1 2 ? -4.823  -9.879  -4.820  1.00 34.56 ? 2   TLN B "O2'" 1 
HETATM 189 O "O3'" . TLN B 1 2 ? -2.192  -10.560 -5.441  1.00 44.15 ? 2   TLN B "O3'" 1 
HETATM 190 C "C6'" . TLN B 1 2 ? -4.300  -10.377 -3.546  1.00 33.21 ? 2   TLN B "C6'" 1 
HETATM 191 P P     . LCG B 1 3 ? -1.683  -10.833 -7.050  1.00 40.82 ? 3   LCG B P     1 
HETATM 192 O OP1   . LCG B 1 3 ? -1.590  -12.284 -7.203  1.00 44.45 ? 3   LCG B OP1   1 
HETATM 193 O "O5'" . LCG B 1 3 ? -2.792  -10.234 -8.016  1.00 34.96 ? 3   LCG B "O5'" 1 
HETATM 194 C "C5'" . LCG B 1 3 ? -3.990  -10.949 -8.307  1.00 38.29 ? 3   LCG B "C5'" 1 
HETATM 195 C "C3'" . LCG B 1 3 ? -4.168  -9.559  -10.282 1.00 39.07 ? 3   LCG B "C3'" 1 
HETATM 196 C "C6'" . LCG B 1 3 ? -6.176  -10.430 -9.434  1.00 39.77 ? 3   LCG B "C6'" 1 
HETATM 197 N N9    . LCG B 1 3 ? -4.176  -6.668  -9.340  1.00 35.56 ? 3   LCG B N9    1 
HETATM 198 C C8    . LCG B 1 3 ? -3.051  -6.681  -8.594  1.00 33.57 ? 3   LCG B C8    1 
HETATM 199 C C4    . LCG B 1 3 ? -4.353  -5.464  -9.884  1.00 34.92 ? 3   LCG B C4    1 
HETATM 200 N N7    . LCG B 1 3 ? -2.488  -5.471  -8.705  1.00 32.45 ? 3   LCG B N7    1 
HETATM 201 C C5    . LCG B 1 3 ? -3.270  -4.706  -9.489  1.00 31.76 ? 3   LCG B C5    1 
HETATM 202 C C6    . LCG B 1 3 ? -3.177  -3.417  -9.902  1.00 30.60 ? 3   LCG B C6    1 
HETATM 203 C "C2'" . LCG B 1 3 ? -5.273  -8.606  -10.683 1.00 37.69 ? 3   LCG B "C2'" 1 
HETATM 204 O O6    . LCG B 1 3 ? -2.265  -2.690  -9.566  1.00 28.56 ? 3   LCG B O6    1 
HETATM 205 C "C4'" . LCG B 1 3 ? -4.779  -9.925  -9.017  1.00 36.15 ? 3   LCG B "C4'" 1 
HETATM 206 C "C1'" . LCG B 1 3 ? -5.275  -7.710  -9.507  1.00 36.38 ? 3   LCG B "C1'" 1 
HETATM 207 C C2    . LCG B 1 3 ? -5.242  -3.708  -11.107 1.00 32.04 ? 3   LCG B C2    1 
HETATM 208 N N1    . LCG B 1 3 ? -4.139  -2.900  -10.711 1.00 32.27 ? 3   LCG B N1    1 
HETATM 209 O "O4'" . LCG B 1 3 ? -4.965  -8.638  -8.381  1.00 37.97 ? 3   LCG B "O4'" 1 
HETATM 210 O OP2   . LCG B 1 3 ? -0.472  -9.996  -7.042  1.00 42.60 ? 3   LCG B OP2   1 
HETATM 211 N N2    . LCG B 1 3 ? -6.154  -3.157  -11.877 1.00 33.71 ? 3   LCG B N2    1 
HETATM 212 N N3    . LCG B 1 3 ? -5.339  -5.002  -10.710 1.00 30.04 ? 3   LCG B N3    1 
HETATM 213 O "O2'" . LCG B 1 3 ? -6.463  -9.459  -10.587 1.00 39.47 ? 3   LCG B "O2'" 1 
HETATM 214 O "O3'" . LCG B 1 3 ? -4.063  -10.720 -11.183 1.00 40.32 ? 3   LCG B "O3'" 1 
ATOM   215 P P     . U   B 1 4 ? -2.883  -10.675 -12.388 1.00 40.91 ? 4   U   B P     1 
ATOM   216 O OP1   . U   B 1 4 ? -2.942  -12.049 -12.979 1.00 44.47 ? 4   U   B OP1   1 
ATOM   217 O OP2   . U   B 1 4 ? -1.569  -10.221 -11.844 1.00 35.60 ? 4   U   B OP2   1 
ATOM   218 O "O5'" . U   B 1 4 ? -3.390  -9.586  -13.427 1.00 35.84 ? 4   U   B "O5'" 1 
ATOM   219 C "C5'" . U   B 1 4 ? -4.691  -9.681  -14.025 1.00 42.02 ? 4   U   B "C5'" 1 
ATOM   220 C "C4'" . U   B 1 4 ? -5.003  -8.445  -14.813 1.00 39.85 ? 4   U   B "C4'" 1 
ATOM   221 O "O4'" . U   B 1 4 ? -5.194  -7.317  -13.919 1.00 40.75 ? 4   U   B "O4'" 1 
ATOM   222 C "C3'" . U   B 1 4 ? -3.946  -7.947  -15.783 1.00 35.72 ? 4   U   B "C3'" 1 
ATOM   223 O "O3'" . U   B 1 4 ? -3.935  -8.677  -17.001 1.00 38.72 ? 4   U   B "O3'" 1 
ATOM   224 C "C2'" . U   B 1 4 ? -4.413  -6.518  -15.996 1.00 36.27 ? 4   U   B "C2'" 1 
ATOM   225 O "O2'" . U   B 1 4 ? -5.563  -6.295  -16.789 1.00 37.84 ? 4   U   B "O2'" 1 
ATOM   226 C "C1'" . U   B 1 4 ? -4.754  -6.121  -14.565 1.00 36.83 ? 4   U   B "C1'" 1 
ATOM   227 N N1    . U   B 1 4 ? -3.597  -5.592  -13.819 1.00 31.47 ? 4   U   B N1    1 
ATOM   228 C C2    . U   B 1 4 ? -3.242  -4.259  -13.987 1.00 28.77 ? 4   U   B C2    1 
ATOM   229 O O2    . U   B 1 4 ? -3.784  -3.513  -14.807 1.00 32.85 ? 4   U   B O2    1 
ATOM   230 N N3    . U   B 1 4 ? -2.149  -3.868  -13.253 1.00 30.25 ? 4   U   B N3    1 
ATOM   231 C C4    . U   B 1 4 ? -1.399  -4.641  -12.390 1.00 28.46 ? 4   U   B C4    1 
ATOM   232 O O4    . U   B 1 4 ? -0.439  -4.139  -11.795 1.00 28.29 ? 4   U   B O4    1 
ATOM   233 C C5    . U   B 1 4 ? -1.862  -5.993  -12.244 1.00 30.13 ? 4   U   B C5    1 
ATOM   234 C C6    . U   B 1 4 ? -2.913  -6.408  -12.946 1.00 30.51 ? 4   U   B C6    1 
ATOM   235 P P     . A   B 1 5 ? -2.577  -8.797  -17.860 1.00 39.83 ? 5   A   B P     1 
ATOM   236 O OP1   . A   B 1 5 ? -2.888  -9.611  -19.073 1.00 51.89 ? 5   A   B OP1   1 
ATOM   237 O OP2   . A   B 1 5 ? -1.444  -9.157  -16.986 1.00 36.48 ? 5   A   B OP2   1 
ATOM   238 O "O5'" . A   B 1 5 ? -2.356  -7.316  -18.409 1.00 36.30 ? 5   A   B "O5'" 1 
ATOM   239 C "C5'" . A   B 1 5 ? -3.248  -6.800  -19.400 1.00 36.43 ? 5   A   B "C5'" 1 
ATOM   240 C "C4'" . A   B 1 5 ? -2.883  -5.373  -19.688 1.00 34.29 ? 5   A   B "C4'" 1 
ATOM   241 O "O4'" . A   B 1 5 ? -2.999  -4.581  -18.483 1.00 36.00 ? 5   A   B "O4'" 1 
ATOM   242 C "C3'" . A   B 1 5 ? -1.448  -5.127  -20.130 1.00 32.07 ? 5   A   B "C3'" 1 
ATOM   243 O "O3'" . A   B 1 5 ? -1.258  -5.482  -21.493 1.00 33.82 ? 5   A   B "O3'" 1 
ATOM   244 C "C2'" . A   B 1 5 ? -1.333  -3.645  -19.881 1.00 33.91 ? 5   A   B "C2'" 1 
ATOM   245 O "O2'" . A   B 1 5 ? -2.038  -2.851  -20.819 1.00 34.20 ? 5   A   B "O2'" 1 
ATOM   246 C "C1'" . A   B 1 5 ? -1.997  -3.556  -18.506 1.00 35.29 ? 5   A   B "C1'" 1 
ATOM   247 N N9    . A   B 1 5 ? -1.100  -3.760  -17.363 1.00 29.58 ? 5   A   B N9    1 
ATOM   248 C C8    . A   B 1 5 ? -0.858  -4.918  -16.660 1.00 29.52 ? 5   A   B C8    1 
ATOM   249 N N7    . A   B 1 5 ? -0.015  -4.766  -15.669 1.00 29.29 ? 5   A   B N7    1 
ATOM   250 C C5    . A   B 1 5 ? 0.302   -3.413  -15.709 1.00 28.51 ? 5   A   B C5    1 
ATOM   251 C C6    . A   B 1 5 ? 1.116   -2.608  -14.893 1.00 28.37 ? 5   A   B C6    1 
ATOM   252 N N6    . A   B 1 5 ? 1.789   -3.071  -13.840 1.00 27.94 ? 5   A   B N6    1 
ATOM   253 N N1    . A   B 1 5 ? 1.236   -1.299  -15.217 1.00 28.06 ? 5   A   B N1    1 
ATOM   254 C C2    . A   B 1 5 ? 0.567   -0.838  -16.284 1.00 28.83 ? 5   A   B C2    1 
ATOM   255 N N3    . A   B 1 5 ? -0.255  -1.488  -17.106 1.00 29.30 ? 5   A   B N3    1 
ATOM   256 C C4    . A   B 1 5 ? -0.360  -2.783  -16.745 1.00 27.37 ? 5   A   B C4    1 
ATOM   257 P P     . C   B 1 6 ? 0.144   -6.059  -21.982 1.00 36.39 ? 6   C   B P     1 
ATOM   258 O OP1   . C   B 1 6 ? -0.057  -6.521  -23.404 1.00 40.99 ? 6   C   B OP1   1 
ATOM   259 O OP2   . C   B 1 6 ? 0.770   -6.966  -20.954 1.00 32.61 ? 6   C   B OP2   1 
ATOM   260 O "O5'" . C   B 1 6 ? 1.077   -4.754  -21.952 1.00 30.08 ? 6   C   B "O5'" 1 
ATOM   261 C "C5'" . C   B 1 6 ? 0.873   -3.695  -22.885 1.00 30.35 ? 6   C   B "C5'" 1 
ATOM   262 C "C4'" . C   B 1 6 ? 1.528   -2.448  -22.374 1.00 29.81 ? 6   C   B "C4'" 1 
ATOM   263 O "O4'" . C   B 1 6 ? 1.125   -2.189  -20.998 1.00 30.50 ? 6   C   B "O4'" 1 
ATOM   264 C "C3'" . C   B 1 6 ? 3.046   -2.505  -22.292 1.00 30.83 ? 6   C   B "C3'" 1 
ATOM   265 O "O3'" . C   B 1 6 ? 3.669   -2.367  -23.562 1.00 30.97 ? 6   C   B "O3'" 1 
ATOM   266 C "C2'" . C   B 1 6 ? 3.325   -1.347  -21.350 1.00 27.10 ? 6   C   B "C2'" 1 
ATOM   267 O "O2'" . C   B 1 6 ? 3.175   -0.072  -21.934 1.00 25.57 ? 6   C   B "O2'" 1 
ATOM   268 C "C1'" . C   B 1 6 ? 2.208   -1.556  -20.321 1.00 29.90 ? 6   C   B "C1'" 1 
ATOM   269 N N1    . C   B 1 6 ? 2.625   -2.387  -19.191 1.00 27.46 ? 6   C   B N1    1 
ATOM   270 C C2    . C   B 1 6 ? 3.386   -1.793  -18.169 1.00 29.46 ? 6   C   B C2    1 
ATOM   271 O O2    . C   B 1 6 ? 3.650   -0.577  -18.240 1.00 31.74 ? 6   C   B O2    1 
ATOM   272 N N3    . C   B 1 6 ? 3.735   -2.538  -17.095 1.00 27.19 ? 6   C   B N3    1 
ATOM   273 C C4    . C   B 1 6 ? 3.459   -3.844  -17.075 1.00 29.02 ? 6   C   B C4    1 
ATOM   274 N N4    . C   B 1 6 ? 3.878   -4.558  -16.033 1.00 27.53 ? 6   C   B N4    1 
ATOM   275 C C5    . C   B 1 6 ? 2.747   -4.487  -18.137 1.00 27.73 ? 6   C   B C5    1 
ATOM   276 C C6    . C   B 1 6 ? 2.360   -3.729  -19.165 1.00 27.32 ? 6   C   B C6    1 
ATOM   277 P P     . A   B 1 7 ? 5.015   -3.169  -23.914 1.00 31.32 ? 7   A   B P     1 
ATOM   278 O OP1   . A   B 1 7 ? 5.209   -3.162  -25.411 1.00 32.56 ? 7   A   B OP1   1 
ATOM   279 O OP2   . A   B 1 7 ? 5.033   -4.427  -23.204 1.00 29.09 ? 7   A   B OP2   1 
ATOM   280 O "O5'" . A   B 1 7 ? 6.178   -2.274  -23.280 1.00 29.14 ? 7   A   B "O5'" 1 
ATOM   281 C "C5'" . A   B 1 7 ? 6.419   -0.907  -23.706 1.00 27.34 ? 7   A   B "C5'" 1 
ATOM   282 C "C4'" . A   B 1 7 ? 7.345   -0.195  -22.721 1.00 27.97 ? 7   A   B "C4'" 1 
ATOM   283 O "O4'" . A   B 1 7 ? 6.715   -0.152  -21.392 1.00 26.38 ? 7   A   B "O4'" 1 
ATOM   284 C "C3'" . A   B 1 7 ? 8.686   -0.892  -22.453 1.00 28.02 ? 7   A   B "C3'" 1 
ATOM   285 O "O3'" . A   B 1 7 ? 9.702   -0.801  -23.462 1.00 29.95 ? 7   A   B "O3'" 1 
ATOM   286 C "C2'" . A   B 1 7 ? 9.064   -0.302  -21.110 1.00 28.31 ? 7   A   B "C2'" 1 
ATOM   287 O "O2'" . A   B 1 7 ? 9.691   0.955   -21.254 1.00 31.01 ? 7   A   B "O2'" 1 
ATOM   288 C "C1'" . A   B 1 7 ? 7.711   -0.293  -20.392 1.00 24.84 ? 7   A   B "C1'" 1 
ATOM   289 N N9    . A   B 1 7 ? 7.402   -1.497  -19.623 1.00 27.06 ? 7   A   B N9    1 
ATOM   290 C C8    . A   B 1 7 ? 6.608   -2.574  -19.947 1.00 27.03 ? 7   A   B C8    1 
ATOM   291 N N7    . A   B 1 7 ? 6.507   -3.469  -18.987 1.00 28.98 ? 7   A   B N7    1 
ATOM   292 C C5    . A   B 1 7 ? 7.289   -2.943  -17.959 1.00 26.45 ? 7   A   B C5    1 
ATOM   293 C C6    . A   B 1 7 ? 7.578   -3.396  -16.655 1.00 25.94 ? 7   A   B C6    1 
ATOM   294 N N6    . A   B 1 7 ? 7.129   -4.552  -16.153 1.00 25.29 ? 7   A   B N6    1 
ATOM   295 N N1    . A   B 1 7 ? 8.424   -2.647  -15.900 1.00 22.79 ? 7   A   B N1    1 
ATOM   296 C C2    . A   B 1 7 ? 8.865   -1.482  -16.397 1.00 26.66 ? 7   A   B C2    1 
ATOM   297 N N3    . A   B 1 7 ? 8.643   -0.937  -17.597 1.00 25.46 ? 7   A   B N3    1 
ATOM   298 C C4    . A   B 1 7 ? 7.844   -1.729  -18.339 1.00 28.52 ? 7   A   B C4    1 
HETATM 299 O "O5'" . LCC C 1 1 ? -7.454  14.301  5.667   1.00 33.59 ? 1   LCC C "O5'" 1 
HETATM 300 C "C5'" . LCC C 1 1 ? -6.706  15.478  5.214   1.00 32.16 ? 1   LCC C "C5'" 1 
HETATM 301 C "C4'" . LCC C 1 1 ? -5.522  15.603  6.225   1.00 31.60 ? 1   LCC C "C4'" 1 
HETATM 302 O "O4'" . LCC C 1 1 ? -5.994  15.767  7.595   1.00 32.84 ? 1   LCC C "O4'" 1 
HETATM 303 C "C1'" . LCC C 1 1 ? -4.911  15.396  8.438   1.00 31.31 ? 1   LCC C "C1'" 1 
HETATM 304 N N1    . LCC C 1 1 ? -5.325  14.385  9.399   1.00 30.19 ? 1   LCC C N1    1 
HETATM 305 C C6    . LCC C 1 1 ? -6.521  13.695  9.161   1.00 33.39 ? 1   LCC C C6    1 
HETATM 306 C C5    . LCC C 1 1 ? -6.976  12.771  10.067  1.00 34.55 ? 1   LCC C C5    1 
HETATM 307 C C5M   . LCC C 1 1 ? -8.174  12.071  9.799   1.00 42.14 ? 1   LCC C C5M   1 
HETATM 308 C C4    . LCC C 1 1 ? -6.195  12.566  11.193  1.00 35.09 ? 1   LCC C C4    1 
HETATM 309 N N4    . LCC C 1 1 ? -6.621  11.641  12.077  1.00 37.74 ? 1   LCC C N4    1 
HETATM 310 N N3    . LCC C 1 1 ? -5.061  13.285  11.399  1.00 30.50 ? 1   LCC C N3    1 
HETATM 311 C C2    . LCC C 1 1 ? -4.595  14.187  10.500  1.00 30.09 ? 1   LCC C C2    1 
HETATM 312 O O2    . LCC C 1 1 ? -3.531  14.822  10.658  1.00 32.29 ? 1   LCC C O2    1 
HETATM 313 C "C3'" . LCC C 1 1 ? -4.677  14.361  6.454   1.00 31.22 ? 1   LCC C "C3'" 1 
HETATM 314 C "C2'" . LCC C 1 1 ? -3.855  14.993  7.493   1.00 33.22 ? 1   LCC C "C2'" 1 
HETATM 315 O "O2'" . LCC C 1 1 ? -3.364  16.247  6.859   1.00 33.48 ? 1   LCC C "O2'" 1 
HETATM 316 O "O3'" . LCC C 1 1 ? -3.827  13.969  5.278   1.00 35.30 ? 1   LCC C "O3'" 1 
HETATM 317 C "C6'" . LCC C 1 1 ? -4.477  16.681  5.894   1.00 32.57 ? 1   LCC C "C6'" 1 
HETATM 318 P P     . TLN C 1 2 ? -3.175  12.431  5.177   1.00 38.69 ? 2   TLN C P     1 
HETATM 319 O OP1   . TLN C 1 2 ? -2.602  12.757  3.837   1.00 37.15 ? 2   TLN C OP1   1 
HETATM 320 O OP2   . TLN C 1 2 ? -4.321  11.547  5.570   1.00 44.63 ? 2   TLN C OP2   1 
HETATM 321 O "O5'" . TLN C 1 2 ? -1.949  12.553  6.184   1.00 37.03 ? 2   TLN C "O5'" 1 
HETATM 322 C "C5'" . TLN C 1 2 ? -0.910  13.500  6.052   1.00 36.32 ? 2   TLN C "C5'" 1 
HETATM 323 C "C4'" . TLN C 1 2 ? -0.138  13.422  7.362   1.00 34.79 ? 2   TLN C "C4'" 1 
HETATM 324 O "O4'" . TLN C 1 2 ? -0.953  13.559  8.542   1.00 35.80 ? 2   TLN C "O4'" 1 
HETATM 325 C "C1'" . TLN C 1 2 ? -0.132  12.895  9.538   1.00 36.48 ? 2   TLN C "C1'" 1 
HETATM 326 N N1    . TLN C 1 2 ? -0.954  11.935  10.244  1.00 35.07 ? 2   TLN C N1    1 
HETATM 327 C C6    . TLN C 1 2 ? -2.133  11.548  9.694   1.00 36.38 ? 2   TLN C C6    1 
HETATM 328 C C5    . TLN C 1 2 ? -2.976  10.702  10.397  1.00 33.83 ? 2   TLN C C5    1 
HETATM 329 C C5M   . TLN C 1 2 ? -4.276  10.263  9.767   1.00 35.18 ? 2   TLN C C5M   1 
HETATM 330 C C4    . TLN C 1 2 ? -2.501  10.253  11.730  1.00 33.77 ? 2   TLN C C4    1 
HETATM 331 O O4    . TLN C 1 2 ? -3.217  9.495   12.396  1.00 32.62 ? 2   TLN C O4    1 
HETATM 332 N N3    . TLN C 1 2 ? -1.316  10.700  12.242  1.00 31.93 ? 2   TLN C N3    1 
HETATM 333 C C2    . TLN C 1 2 ? -0.516  11.521  11.550  1.00 33.35 ? 2   TLN C C2    1 
HETATM 334 O O2    . TLN C 1 2 ? 0.617   11.909  11.988  1.00 32.36 ? 2   TLN C O2    1 
HETATM 335 C "C3'" . TLN C 1 2 ? 0.384   12.026  7.598   1.00 35.28 ? 2   TLN C "C3'" 1 
HETATM 336 C "C2'" . TLN C 1 2 ? 1.107   12.393  8.838   1.00 36.41 ? 2   TLN C "C2'" 1 
HETATM 337 O "O2'" . TLN C 1 2 ? 1.926   13.547  8.483   1.00 35.74 ? 2   TLN C "O2'" 1 
HETATM 338 O "O3'" . TLN C 1 2 ? 1.274   11.592  6.488   1.00 42.87 ? 2   TLN C "O3'" 1 
HETATM 339 C "C6'" . TLN C 1 2 ? 1.151   14.303  7.503   1.00 33.94 ? 2   TLN C "C6'" 1 
HETATM 340 P P     . LCG C 1 3 ? 2.141   10.150  6.376   1.00 39.74 ? 3   LCG C P     1 
HETATM 341 O OP1   . LCG C 1 3 ? 3.056   10.355  5.238   1.00 43.57 ? 3   LCG C OP1   1 
HETATM 342 O "O5'" . LCG C 1 3 ? 2.930   9.939   7.735   1.00 35.49 ? 3   LCG C "O5'" 1 
HETATM 343 C "C5'" . LCG C 1 3 ? 4.197   10.557  7.928   1.00 37.29 ? 3   LCG C "C5'" 1 
HETATM 344 C "C3'" . LCG C 1 3 ? 4.681   8.859   9.570   1.00 36.80 ? 3   LCG C "C3'" 1 
HETATM 345 C "C6'" . LCG C 1 3 ? 5.774   10.889  9.894   1.00 38.78 ? 3   LCG C "C6'" 1 
HETATM 346 N N9    . LCG C 1 3 ? 2.426   8.875   11.522  1.00 35.68 ? 3   LCG C N9    1 
HETATM 347 C C8    . LCG C 1 3 ? 1.388   8.792   10.666  1.00 32.62 ? 3   LCG C C8    1 
HETATM 348 C C4    . LCG C 1 3 ? 2.119   8.245   12.657  1.00 34.55 ? 3   LCG C C4    1 
HETATM 349 N N7    . LCG C 1 3 ? 0.437   8.065   11.273  1.00 32.31 ? 3   LCG C N7    1 
HETATM 350 C C5    . LCG C 1 3 ? 0.857   7.728   12.494  1.00 31.27 ? 3   LCG C C5    1 
HETATM 351 C C6    . LCG C 1 3 ? 0.293   7.026   13.514  1.00 31.00 ? 3   LCG C C6    1 
HETATM 352 C "C2'" . LCG C 1 3 ? 4.953   8.993   11.069  1.00 37.84 ? 3   LCG C "C2'" 1 
HETATM 353 O O6    . LCG C 1 3 ? -0.829  6.542   13.458  1.00 29.15 ? 3   LCG C O6    1 
HETATM 354 C "C4'" . LCG C 1 3 ? 4.465   10.265  9.363   1.00 35.02 ? 3   LCG C "C4'" 1 
HETATM 355 C "C1'" . LCG C 1 3 ? 3.716   9.666   11.455  1.00 37.27 ? 3   LCG C "C1'" 1 
HETATM 356 C C2    . LCG C 1 3 ? 2.298   7.390   14.813  1.00 32.15 ? 3   LCG C C2    1 
HETATM 357 N N1    . LCG C 1 3 ? 1.002   6.857   14.681  1.00 32.56 ? 3   LCG C N1    1 
HETATM 358 O "O4'" . LCG C 1 3 ? 3.431   10.589  10.293  1.00 38.05 ? 3   LCG C "O4'" 1 
HETATM 359 O OP2   . LCG C 1 3 ? 1.030   9.173   6.279   1.00 41.18 ? 3   LCG C OP2   1 
HETATM 360 N N2    . LCG C 1 3 ? 2.931   7.207   15.959  1.00 32.64 ? 3   LCG C N2    1 
HETATM 361 N N3    . LCG C 1 3 ? 2.856   8.077   13.791  1.00 29.96 ? 3   LCG C N3    1 
HETATM 362 O "O2'" . LCG C 1 3 ? 6.022   9.986   11.128  1.00 40.20 ? 3   LCG C "O2'" 1 
HETATM 363 O "O3'" . LCG C 1 3 ? 5.855   8.376   8.808   1.00 39.00 ? 3   LCG C "O3'" 1 
ATOM   364 P P     . U   C 1 4 ? 5.940   6.750   8.373   1.00 41.75 ? 4   U   C P     1 
ATOM   365 O OP1   . U   C 1 4 ? 7.120   6.721   7.462   1.00 41.80 ? 4   U   C OP1   1 
ATOM   366 O OP2   . U   C 1 4 ? 4.640   6.238   7.845   1.00 35.75 ? 4   U   C OP2   1 
ATOM   367 O "O5'" . U   C 1 4 ? 6.226   5.962   9.727   1.00 35.50 ? 4   U   C "O5'" 1 
ATOM   368 C "C5'" . U   C 1 4 ? 7.307   6.322   10.600  1.00 40.07 ? 4   U   C "C5'" 1 
ATOM   369 C "C4'" . U   C 1 4 ? 7.192   5.588   11.905  1.00 38.77 ? 4   U   C "C4'" 1 
ATOM   370 O "O4'" . U   C 1 4 ? 6.068   6.099   12.673  1.00 39.18 ? 4   U   C "O4'" 1 
ATOM   371 C "C3'" . U   C 1 4 ? 6.924   4.096   11.851  1.00 35.41 ? 4   U   C "C3'" 1 
ATOM   372 O "O3'" . U   C 1 4 ? 8.100   3.359   11.539  1.00 39.77 ? 4   U   C "O3'" 1 
ATOM   373 C "C2'" . U   C 1 4 ? 6.443   3.850   13.275  1.00 35.91 ? 4   U   C "C2'" 1 
ATOM   374 O "O2'" . U   C 1 4 ? 7.387   3.856   14.331  1.00 37.16 ? 4   U   C "O2'" 1 
ATOM   375 C "C1'" . U   C 1 4 ? 5.513   5.046   13.467  1.00 35.36 ? 4   U   C "C1'" 1 
ATOM   376 N N1    . U   C 1 4 ? 4.128   4.799   13.013  1.00 30.66 ? 4   U   C N1    1 
ATOM   377 C C2    . U   C 1 4 ? 3.253   4.129   13.861  1.00 28.24 ? 4   U   C C2    1 
ATOM   378 O O2    . U   C 1 4 ? 3.598   3.660   14.945  1.00 32.43 ? 4   U   C O2    1 
ATOM   379 N N3    . U   C 1 4 ? 1.993   3.944   13.345  1.00 30.93 ? 4   U   C N3    1 
ATOM   380 C C4    . U   C 1 4 ? 1.526   4.351   12.112  1.00 27.55 ? 4   U   C C4    1 
ATOM   381 O O4    . U   C 1 4 ? 0.356   4.118   11.787  1.00 29.73 ? 4   U   C O4    1 
ATOM   382 C C5    . U   C 1 4 ? 2.483   5.074   11.322  1.00 30.54 ? 4   U   C C5    1 
ATOM   383 C C6    . U   C 1 4 ? 3.715   5.263   11.788  1.00 28.22 ? 4   U   C C6    1 
ATOM   384 P P     . A   C 1 5 ? 7.989   1.913   10.845  1.00 41.20 ? 5   A   C P     1 
ATOM   385 O OP1   . A   C 1 5 ? 9.379   1.402   10.675  1.00 51.62 ? 5   A   C OP1   1 
ATOM   386 O OP2   . A   C 1 5 ? 7.035   1.975   9.705   1.00 37.68 ? 5   A   C OP2   1 
ATOM   387 O "O5'" . A   C 1 5 ? 7.326   1.000   11.969  1.00 35.87 ? 5   A   C "O5'" 1 
ATOM   388 C "C5'" . A   C 1 5 ? 8.067   0.674   13.148  1.00 36.81 ? 5   A   C "C5'" 1 
ATOM   389 C "C4'" . A   C 1 5 ? 7.201   -0.148  14.061  1.00 34.49 ? 5   A   C "C4'" 1 
ATOM   390 O "O4'" . A   C 1 5 ? 6.058   0.636   14.460  1.00 35.91 ? 5   A   C "O4'" 1 
ATOM   391 C "C3'" . A   C 1 5 ? 6.569   -1.400  13.465  1.00 31.78 ? 5   A   C "C3'" 1 
ATOM   392 O "O3'" . A   C 1 5 ? 7.511   -2.455  13.362  1.00 33.43 ? 5   A   C "O3'" 1 
ATOM   393 C "C2'" . A   C 1 5 ? 5.476   -1.660  14.471  1.00 33.94 ? 5   A   C "C2'" 1 
ATOM   394 O "O2'" . A   C 1 5 ? 5.905   -2.169  15.732  1.00 33.18 ? 5   A   C "O2'" 1 
ATOM   395 C "C1'" . A   C 1 5 ? 4.937   -0.239  14.636  1.00 35.09 ? 5   A   C "C1'" 1 
ATOM   396 N N9    . A   C 1 5 ? 3.889   0.162   13.691  1.00 29.80 ? 5   A   C N9    1 
ATOM   397 C C8    . A   C 1 5 ? 4.018   0.856   12.508  1.00 29.94 ? 5   A   C C8    1 
ATOM   398 N N7    . A   C 1 5 ? 2.878   1.081   11.903  1.00 30.79 ? 5   A   C N7    1 
ATOM   399 C C5    . A   C 1 5 ? 1.936   0.506   12.748  1.00 28.31 ? 5   A   C C5    1 
ATOM   400 C C6    . A   C 1 5 ? 0.531   0.443   12.695  1.00 27.55 ? 5   A   C C6    1 
ATOM   401 N N6    . A   C 1 5 ? -0.194  0.969   11.705  1.00 27.70 ? 5   A   C N6    1 
ATOM   402 N N1    . A   C 1 5 ? -0.108  -0.213  13.690  1.00 29.31 ? 5   A   C N1    1 
ATOM   403 C C2    . A   C 1 5 ? 0.623   -0.752  14.678  1.00 29.00 ? 5   A   C C2    1 
ATOM   404 N N3    . A   C 1 5 ? 1.943   -0.725  14.859  1.00 29.68 ? 5   A   C N3    1 
ATOM   405 C C4    . A   C 1 5 ? 2.545   -0.066  13.849  1.00 26.99 ? 5   A   C C4    1 
ATOM   406 P P     . C   C 1 6 ? 7.407   -3.533  12.194  1.00 37.70 ? 6   C   C P     1 
ATOM   407 O OP1   . C   C 1 6 ? 8.657   -4.377  12.269  1.00 40.91 ? 6   C   C OP1   1 
ATOM   408 O OP2   . C   C 1 6 ? 6.994   -2.907  10.902  1.00 32.32 ? 6   C   C OP2   1 
ATOM   409 O "O5'" . C   C 1 6 ? 6.102   -4.360  12.615  1.00 32.28 ? 6   C   C "O5'" 1 
ATOM   410 C "C5'" . C   C 1 6 ? 6.138   -5.243  13.730  1.00 30.60 ? 6   C   C "C5'" 1 
ATOM   411 C "C4'" . C   C 1 6 ? 4.746   -5.564  14.163  1.00 30.21 ? 6   C   C "C4'" 1 
ATOM   412 O "O4'" . C   C 1 6 ? 3.966   -4.342  14.335  1.00 30.07 ? 6   C   C "O4'" 1 
ATOM   413 C "C3'" . C   C 1 6 ? 3.925   -6.378  13.182  1.00 30.49 ? 6   C   C "C3'" 1 
ATOM   414 O "O3'" . C   C 1 6 ? 4.314   -7.753  13.206  1.00 29.42 ? 6   C   C "O3'" 1 
ATOM   415 C "C2'" . C   C 1 6 ? 2.526   -6.126  13.720  1.00 27.57 ? 6   C   C "C2'" 1 
ATOM   416 O "O2'" . C   C 1 6 ? 2.181   -6.788  14.911  1.00 25.70 ? 6   C   C "O2'" 1 
ATOM   417 C "C1'" . C   C 1 6 ? 2.609   -4.627  14.024  1.00 29.59 ? 6   C   C "C1'" 1 
ATOM   418 N N1    . C   C 1 6 ? 2.204   -3.806  12.883  1.00 27.01 ? 6   C   C N1    1 
ATOM   419 C C2    . C   C 1 6 ? 0.831   -3.627  12.649  1.00 28.79 ? 6   C   C C2    1 
ATOM   420 O O2    . C   C 1 6 ? 0.016   -4.137  13.438  1.00 30.65 ? 6   C   C O2    1 
ATOM   421 N N3    . C   C 1 6 ? 0.438   -2.822  11.635  1.00 27.76 ? 6   C   C N3    1 
ATOM   422 C C4    . C   C 1 6 ? 1.348   -2.309  10.804  1.00 27.20 ? 6   C   C C4    1 
ATOM   423 N N4    . C   C 1 6 ? 0.918   -1.572  9.780   1.00 26.79 ? 6   C   C N4    1 
ATOM   424 C C5    . C   C 1 6 ? 2.750   -2.534  10.981  1.00 25.37 ? 6   C   C C5    1 
ATOM   425 C C6    . C   C 1 6 ? 3.126   -3.286  12.018  1.00 26.47 ? 6   C   C C6    1 
ATOM   426 P P     . A   C 1 7 ? 4.277   -8.628  11.881  1.00 31.37 ? 7   A   C P     1 
ATOM   427 O OP1   . A   C 1 7 ? 5.083   -9.905  12.121  1.00 31.47 ? 7   A   C OP1   1 
ATOM   428 O OP2   . A   C 1 7 ? 4.558   -7.792  10.733  1.00 30.28 ? 7   A   C OP2   1 
ATOM   429 O "O5'" . A   C 1 7 ? 2.741   -9.039  11.731  1.00 29.66 ? 7   A   C "O5'" 1 
ATOM   430 C "C5'" . A   C 1 7 ? 2.061   -9.879  12.700  1.00 28.08 ? 7   A   C "C5'" 1 
ATOM   431 C "C4'" . A   C 1 7 ? 0.553   -9.843  12.468  1.00 28.16 ? 7   A   C "C4'" 1 
ATOM   432 O "O4'" . A   C 1 7 ? 0.068   -8.459  12.584  1.00 26.00 ? 7   A   C "O4'" 1 
ATOM   433 C "C3'" . A   C 1 7 ? 0.086   -10.266 11.070  1.00 26.75 ? 7   A   C "C3'" 1 
ATOM   434 O "O3'" . A   C 1 7 ? 0.072   -11.665 10.760  1.00 30.12 ? 7   A   C "O3'" 1 
ATOM   435 C "C2'" . A   C 1 7 ? -1.271  -9.601  11.002  1.00 27.32 ? 7   A   C "C2'" 1 
ATOM   436 O "O2'" . A   C 1 7 ? -2.277  -10.370 11.625  1.00 27.90 ? 7   A   C "O2'" 1 
ATOM   437 C "C1'" . A   C 1 7 ? -0.984  -8.247  11.661  1.00 24.27 ? 7   A   C "C1'" 1 
ATOM   438 N N9    . A   C 1 7 ? -0.588  -7.167  10.757  1.00 26.23 ? 7   A   C N9    1 
ATOM   439 C C8    . A   C 1 7 ? 0.668   -6.670  10.482  1.00 25.66 ? 7   A   C C8    1 
ATOM   440 N N7    . A   C 1 7 ? 0.663   -5.660  9.639   1.00 28.56 ? 7   A   C N7    1 
ATOM   441 C C5    . A   C 1 7 ? -0.686  -5.476  9.345   1.00 25.23 ? 7   A   C C5    1 
ATOM   442 C C6    . A   C 1 7 ? -1.364  -4.545  8.534   1.00 25.66 ? 7   A   C C6    1 
ATOM   443 N N6    . A   C 1 7 ? -0.746  -3.603  7.811   1.00 25.41 ? 7   A   C N6    1 
ATOM   444 N N1    . A   C 1 7 ? -2.714  -4.655  8.437   1.00 23.54 ? 7   A   C N1    1 
ATOM   445 C C2    . A   C 1 7 ? -3.335  -5.585  9.177   1.00 28.74 ? 7   A   C C2    1 
ATOM   446 N N3    . A   C 1 7 ? -2.810  -6.498  10.001  1.00 26.27 ? 7   A   C N3    1 
ATOM   447 C C4    . A   C 1 7 ? -1.465  -6.407  10.017  1.00 27.43 ? 7   A   C C4    1 
HETATM 448 O "O5'" . LCC D 1 1 ? -6.802  1.878   -1.290  1.00 41.68 ? 1   LCC D "O5'" 1 
HETATM 449 C "C5'" . LCC D 1 1 ? -7.858  1.010   -1.784  1.00 34.91 ? 1   LCC D "C5'" 1 
HETATM 450 C "C4'" . LCC D 1 1 ? -7.597  -0.248  -0.938  1.00 31.36 ? 1   LCC D "C4'" 1 
HETATM 451 O "O4'" . LCC D 1 1 ? -6.381  -1.038  -1.138  1.00 31.99 ? 1   LCC D "O4'" 1 
HETATM 452 C "C1'" . LCC D 1 1 ? -6.229  -1.886  0.023   1.00 30.33 ? 1   LCC D "C1'" 1 
HETATM 453 N N1    . LCC D 1 1 ? -4.937  -1.638  0.624   1.00 29.11 ? 1   LCC D N1    1 
HETATM 454 C C6    . LCC D 1 1 ? -4.202  -0.506  0.216   1.00 30.44 ? 1   LCC D C6    1 
HETATM 455 C C5    . LCC D 1 1 ? -2.969  -0.342  0.742   1.00 32.33 ? 1   LCC D C5    1 
HETATM 456 C C5M   . LCC D 1 1 ? -2.245  0.790   0.363   1.00 37.32 ? 1   LCC D C5M   1 
HETATM 457 C C4    . LCC D 1 1 ? -2.516  -1.293  1.663   1.00 31.74 ? 1   LCC D C4    1 
HETATM 458 N N4    . LCC D 1 1 ? -1.338  -1.149  2.231   1.00 33.62 ? 1   LCC D N4    1 
HETATM 459 N N3    . LCC D 1 1 ? -3.217  -2.357  2.002   1.00 29.70 ? 1   LCC D N3    1 
HETATM 460 C C2    . LCC D 1 1 ? -4.431  -2.550  1.477   1.00 31.58 ? 1   LCC D C2    1 
HETATM 461 O O2    . LCC D 1 1 ? -5.102  -3.526  1.834   1.00 28.64 ? 1   LCC D O2    1 
HETATM 462 C "C3'" . LCC D 1 1 ? -7.510  -0.029  0.530   1.00 32.20 ? 1   LCC D "C3'" 1 
HETATM 463 C "C2'" . LCC D 1 1 ? -7.436  -1.477  0.866   1.00 31.23 ? 1   LCC D "C2'" 1 
HETATM 464 O "O2'" . LCC D 1 1 ? -8.576  -2.121  0.130   1.00 31.99 ? 1   LCC D "O2'" 1 
HETATM 465 O "O3'" . LCC D 1 1 ? -8.772  0.509   1.114   1.00 37.15 ? 1   LCC D "O3'" 1 
HETATM 466 C "C6'" . LCC D 1 1 ? -8.876  -1.205  -1.075  1.00 33.01 ? 1   LCC D "C6'" 1 
HETATM 467 P P     . TLN D 1 2 ? -8.671  1.228   2.626   1.00 35.40 ? 2   TLN D P     1 
HETATM 468 O OP1   . TLN D 1 2 ? -10.141 1.666   2.620   1.00 39.75 ? 2   TLN D OP1   1 
HETATM 469 O OP2   . TLN D 1 2 ? -7.538  2.013   3.112   1.00 33.92 ? 2   TLN D OP2   1 
HETATM 470 O "O5'" . TLN D 1 2 ? -8.692  -0.161  3.530   1.00 30.75 ? 2   TLN D "O5'" 1 
HETATM 471 C "C5'" . TLN D 1 2 ? -9.805  -1.048  3.532   1.00 29.29 ? 2   TLN D "C5'" 1 
HETATM 472 C "C4'" . TLN D 1 2 ? -9.465  -2.222  4.443   1.00 28.41 ? 2   TLN D "C4'" 1 
HETATM 473 O "O4'" . TLN D 1 2 ? -8.151  -2.798  4.090   1.00 27.57 ? 2   TLN D "O4'" 1 
HETATM 474 C "C1'" . TLN D 1 2 ? -7.692  -3.441  5.281   1.00 27.20 ? 2   TLN D "C1'" 1 
HETATM 475 N N1    . TLN D 1 2 ? -6.378  -2.862  5.583   1.00 27.07 ? 2   TLN D N1    1 
HETATM 476 C C6    . TLN D 1 2 ? -5.912  -1.774  4.919   1.00 26.38 ? 2   TLN D C6    1 
HETATM 477 C C5    . TLN D 1 2 ? -4.621  -1.331  5.160   1.00 28.38 ? 2   TLN D C5    1 
HETATM 478 C C5M   . TLN D 1 2 ? -4.067  -0.092  4.456   1.00 30.34 ? 2   TLN D C5M   1 
HETATM 479 C C4    . TLN D 1 2 ? -3.779  -2.107  6.134   1.00 28.19 ? 2   TLN D C4    1 
HETATM 480 O O4    . TLN D 1 2 ? -2.608  -1.723  6.389   1.00 28.67 ? 2   TLN D O4    1 
HETATM 481 N N3    . TLN D 1 2 ? -4.296  -3.212  6.694   1.00 27.57 ? 2   TLN D N3    1 
HETATM 482 C C2    . TLN D 1 2 ? -5.562  -3.607  6.459   1.00 25.28 ? 2   TLN D C2    1 
HETATM 483 O O2    . TLN D 1 2 ? -6.085  -4.635  7.024   1.00 27.60 ? 2   TLN D O2    1 
HETATM 484 C "C3'" . TLN D 1 2 ? -9.220  -1.890  5.867   1.00 30.24 ? 2   TLN D "C3'" 1 
HETATM 485 C "C2'" . TLN D 1 2 ? -8.832  -3.298  6.272   1.00 27.31 ? 2   TLN D "C2'" 1 
HETATM 486 O "O2'" . TLN D 1 2 ? -9.926  -4.085  5.808   1.00 29.00 ? 2   TLN D "O2'" 1 
HETATM 487 O "O3'" . TLN D 1 2 ? -10.447 -1.442  6.499   1.00 33.86 ? 2   TLN D "O3'" 1 
HETATM 488 C "C6'" . TLN D 1 2 ? -10.502 -3.325  4.675   1.00 28.06 ? 2   TLN D "C6'" 1 
HETATM 489 P P     . LCG D 1 3 ? -10.413 -0.218  7.688   1.00 30.33 ? 3   LCG D P     1 
HETATM 490 O OP1   . LCG D 1 3 ? -11.890 0.097   7.933   1.00 30.21 ? 3   LCG D OP1   1 
HETATM 491 O "O5'" . LCG D 1 3 ? -9.781  -1.009  8.977   1.00 28.35 ? 3   LCG D "O5'" 1 
HETATM 492 C "C5'" . LCG D 1 3 ? -10.508 -2.165  9.525   1.00 24.86 ? 3   LCG D "C5'" 1 
HETATM 493 C "C3'" . LCG D 1 3 ? -8.901  -1.944  11.486  1.00 26.90 ? 3   LCG D "C3'" 1 
HETATM 494 C "C6'" . LCG D 1 3 ? -10.124 -3.954  11.337  1.00 29.56 ? 3   LCG D "C6'" 1 
HETATM 495 N N9    . LCG D 1 3 ? -6.198  -2.522  10.178  1.00 26.53 ? 3   LCG D N9    1 
HETATM 496 C C8    . LCG D 1 3 ? -6.164  -1.545  9.241   1.00 27.04 ? 3   LCG D C8    1 
HETATM 497 C C4    . LCG D 1 3 ? -4.937  -2.767  10.608  1.00 26.45 ? 3   LCG D C4    1 
HETATM 498 N N7    . LCG D 1 3 ? -4.931  -1.090  9.114   1.00 25.78 ? 3   LCG D N7    1 
HETATM 499 C C5    . LCG D 1 3 ? -4.162  -1.851  9.975   1.00 27.20 ? 3   LCG D C5    1 
HETATM 500 C C6    . LCG D 1 3 ? -2.799  -1.835  10.230  1.00 27.87 ? 3   LCG D C6    1 
HETATM 501 C "C2'" . LCG D 1 3 ? -8.010  -3.029  11.978  1.00 29.29 ? 3   LCG D "C2'" 1 
HETATM 502 O O6    . LCG D 1 3 ? -1.993  -1.047  9.672   1.00 28.23 ? 3   LCG D O6    1 
HETATM 503 C "C4'" . LCG D 1 3 ? -9.528  -2.813  10.479  1.00 27.78 ? 3   LCG D "C4'" 1 
HETATM 504 C "C1'" . LCG D 1 3 ? -7.306  -3.405  10.681  1.00 29.39 ? 3   LCG D "C1'" 1 
HETATM 505 C C2    . LCG D 1 3 ? -3.150  -3.578  11.851  1.00 26.18 ? 3   LCG D C2    1 
HETATM 506 N N1    . LCG D 1 3 ? -2.286  -2.700  11.184  1.00 28.09 ? 3   LCG D N1    1 
HETATM 507 O "O4'" . LCG D 1 3 ? -8.423  -3.327  9.696   1.00 29.92 ? 3   LCG D "O4'" 1 
HETATM 508 O OP2   . LCG D 1 3 ? -9.390  0.920   7.394   1.00 30.24 ? 3   LCG D OP2   1 
HETATM 509 N N2    . LCG D 1 3 ? -2.566  -4.372  12.708  1.00 25.25 ? 3   LCG D N2    1 
HETATM 510 N N3    . LCG D 1 3 ? -4.471  -3.645  11.566  1.00 23.28 ? 3   LCG D N3    1 
HETATM 511 O "O2'" . LCG D 1 3 ? -8.993  -4.093  12.327  1.00 30.26 ? 3   LCG D "O2'" 1 
HETATM 512 O "O3'" . LCG D 1 3 ? -9.877  -1.571  12.530  1.00 29.68 ? 3   LCG D "O3'" 1 
ATOM   513 P P     . U   D 1 4 ? -9.554  -0.094  13.151  1.00 30.96 ? 4   U   D P     1 
ATOM   514 O OP1   . U   D 1 4 ? -10.838 0.302   13.753  1.00 32.97 ? 4   U   D OP1   1 
ATOM   515 O OP2   . U   D 1 4 ? -8.770  0.939   12.386  1.00 32.36 ? 4   U   D OP2   1 
ATOM   516 O "O5'" . U   D 1 4 ? -8.577  -0.542  14.343  1.00 29.72 ? 4   U   D "O5'" 1 
ATOM   517 C "C5'" . U   D 1 4 ? -8.958  -1.602  15.245  1.00 26.45 ? 4   U   D "C5'" 1 
ATOM   518 C "C4'" . U   D 1 4 ? -7.769  -2.093  16.049  1.00 25.20 ? 4   U   D "C4'" 1 
ATOM   519 O "O4'" . U   D 1 4 ? -6.785  -2.692  15.143  1.00 25.70 ? 4   U   D "O4'" 1 
ATOM   520 C "C3'" . U   D 1 4 ? -6.982  -1.037  16.806  1.00 26.16 ? 4   U   D "C3'" 1 
ATOM   521 O "O3'" . U   D 1 4 ? -7.579  -0.669  18.055  1.00 28.52 ? 4   U   D "O3'" 1 
ATOM   522 C "C2'" . U   D 1 4 ? -5.655  -1.744  16.981  1.00 26.68 ? 4   U   D "C2'" 1 
ATOM   523 O "O2'" . U   D 1 4 ? -5.732  -2.719  17.997  1.00 26.47 ? 4   U   D "O2'" 1 
ATOM   524 C "C1'" . U   D 1 4 ? -5.485  -2.364  15.596  1.00 25.24 ? 4   U   D "C1'" 1 
ATOM   525 N N1    . U   D 1 4 ? -4.840  -1.480  14.608  1.00 27.70 ? 4   U   D N1    1 
ATOM   526 C C2    . U   D 1 4 ? -3.464  -1.379  14.644  1.00 30.02 ? 4   U   D C2    1 
ATOM   527 O O2    . U   D 1 4 ? -2.781  -1.957  15.478  1.00 30.35 ? 4   U   D O2    1 
ATOM   528 N N3    . U   D 1 4 ? -2.923  -0.560  13.679  1.00 27.03 ? 4   U   D N3    1 
ATOM   529 C C4    . U   D 1 4 ? -3.604  0.183   12.737  1.00 27.16 ? 4   U   D C4    1 
ATOM   530 O O4    . U   D 1 4 ? -2.976  0.861   11.914  1.00 27.31 ? 4   U   D O4    1 
ATOM   531 C C5    . U   D 1 4 ? -5.020  0.035   12.784  1.00 27.79 ? 4   U   D C5    1 
ATOM   532 C C6    . U   D 1 4 ? -5.574  -0.767  13.694  1.00 26.23 ? 4   U   D C6    1 
ATOM   533 P P     . A   D 1 5 ? -7.258  0.807   18.764  1.00 32.67 ? 5   A   D P     1 
ATOM   534 O OP1   . A   D 1 5 ? -8.068  0.900   20.010  1.00 35.95 ? 5   A   D OP1   1 
ATOM   535 O OP2   . A   D 1 5 ? -7.293  1.909   17.733  1.00 29.77 ? 5   A   D OP2   1 
ATOM   536 O "O5'" . A   D 1 5 ? -5.742  0.671   19.222  1.00 30.41 ? 5   A   D "O5'" 1 
ATOM   537 C "C5'" . A   D 1 5 ? -5.344  -0.253  20.247  1.00 34.82 ? 5   A   D "C5'" 1 
ATOM   538 C "C4'" . A   D 1 5 ? -3.844  -0.213  20.368  1.00 33.01 ? 5   A   D "C4'" 1 
ATOM   539 O "O4'" . A   D 1 5 ? -3.226  -0.661  19.131  1.00 30.26 ? 5   A   D "O4'" 1 
ATOM   540 C "C3'" . A   D 1 5 ? -3.250  1.181   20.587  1.00 34.16 ? 5   A   D "C3'" 1 
ATOM   541 O "O3'" . A   D 1 5 ? -3.340  1.474   21.962  1.00 40.24 ? 5   A   D "O3'" 1 
ATOM   542 C "C2'" . A   D 1 5 ? -1.823  0.979   20.119  1.00 34.97 ? 5   A   D "C2'" 1 
ATOM   543 O "O2'" . A   D 1 5 ? -1.034  0.223   21.004  1.00 35.26 ? 5   A   D "O2'" 1 
ATOM   544 C "C1'" . A   D 1 5 ? -2.053  0.112   18.882  1.00 31.46 ? 5   A   D "C1'" 1 
ATOM   545 N N9    . A   D 1 5 ? -2.270  0.893   17.663  1.00 28.07 ? 5   A   D N9    1 
ATOM   546 C C8    . A   D 1 5 ? -3.455  1.210   17.055  1.00 25.48 ? 5   A   D C8    1 
ATOM   547 N N7    . A   D 1 5 ? -3.314  1.915   15.960  1.00 28.34 ? 5   A   D N7    1 
ATOM   548 C C5    . A   D 1 5 ? -1.942  2.074   15.843  1.00 26.92 ? 5   A   D C5    1 
ATOM   549 C C6    . A   D 1 5 ? -1.143  2.716   14.882  1.00 30.17 ? 5   A   D C6    1 
ATOM   550 N N6    . A   D 1 5 ? -1.638  3.332   13.815  1.00 27.93 ? 5   A   D N6    1 
ATOM   551 N N1    . A   D 1 5 ? 0.195   2.673   15.045  1.00 28.76 ? 5   A   D N1    1 
ATOM   552 C C2    . A   D 1 5 ? 0.687   2.067   16.131  1.00 28.81 ? 5   A   D C2    1 
ATOM   553 N N3    . A   D 1 5 ? 0.043   1.405   17.092  1.00 29.77 ? 5   A   D N3    1 
ATOM   554 C C4    . A   D 1 5 ? -1.286  1.459   16.890  1.00 27.53 ? 5   A   D C4    1 
ATOM   555 P P     . C   D 1 6 ? -3.592  3.005   22.475  1.00 40.24 ? 6   C   D P     1 
ATOM   556 O OP1   . C   D 1 6 ? -3.839  2.919   23.956  1.00 47.46 ? 6   C   D OP1   1 
ATOM   557 O OP2   . C   D 1 6 ? -4.550  3.697   21.593  1.00 40.72 ? 6   C   D OP2   1 
ATOM   558 O "O5'" . C   D 1 6 ? -2.192  3.703   22.154  1.00 39.87 ? 6   C   D "O5'" 1 
ATOM   559 C "C5'" . C   D 1 6 ? -0.990  3.199   22.773  1.00 39.00 ? 6   C   D "C5'" 1 
ATOM   560 C "C4'" . C   D 1 6 ? 0.250   3.772   22.144  1.00 40.24 ? 6   C   D "C4'" 1 
ATOM   561 O "O4'" . C   D 1 6 ? 0.433   3.241   20.804  1.00 37.08 ? 6   C   D "O4'" 1 
ATOM   562 C "C3'" . C   D 1 6 ? 0.276   5.282   21.965  1.00 41.04 ? 6   C   D "C3'" 1 
ATOM   563 O "O3'" . C   D 1 6 ? 0.591   6.014   23.148  1.00 46.04 ? 6   C   D "O3'" 1 
ATOM   564 C "C2'" . C   D 1 6 ? 1.339   5.430   20.895  1.00 42.62 ? 6   C   D "C2'" 1 
ATOM   565 O "O2'" . C   D 1 6 ? 2.664   5.285   21.315  1.00 45.98 ? 6   C   D "O2'" 1 
ATOM   566 C "C1'" . C   D 1 6 ? 1.009   4.246   19.992  1.00 40.60 ? 6   C   D "C1'" 1 
ATOM   567 N N1    . C   D 1 6 ? 0.054   4.631   18.941  1.00 34.28 ? 6   C   D N1    1 
ATOM   568 C C2    . C   D 1 6 ? 0.561   5.225   17.785  1.00 37.06 ? 6   C   D C2    1 
ATOM   569 O O2    . C   D 1 6 ? 1.787   5.425   17.699  1.00 39.53 ? 6   C   D O2    1 
ATOM   570 N N3    . C   D 1 6 ? -0.287  5.566   16.791  1.00 31.61 ? 6   C   D N3    1 
ATOM   571 C C4    . C   D 1 6 ? -1.602  5.402   16.952  1.00 31.99 ? 6   C   D C4    1 
ATOM   572 N N4    . C   D 1 6 ? -2.404  5.768   15.944  1.00 30.32 ? 6   C   D N4    1 
ATOM   573 C C5    . C   D 1 6 ? -2.149  4.818   18.131  1.00 31.25 ? 6   C   D C5    1 
ATOM   574 C C6    . C   D 1 6 ? -1.292  4.446   19.090  1.00 34.30 ? 6   C   D C6    1 
ATOM   575 P P     . A   D 1 7 ? 0.031   7.512   23.372  1.00 47.58 ? 7   A   D P     1 
ATOM   576 O OP1   . A   D 1 7 ? 0.322   7.874   24.786  1.00 61.53 ? 7   A   D OP1   1 
ATOM   577 O OP2   . A   D 1 7 ? -1.351  7.646   22.846  1.00 41.42 ? 7   A   D OP2   1 
ATOM   578 O "O5'" . A   D 1 7 ? 0.821   8.397   22.302  1.00 42.44 ? 7   A   D "O5'" 1 
ATOM   579 C "C5'" . A   D 1 7 ? 2.242   8.525   22.394  1.00 48.69 ? 7   A   D "C5'" 1 
ATOM   580 C "C4'" . A   D 1 7 ? 2.749   9.276   21.210  1.00 48.88 ? 7   A   D "C4'" 1 
ATOM   581 O "O4'" . A   D 1 7 ? 2.433   8.520   20.013  1.00 44.32 ? 7   A   D "O4'" 1 
ATOM   582 C "C3'" . A   D 1 7 ? 2.092   10.631  20.945  1.00 44.99 ? 7   A   D "C3'" 1 
ATOM   583 O "O3'" . A   D 1 7 ? 2.599   11.707  21.705  1.00 46.72 ? 7   A   D "O3'" 1 
ATOM   584 C "C2'" . A   D 1 7 ? 2.442   10.840  19.487  1.00 44.21 ? 7   A   D "C2'" 1 
ATOM   585 O "O2'" . A   D 1 7 ? 3.795   11.250  19.384  1.00 45.98 ? 7   A   D "O2'" 1 
ATOM   586 C "C1'" . A   D 1 7 ? 2.233   9.427   18.939  1.00 44.61 ? 7   A   D "C1'" 1 
ATOM   587 N N9    . A   D 1 7 ? 0.900   9.204   18.381  1.00 38.30 ? 7   A   D N9    1 
ATOM   588 C C8    . A   D 1 7 ? -0.213  8.617   18.940  1.00 35.62 ? 7   A   D C8    1 
ATOM   589 N N7    . A   D 1 7 ? -1.240  8.550   18.125  1.00 35.46 ? 7   A   D N7    1 
ATOM   590 C C5    . A   D 1 7 ? -0.767  9.130   16.950  1.00 36.04 ? 7   A   D C5    1 
ATOM   591 C C6    . A   D 1 7 ? -1.368  9.371   15.711  1.00 32.65 ? 7   A   D C6    1 
ATOM   592 N N6    . A   D 1 7 ? -2.627  9.049   15.436  1.00 32.87 ? 7   A   D N6    1 
ATOM   593 N N1    . A   D 1 7 ? -0.632  9.988   14.758  1.00 33.28 ? 7   A   D N1    1 
ATOM   594 C C2    . A   D 1 7 ? 0.621   10.351  15.053  1.00 35.41 ? 7   A   D C2    1 
ATOM   595 N N3    . A   D 1 7 ? 1.305   10.164  16.176  1.00 36.15 ? 7   A   D N3    1 
ATOM   596 C C4    . A   D 1 7 ? 0.541   9.551   17.101  1.00 35.49 ? 7   A   D C4    1 
HETATM 597 P P     . 5GP E 2 . ? -9.845  3.526   -4.640  1.00 66.04 ? 101 5GP A P     1 
HETATM 598 O O1P   . 5GP E 2 . ? -11.191 3.872   -4.117  1.00 69.93 ? 101 5GP A O1P   1 
HETATM 599 O O2P   . 5GP E 2 . ? -9.613  4.313   -6.075  1.00 68.65 ? 101 5GP A O2P   1 
HETATM 600 O O3P   . 5GP E 2 . ? -8.677  3.582   -3.723  1.00 63.06 ? 101 5GP A O3P   1 
HETATM 601 O "O5'" . 5GP E 2 . ? -9.904  2.007   -5.162  1.00 52.61 ? 101 5GP A "O5'" 1 
HETATM 602 C "C5'" . 5GP E 2 . ? -11.016 1.536   -5.888  1.00 44.54 ? 101 5GP A "C5'" 1 
HETATM 603 C "C4'" . 5GP E 2 . ? -10.795 0.023   -5.867  1.00 41.22 ? 101 5GP A "C4'" 1 
HETATM 604 O "O4'" . 5GP E 2 . ? -9.547  -0.360  -6.558  1.00 37.21 ? 101 5GP A "O4'" 1 
HETATM 605 C "C3'" . 5GP E 2 . ? -10.650 -0.578  -4.395  1.00 39.60 ? 101 5GP A "C3'" 1 
HETATM 606 O "O3'" . 5GP E 2 . ? -11.929 -0.870  -3.825  1.00 39.42 ? 101 5GP A "O3'" 1 
HETATM 607 C "C2'" . 5GP E 2 . ? -9.826  -1.844  -4.652  1.00 36.94 ? 101 5GP A "C2'" 1 
HETATM 608 O "O2'" . 5GP E 2 . ? -10.611 -2.802  -5.244  1.00 36.82 ? 101 5GP A "O2'" 1 
HETATM 609 C "C1'" . 5GP E 2 . ? -8.869  -1.368  -5.724  1.00 37.31 ? 101 5GP A "C1'" 1 
HETATM 610 N N9    . 5GP E 2 . ? -7.630  -0.736  -5.240  1.00 36.36 ? 101 5GP A N9    1 
HETATM 611 C C8    . 5GP E 2 . ? -7.087  0.469   -5.439  1.00 34.21 ? 101 5GP A C8    1 
HETATM 612 N N7    . 5GP E 2 . ? -5.889  0.544   -4.849  1.00 36.71 ? 101 5GP A N7    1 
HETATM 613 C C5    . 5GP E 2 . ? -5.692  -0.685  -4.283  1.00 37.59 ? 101 5GP A C5    1 
HETATM 614 C C6    . 5GP E 2 . ? -4.648  -1.201  -3.581  1.00 35.18 ? 101 5GP A C6    1 
HETATM 615 O O6    . 5GP E 2 . ? -3.613  -0.526  -3.308  1.00 33.90 ? 101 5GP A O6    1 
HETATM 616 N N1    . 5GP E 2 . ? -4.771  -2.526  -3.117  1.00 33.43 ? 101 5GP A N1    1 
HETATM 617 C C2    . 5GP E 2 . ? -5.878  -3.281  -3.388  1.00 34.11 ? 101 5GP A C2    1 
HETATM 618 N N2    . 5GP E 2 . ? -5.920  -4.489  -2.908  1.00 31.38 ? 101 5GP A N2    1 
HETATM 619 N N3    . 5GP E 2 . ? -6.893  -2.773  -4.093  1.00 34.82 ? 101 5GP A N3    1 
HETATM 620 C C4    . 5GP E 2 . ? -6.776  -1.491  -4.543  1.00 36.30 ? 101 5GP A C4    1 
HETATM 621 P P     . 5GP F 2 . ? 8.416   -6.487  -22.544 1.00 57.33 ? 101 5GP B P     1 
HETATM 622 O O1P   . 5GP F 2 . ? 7.402   -5.439  -22.035 1.00 49.20 ? 101 5GP B O1P   1 
HETATM 623 O O2P   . 5GP F 2 . ? 8.296   -6.429  -24.185 1.00 47.44 ? 101 5GP B O2P   1 
HETATM 624 O O3P   . 5GP F 2 . ? 8.486   -7.869  -21.896 1.00 49.07 ? 101 5GP B O3P   1 
HETATM 625 O "O5'" . 5GP F 2 . ? 9.909   -5.837  -22.277 1.00 50.83 ? 101 5GP B "O5'" 1 
HETATM 626 C "C5'" . 5GP F 2 . ? 10.304  -4.539  -22.695 1.00 47.31 ? 101 5GP B "C5'" 1 
HETATM 627 C "C4'" . 5GP F 2 . ? 10.963  -3.824  -21.488 1.00 39.40 ? 101 5GP B "C4'" 1 
HETATM 628 O "O4'" . 5GP F 2 . ? 10.039  -3.578  -20.370 1.00 32.60 ? 101 5GP B "O4'" 1 
HETATM 629 C "C3'" . 5GP F 2 . ? 11.964  -4.698  -20.800 1.00 42.93 ? 101 5GP B "C3'" 1 
HETATM 630 O "O3'" . 5GP F 2 . ? 13.090  -4.835  -21.588 1.00 45.57 ? 101 5GP B "O3'" 1 
HETATM 631 C "C2'" . 5GP F 2 . ? 12.171  -3.911  -19.486 1.00 38.45 ? 101 5GP B "C2'" 1 
HETATM 632 O "O2'" . 5GP F 2 . ? 12.781  -2.540  -19.650 1.00 41.99 ? 101 5GP B "O2'" 1 
HETATM 633 C "C1'" . 5GP F 2 . ? 10.720  -3.777  -19.101 1.00 31.39 ? 101 5GP B "C1'" 1 
HETATM 634 N N9    . 5GP F 2 . ? 10.112  -4.960  -18.405 1.00 30.80 ? 101 5GP B N9    1 
HETATM 635 C C8    . 5GP F 2 . ? 9.109   -5.782  -18.809 1.00 31.63 ? 101 5GP B C8    1 
HETATM 636 N N7    . 5GP F 2 . ? 8.839   -6.662  -17.890 1.00 29.36 ? 101 5GP B N7    1 
HETATM 637 C C5    . 5GP F 2 . ? 9.674   -6.384  -16.875 1.00 29.00 ? 101 5GP B C5    1 
HETATM 638 C C6    . 5GP F 2 . ? 9.840   -6.990  -15.697 1.00 30.53 ? 101 5GP B C6    1 
HETATM 639 O O6    . 5GP F 2 . ? 9.160   -7.977  -15.319 1.00 29.87 ? 101 5GP B O6    1 
HETATM 640 N N1    . 5GP F 2 . ? 10.859  -6.498  -14.847 1.00 27.40 ? 101 5GP B N1    1 
HETATM 641 C C2    . 5GP F 2 . ? 11.590  -5.369  -15.198 1.00 29.25 ? 101 5GP B C2    1 
HETATM 642 N N2    . 5GP F 2 . ? 12.515  -4.970  -14.318 1.00 28.24 ? 101 5GP B N2    1 
HETATM 643 N N3    . 5GP F 2 . ? 11.388  -4.769  -16.414 1.00 25.96 ? 101 5GP B N3    1 
HETATM 644 C C4    . 5GP F 2 . ? 10.455  -5.319  -17.208 1.00 30.19 ? 101 5GP B C4    1 
HETATM 645 P P     . 5GP G 2 . ? 3.588   -8.764  7.020   1.00 57.69 ? 101 5GP C P     1 
HETATM 646 O O1P   . 5GP G 2 . ? 3.181   -8.082  8.339   1.00 47.70 ? 101 5GP C O1P   1 
HETATM 647 O O2P   . 5GP G 2 . ? 4.634   -9.967  7.476   1.00 48.48 ? 101 5GP C O2P   1 
HETATM 648 O O3P   . 5GP G 2 . ? 3.988   -7.936  5.795   1.00 48.10 ? 101 5GP C O3P   1 
HETATM 649 O "O5'" . 5GP G 2 . ? 2.272   -9.580  6.519   1.00 50.56 ? 101 5GP C "O5'" 1 
HETATM 650 C "C5'" . 5GP G 2 . ? 1.557   -10.488 7.323   1.00 45.84 ? 101 5GP C "C5'" 1 
HETATM 651 C "C4'" . 5GP G 2 . ? 0.058   -10.146 7.226   1.00 39.80 ? 101 5GP C "C4'" 1 
HETATM 652 O "O4'" . 5GP G 2 . ? -0.309  -8.828  7.772   1.00 32.73 ? 101 5GP C "O4'" 1 
HETATM 653 C "C3'" . 5GP G 2 . ? -0.376  -9.997  5.801   1.00 43.27 ? 101 5GP C "C3'" 1 
HETATM 654 O "O3'" . 5GP G 2 . ? -0.490  -11.246 5.228   1.00 44.93 ? 101 5GP C "O3'" 1 
HETATM 655 C "C2'" . 5GP G 2 . ? -1.734  -9.286  5.990   1.00 39.47 ? 101 5GP C "C2'" 1 
HETATM 656 O "O2'" . 5GP G 2 . ? -2.785  -10.140 6.642   1.00 42.48 ? 101 5GP C "O2'" 1 
HETATM 657 C "C1'" . 5GP G 2 . ? -1.310  -8.212  6.921   1.00 31.40 ? 101 5GP C "C1'" 1 
HETATM 658 N N9    . 5GP G 2 . ? -0.737  -7.026  6.204   1.00 31.02 ? 101 5GP C N9    1 
HETATM 659 C C8    . 5GP G 2 . ? 0.533   -6.527  6.274   1.00 32.28 ? 101 5GP C C8    1 
HETATM 660 N N7    . 5GP G 2 . ? 0.654   -5.436  5.560   1.00 29.40 ? 101 5GP C N7    1 
HETATM 661 C C5    . 5GP G 2 . ? -0.569  -5.207  5.047   1.00 29.39 ? 101 5GP C C5    1 
HETATM 662 C C6    . 5GP G 2 . ? -0.998  -4.245  4.218   1.00 30.34 ? 101 5GP C C6    1 
HETATM 663 O O6    . 5GP G 2 . ? -0.294  -3.295  3.777   1.00 29.70 ? 101 5GP C O6    1 
HETATM 664 N N1    . 5GP G 2 . ? -2.345  -4.327  3.817   1.00 28.25 ? 101 5GP C N1    1 
HETATM 665 C C2    . 5GP G 2 . ? -3.212  -5.309  4.289   1.00 29.21 ? 101 5GP C C2    1 
HETATM 666 N N2    . 5GP G 2 . ? -4.481  -5.252  3.827   1.00 29.26 ? 101 5GP C N2    1 
HETATM 667 N N3    . 5GP G 2 . ? -2.749  -6.264  5.146   1.00 26.50 ? 101 5GP C N3    1 
HETATM 668 C C4    . 5GP G 2 . ? -1.437  -6.204  5.461   1.00 28.12 ? 101 5GP C C4    1 
HETATM 669 P P     . 5GP H 2 . ? -3.503  13.246  21.766  1.00 67.76 ? 101 5GP D P     1 
HETATM 670 O O1P   . 5GP H 2 . ? -3.342  14.298  22.805  1.00 68.90 ? 101 5GP D O1P   1 
HETATM 671 O O2P   . 5GP H 2 . ? -3.249  11.756  22.443  1.00 67.53 ? 101 5GP D O2P   1 
HETATM 672 O O3P   . 5GP H 2 . ? -4.699  13.288  20.888  1.00 65.54 ? 101 5GP D O3P   1 
HETATM 673 O "O5'" . 5GP H 2 . ? -2.217  13.282  20.764  1.00 53.41 ? 101 5GP D "O5'" 1 
HETATM 674 C "C5'" . 5GP H 2 . ? -0.908  13.494  21.206  1.00 46.03 ? 101 5GP D "C5'" 1 
HETATM 675 C "C4'" . 5GP H 2 . ? -0.142  13.746  19.899  1.00 42.77 ? 101 5GP D "C4'" 1 
HETATM 676 O "O4'" . 5GP H 2 . ? -0.158  12.586  18.982  1.00 38.15 ? 101 5GP D "O4'" 1 
HETATM 677 C "C3'" . 5GP H 2 . ? -0.738  14.944  19.030  1.00 41.52 ? 101 5GP D "C3'" 1 
HETATM 678 O "O3'" . 5GP H 2 . ? -0.240  16.203  19.483  1.00 39.17 ? 101 5GP D "O3'" 1 
HETATM 679 C "C2'" . 5GP H 2 . ? -0.240  14.586  17.630  1.00 37.27 ? 101 5GP D "C2'" 1 
HETATM 680 O "O2'" . 5GP H 2 . ? 1.120   14.855  17.524  1.00 38.85 ? 101 5GP D "O2'" 1 
HETATM 681 C "C1'" . 5GP H 2 . ? -0.410  13.083  17.636  1.00 38.21 ? 101 5GP D "C1'" 1 
HETATM 682 N N9    . 5GP H 2 . ? -1.757  12.569  17.288  1.00 36.55 ? 101 5GP D N9    1 
HETATM 683 C C8    . 5GP H 2 . ? -2.634  11.784  17.945  1.00 34.76 ? 101 5GP D C8    1 
HETATM 684 N N7    . 5GP H 2 . ? -3.690  11.506  17.165  1.00 36.03 ? 101 5GP D N7    1 
HETATM 685 C C5    . 5GP H 2 . ? -3.420  12.122  15.970  1.00 35.65 ? 101 5GP D C5    1 
HETATM 686 C C6    . 5GP H 2 . ? -4.095  12.177  14.787  1.00 34.50 ? 101 5GP D C6    1 
HETATM 687 O O6    . 5GP H 2 . ? -5.210  11.612  14.601  1.00 34.70 ? 101 5GP D O6    1 
HETATM 688 N N1    . 5GP H 2 . ? -3.524  12.943  13.722  1.00 33.40 ? 101 5GP D N1    1 
HETATM 689 C C2    . 5GP H 2 . ? -2.331  13.568  13.869  1.00 34.07 ? 101 5GP D C2    1 
HETATM 690 N N2    . 5GP H 2 . ? -1.884  14.258  12.851  1.00 30.58 ? 101 5GP D N2    1 
HETATM 691 N N3    . 5GP H 2 . ? -1.649  13.495  15.029  1.00 32.61 ? 101 5GP D N3    1 
HETATM 692 C C4    . 5GP H 2 . ? -2.202  12.770  16.052  1.00 36.24 ? 101 5GP D C4    1 
HETATM 693 O O     . HOH I 3 . ? -8.330  -0.898  -14.777 0.50 31.68 ? 201 HOH A O     1 
HETATM 694 O O     . HOH I 3 . ? 6.619   0.131   -8.249  0.50 29.32 ? 202 HOH A O     1 
HETATM 695 O O     . HOH I 3 . ? 6.277   -3.207  -10.029 0.50 24.73 ? 203 HOH A O     1 
HETATM 696 O O     . HOH I 3 . ? -12.741 -2.984  -8.324  0.50 33.15 ? 204 HOH A O     1 
HETATM 697 O O     . HOH I 3 . ? 1.541   3.238   -17.425 1.00 34.88 ? 205 HOH A O     1 
HETATM 698 O O     . HOH I 3 . ? 8.052   7.204   -8.423  0.50 23.52 ? 206 HOH A O     1 
HETATM 699 O O     . HOH I 3 . ? 7.536   2.723   -16.195 1.00 37.71 ? 207 HOH A O     1 
HETATM 700 O O     . HOH I 3 . ? -9.077  -5.020  -5.106  0.50 25.97 ? 208 HOH A O     1 
HETATM 701 O O     . HOH I 3 . ? 3.388   1.975   -8.439  0.50 25.73 ? 209 HOH A O     1 
HETATM 702 O O     . HOH I 3 . ? 5.866   -6.687  -12.665 0.50 25.45 ? 210 HOH A O     1 
HETATM 703 O O     . HOH I 3 . ? -8.881  -4.903  -8.923  0.50 27.67 ? 211 HOH A O     1 
HETATM 704 O O     . HOH I 3 . ? 8.486   -3.437  -7.952  1.00 39.88 ? 212 HOH A O     1 
HETATM 705 O O     . HOH I 3 . ? 1.433   2.739   -9.813  0.50 29.80 ? 213 HOH A O     1 
HETATM 706 O O     . HOH I 3 . ? -0.661  1.825   -8.253  0.50 25.88 ? 214 HOH A O     1 
HETATM 707 O O     . HOH I 3 . ? -5.421  3.267   -5.405  0.50 35.15 ? 215 HOH A O     1 
HETATM 708 O O     . HOH I 3 . ? 7.978   4.151   -6.028  0.50 26.38 ? 216 HOH A O     1 
HETATM 709 O O     . HOH I 3 . ? -4.861  3.069   -7.887  0.50 29.17 ? 217 HOH A O     1 
HETATM 710 O O     . HOH I 3 . ? -1.469  4.791   -10.036 0.50 23.45 ? 218 HOH A O     1 
HETATM 711 O O     . HOH I 3 . ? -12.586 2.932   -8.406  0.50 34.23 ? 219 HOH A O     1 
HETATM 712 O O     . HOH I 3 . ? 7.393   -11.311 -12.542 0.50 28.90 ? 220 HOH A O     1 
HETATM 713 O O     . HOH I 3 . ? -3.612  2.003   -17.008 0.50 35.44 ? 221 HOH A O     1 
HETATM 714 O O     . HOH I 3 . ? 10.565  -0.919  -3.487  0.50 41.66 ? 222 HOH A O     1 
HETATM 715 O O     . HOH I 3 . ? 8.670   7.627   -11.368 0.33 45.74 ? 223 HOH A O     1 
HETATM 716 O O     . HOH J 3 . ? -4.523  -10.545 0.334   0.50 31.58 ? 201 HOH B O     1 
HETATM 717 O O     . HOH J 3 . ? 10.217  0.912   -18.528 0.50 26.66 ? 202 HOH B O     1 
HETATM 718 O O     . HOH J 3 . ? -1.479  0.224   -18.662 0.50 34.04 ? 203 HOH B O     1 
HETATM 719 O O     . HOH J 3 . ? 9.214   -2.173  -25.678 1.00 33.74 ? 204 HOH B O     1 
HETATM 720 O O     . HOH J 3 . ? 0.102   -5.264  -7.763  0.50 27.41 ? 205 HOH B O     1 
HETATM 721 O O     . HOH J 3 . ? 7.730   -4.217  -25.871 1.00 31.64 ? 206 HOH B O     1 
HETATM 722 O O     . HOH J 3 . ? 0.155   -2.656  -8.203  0.50 28.73 ? 207 HOH B O     1 
HETATM 723 O O     . HOH J 3 . ? 6.202   -7.250  -17.189 0.50 30.60 ? 208 HOH B O     1 
HETATM 724 O O     . HOH J 3 . ? 5.504   -6.035  -19.440 0.50 21.85 ? 209 HOH B O     1 
HETATM 725 O O     . HOH J 3 . ? -0.716  -8.486  -9.810  0.50 28.04 ? 210 HOH B O     1 
HETATM 726 O O     . HOH J 3 . ? 2.281   -7.573  -4.555  0.50 27.89 ? 211 HOH B O     1 
HETATM 727 O O     . HOH J 3 . ? 12.321  -0.214  -22.621 0.50 23.79 ? 212 HOH B O     1 
HETATM 728 O O     . HOH J 3 . ? 1.088   -7.886  -18.292 0.50 24.59 ? 213 HOH B O     1 
HETATM 729 O O     . HOH J 3 . ? -0.063  -7.294  -6.154  1.00 40.24 ? 214 HOH B O     1 
HETATM 730 O O     . HOH J 3 . ? 0.444   1.086   -21.798 1.00 36.98 ? 215 HOH B O     1 
HETATM 731 O O     . HOH J 3 . ? 0.875   0.402   -1.970  0.50 30.62 ? 216 HOH B O     1 
HETATM 732 O O     . HOH J 3 . ? 2.948   -7.472  -16.132 1.00 36.47 ? 217 HOH B O     1 
HETATM 733 O O     . HOH J 3 . ? -3.094  -3.931  -23.574 0.50 31.36 ? 218 HOH B O     1 
HETATM 734 O O     . HOH K 3 . ? 2.594   2.016   9.604   0.50 28.63 ? 201 HOH C O     1 
HETATM 735 O O     . HOH K 3 . ? -4.210  -8.510  10.759  0.50 28.41 ? 202 HOH C O     1 
HETATM 736 O O     . HOH K 3 . ? 2.573   -1.643  17.245  0.50 33.55 ? 203 HOH C O     1 
HETATM 737 O O     . HOH K 3 . ? 2.524   -12.694 10.512  1.00 34.42 ? 204 HOH C O     1 
HETATM 738 O O     . HOH K 3 . ? 2.822   12.945  13.164  0.50 33.45 ? 205 HOH C O     1 
HETATM 739 O O     . HOH K 3 . ? -1.595  7.161   9.663   1.00 41.03 ? 206 HOH C O     1 
HETATM 740 O O     . HOH K 3 . ? -2.995  6.146   11.739  0.50 31.85 ? 207 HOH C O     1 
HETATM 741 O O     . HOH K 3 . ? -2.184  -12.699 9.475   0.50 25.68 ? 208 HOH C O     1 
HETATM 742 O O     . HOH K 3 . ? 4.639   -11.514 9.869   1.00 33.59 ? 209 HOH C O     1 
HETATM 743 O O     . HOH K 3 . ? 2.991   -4.763  8.318   0.50 20.59 ? 210 HOH C O     1 
HETATM 744 O O     . HOH K 3 . ? 5.799   -0.771  9.465   0.50 24.47 ? 211 HOH C O     1 
HETATM 745 O O     . HOH K 3 . ? 1.895   6.974   8.126   0.50 28.62 ? 212 HOH C O     1 
HETATM 746 O O     . HOH K 3 . ? -1.441  9.070   7.737   1.00 40.87 ? 213 HOH C O     1 
HETATM 747 O O     . HOH K 3 . ? -3.496  8.816   5.970   0.50 26.07 ? 214 HOH C O     1 
HETATM 748 O O     . HOH K 3 . ? 2.853   -5.361  17.424  1.00 37.87 ? 215 HOH C O     1 
HETATM 749 O O     . HOH K 3 . ? -8.926  9.767   12.316  0.50 28.46 ? 216 HOH C O     1 
HETATM 750 O O     . HOH K 3 . ? 3.187   -0.376  8.113   1.00 38.02 ? 217 HOH C O     1 
HETATM 751 O O     . HOH K 3 . ? 8.865   -3.358  16.223  0.50 35.62 ? 218 HOH C O     1 
HETATM 752 O O     . HOH L 3 . ? 4.409   5.737   19.697  0.50 31.30 ? 201 HOH D O     1 
HETATM 753 O O     . HOH L 3 . ? 4.175   13.721  19.385  0.50 32.06 ? 202 HOH D O     1 
HETATM 754 O O     . HOH L 3 . ? -4.805  1.239   8.026   1.00 37.68 ? 203 HOH D O     1 
HETATM 755 O O     . HOH L 3 . ? -1.629  -3.208  17.452  1.00 34.77 ? 204 HOH D O     1 
HETATM 756 O O     . HOH L 3 . ? -12.886 -1.058  14.660  0.50 27.33 ? 205 HOH D O     1 
HETATM 757 O O     . HOH L 3 . ? -7.390  2.943   13.473  0.50 24.21 ? 206 HOH D O     1 
HETATM 758 O O     . HOH L 3 . ? 3.571   11.513  15.574  1.00 39.23 ? 207 HOH D O     1 
HETATM 759 O O     . HOH L 3 . ? -0.894  0.379   6.248   0.50 24.83 ? 208 HOH D O     1 
HETATM 760 O O     . HOH L 3 . ? 1.548   14.661  14.837  0.50 23.83 ? 209 HOH D O     1 
HETATM 761 O O     . HOH L 3 . ? -7.065  1.509   6.060   0.50 25.92 ? 210 HOH D O     1 
HETATM 762 O O     . HOH L 3 . ? -5.131  5.442   15.826  0.50 25.27 ? 211 HOH D O     1 
HETATM 763 O O     . HOH L 3 . ? -5.280  -5.746  13.156  1.00 36.82 ? 212 HOH D O     1 
HETATM 764 O O     . HOH L 3 . ? -5.196  10.159  19.051  0.50 35.00 ? 213 HOH D O     1 
HETATM 765 O O     . HOH L 3 . ? -5.909  2.789   15.495  0.50 26.06 ? 214 HOH D O     1 
HETATM 766 O O     . HOH L 3 . ? -12.484 1.574   11.757  0.50 25.01 ? 215 HOH D O     1 
HETATM 767 O O     . HOH L 3 . ? -5.415  3.965   18.821  0.50 25.13 ? 216 HOH D O     1 
HETATM 768 O O     . HOH L 3 . ? 1.628   0.443   19.356  0.50 33.80 ? 217 HOH D O     1 
HETATM 769 O O     . HOH L 3 . ? -2.894  3.090   10.014  0.50 34.45 ? 218 HOH D O     1 
HETATM 770 O O     . HOH L 3 . ? 0.556   12.191  23.781  0.50 33.71 ? 219 HOH D O     1 
HETATM 771 O O     . HOH L 3 . ? 0.913   0.706   1.702   0.50 29.77 ? 220 HOH D O     1 
HETATM 772 O O     . HOH L 3 . ? -3.981  7.886   19.098  0.50 29.24 ? 221 HOH D O     1 
HETATM 773 O O     . HOH L 3 . ? -11.681 -3.893  15.175  0.33 41.03 ? 222 HOH D O     1 
# 
